data_6L9I
#
_entry.id   6L9I
#
_cell.length_a   92.957
_cell.length_b   122.842
_cell.length_c   115.223
_cell.angle_alpha   90.000
_cell.angle_beta   92.475
_cell.angle_gamma   90.000
#
_symmetry.space_group_name_H-M   'P 1 21 1'
#
loop_
_entity.id
_entity.type
_entity.pdbx_description
1 polymer 'Oxalate decarboxylase'
2 non-polymer 'FORMIC ACID'
3 non-polymer 'MANGANESE (II) ION'
4 water water
#
_entity_poly.entity_id   1
_entity_poly.type   'polypeptide(L)'
_entity_poly.pdbx_seq_one_letter_code
;PRNYERDLQNPDLLVPPITDHGTVSNLRFSFSDAHMRIEEGGWTREVTNRELPASHDLAGVDMCLKPGAYRELHWHKEAE
WAFMIAGNARVTALDAEGRSFIDDINAGDLWNFEAGIPHSIQALDQGCEFLLVFSEPDFSENNTFLLTDWLAHTPKDIIA
ANFKVDESVLANLPGKEKYIFNGEVPGPISEVKKNNPNGDVPSPFTFHMNDLKPHEFEAGKVWIIDSKVFPVAQTISAAI
VEIQPGGMRELHWHPKSEEWDYFVQGHAKVGVFNSASLARTFNFQAGDVGVIPIVAGHYIQNIGDEPLIFLEVFKNPIYS
DISLNKWLATSPTQMVSDHLNISPETVEQFPKLEHHHHHH
;
_entity_poly.pdbx_strand_id   A,B,C,D,E,F
#
loop_
_chem_comp.id
_chem_comp.type
_chem_comp.name
_chem_comp.formula
FMT non-polymer 'FORMIC ACID' 'C H2 O2'
MN non-polymer 'MANGANESE (II) ION' 'Mn 2'
#
# COMPACT_ATOMS: atom_id res chain seq x y z
N VAL A 15 20.20 -31.55 -0.83
CA VAL A 15 21.37 -30.87 -1.29
C VAL A 15 21.06 -30.19 -2.62
N PRO A 16 21.00 -28.87 -2.63
CA PRO A 16 20.59 -28.14 -3.82
C PRO A 16 21.67 -28.16 -4.87
N PRO A 17 21.32 -27.97 -6.14
CA PRO A 17 22.34 -27.95 -7.19
C PRO A 17 23.30 -26.78 -6.97
N ILE A 18 24.56 -26.97 -7.36
CA ILE A 18 25.57 -25.92 -7.31
C ILE A 18 25.18 -24.72 -8.17
N THR A 19 24.27 -24.91 -9.13
CA THR A 19 23.84 -23.86 -10.04
C THR A 19 22.75 -22.98 -9.43
N ASP A 20 22.22 -23.34 -8.25
CA ASP A 20 21.29 -22.49 -7.51
C ASP A 20 22.02 -21.29 -6.93
N HIS A 21 21.30 -20.17 -6.79
CA HIS A 21 21.90 -18.91 -6.40
C HIS A 21 20.82 -17.88 -6.07
N GLY A 22 21.12 -17.02 -5.11
CA GLY A 22 20.28 -15.87 -4.82
C GLY A 22 19.06 -16.21 -4.00
N THR A 23 18.30 -15.16 -3.68
CA THR A 23 17.11 -15.30 -2.85
C THR A 23 15.90 -15.49 -3.75
N VAL A 24 15.35 -16.70 -3.71
CA VAL A 24 14.06 -17.02 -4.33
C VAL A 24 13.10 -17.39 -3.21
N SER A 25 11.85 -16.93 -3.31
CA SER A 25 10.87 -17.28 -2.30
C SER A 25 10.70 -18.80 -2.23
N ASN A 26 10.16 -19.27 -1.11
CA ASN A 26 9.68 -20.64 -1.09
C ASN A 26 8.54 -20.78 -2.10
N LEU A 27 8.55 -21.87 -2.83
CA LEU A 27 7.57 -22.08 -3.88
C LEU A 27 6.75 -23.34 -3.70
N ARG A 28 6.88 -24.03 -2.56
CA ARG A 28 6.26 -25.33 -2.34
C ARG A 28 5.51 -25.34 -1.02
N PHE A 29 4.32 -25.93 -1.03
CA PHE A 29 3.58 -26.15 0.20
C PHE A 29 2.75 -27.41 0.07
N SER A 30 2.81 -28.27 1.07
CA SER A 30 2.12 -29.55 1.04
C SER A 30 0.74 -29.39 1.67
N PHE A 31 -0.28 -29.95 1.01
CA PHE A 31 -1.63 -29.93 1.57
C PHE A 31 -1.69 -30.63 2.93
N SER A 32 -0.80 -31.59 3.16
CA SER A 32 -0.75 -32.30 4.43
C SER A 32 -0.31 -31.40 5.58
N ASP A 33 0.22 -30.20 5.29
CA ASP A 33 0.55 -29.21 6.29
C ASP A 33 -0.56 -28.16 6.47
N ALA A 34 -1.67 -28.29 5.75
CA ALA A 34 -2.79 -27.38 5.84
C ALA A 34 -3.80 -27.92 6.85
N HIS A 35 -4.47 -27.01 7.54
CA HIS A 35 -5.45 -27.40 8.55
C HIS A 35 -6.60 -28.13 7.87
N MET A 36 -7.07 -29.20 8.50
CA MET A 36 -8.13 -30.00 7.91
C MET A 36 -9.39 -29.68 8.70
N ARG A 37 -10.31 -28.98 8.03
CA ARG A 37 -11.64 -28.75 8.58
C ARG A 37 -12.47 -29.99 8.27
N ILE A 38 -12.82 -30.74 9.32
CA ILE A 38 -13.56 -31.99 9.20
C ILE A 38 -14.99 -31.77 9.65
N GLU A 39 -15.94 -32.25 8.86
CA GLU A 39 -17.36 -32.16 9.11
C GLU A 39 -17.99 -33.53 8.96
N GLU A 40 -19.18 -33.67 9.52
CA GLU A 40 -20.02 -34.82 9.19
C GLU A 40 -20.19 -34.85 7.68
N GLY A 41 -19.67 -35.88 7.05
CA GLY A 41 -19.85 -36.02 5.62
C GLY A 41 -18.69 -35.57 4.76
N GLY A 42 -17.61 -35.06 5.32
CA GLY A 42 -16.49 -34.71 4.45
C GLY A 42 -15.50 -33.82 5.16
N TRP A 43 -14.45 -33.46 4.41
CA TRP A 43 -13.44 -32.56 4.94
C TRP A 43 -12.88 -31.66 3.84
N THR A 44 -12.20 -30.58 4.27
CA THR A 44 -11.68 -29.55 3.37
C THR A 44 -10.37 -29.01 3.92
N ARG A 45 -9.48 -28.62 3.00
CA ARG A 45 -8.26 -27.92 3.40
C ARG A 45 -7.78 -27.07 2.23
N GLU A 46 -7.13 -25.95 2.53
CA GLU A 46 -6.78 -24.99 1.49
C GLU A 46 -5.34 -24.51 1.64
N VAL A 47 -4.75 -24.14 0.51
CA VAL A 47 -3.43 -23.54 0.44
C VAL A 47 -3.56 -22.24 -0.32
N THR A 48 -3.33 -21.13 0.38
CA THR A 48 -3.52 -19.79 -0.13
C THR A 48 -2.25 -18.98 0.13
N ASN A 49 -2.29 -17.67 -0.12
CA ASN A 49 -1.09 -16.85 0.11
C ASN A 49 -0.79 -16.68 1.59
N ARG A 50 -1.67 -17.16 2.49
CA ARG A 50 -1.33 -17.27 3.91
C ARG A 50 -0.47 -18.47 4.20
N GLU A 51 -0.33 -19.40 3.25
CA GLU A 51 0.60 -20.51 3.33
C GLU A 51 1.76 -20.38 2.34
N LEU A 52 1.54 -19.73 1.19
CA LEU A 52 2.53 -19.66 0.11
C LEU A 52 2.47 -18.27 -0.51
N PRO A 53 3.05 -17.26 0.16
CA PRO A 53 2.86 -15.88 -0.30
C PRO A 53 3.38 -15.60 -1.69
N ALA A 54 4.21 -16.48 -2.27
CA ALA A 54 4.68 -16.27 -3.64
C ALA A 54 3.55 -16.43 -4.64
N SER A 55 2.40 -16.96 -4.23
CA SER A 55 1.23 -17.05 -5.10
C SER A 55 0.47 -15.73 -5.05
N HIS A 56 0.33 -15.08 -6.20
CA HIS A 56 -0.34 -13.80 -6.30
C HIS A 56 -1.63 -13.87 -7.11
N ASP A 57 -1.91 -14.98 -7.78
CA ASP A 57 -3.08 -15.12 -8.64
C ASP A 57 -4.12 -16.09 -8.10
N LEU A 58 -3.72 -17.29 -7.67
CA LEU A 58 -4.64 -18.40 -7.45
C LEU A 58 -4.51 -18.96 -6.05
N ALA A 59 -5.54 -19.67 -5.61
CA ALA A 59 -5.52 -20.42 -4.35
C ALA A 59 -6.14 -21.79 -4.57
N GLY A 60 -5.72 -22.77 -3.78
CA GLY A 60 -6.14 -24.15 -3.95
C GLY A 60 -6.95 -24.68 -2.79
N VAL A 61 -7.92 -25.54 -3.08
CA VAL A 61 -8.72 -26.25 -2.09
C VAL A 61 -8.75 -27.73 -2.44
N ASP A 62 -8.48 -28.57 -1.45
CA ASP A 62 -8.61 -30.02 -1.55
C ASP A 62 -9.82 -30.41 -0.72
N MET A 63 -10.84 -30.98 -1.37
CA MET A 63 -12.10 -31.28 -0.71
C MET A 63 -12.46 -32.75 -0.92
N CYS A 64 -13.10 -33.32 0.11
CA CYS A 64 -13.51 -34.72 0.09
C CYS A 64 -14.91 -34.83 0.65
N LEU A 65 -15.77 -35.54 -0.09
CA LEU A 65 -17.17 -35.72 0.23
C LEU A 65 -17.50 -37.21 0.28
N LYS A 66 -18.17 -37.61 1.35
CA LYS A 66 -18.67 -38.96 1.53
C LYS A 66 -19.84 -39.22 0.59
N PRO A 67 -20.12 -40.50 0.26
CA PRO A 67 -21.20 -40.80 -0.70
C PRO A 67 -22.50 -40.09 -0.35
N GLY A 68 -23.04 -39.33 -1.29
CA GLY A 68 -24.25 -38.57 -1.04
C GLY A 68 -24.05 -37.26 -0.33
N ALA A 69 -22.83 -36.89 0.06
CA ALA A 69 -22.62 -35.71 0.87
C ALA A 69 -22.70 -34.43 0.03
N TYR A 70 -23.26 -33.40 0.64
CA TYR A 70 -23.42 -32.08 0.03
C TYR A 70 -22.26 -31.18 0.41
N ARG A 71 -21.77 -30.43 -0.57
CA ARG A 71 -21.12 -29.14 -0.29
C ARG A 71 -22.21 -28.09 -0.42
N GLU A 72 -22.50 -27.39 0.67
CA GLU A 72 -23.72 -26.58 0.75
C GLU A 72 -23.82 -25.60 -0.41
N LEU A 73 -25.05 -25.37 -0.86
CA LEU A 73 -25.34 -24.33 -1.82
C LEU A 73 -24.71 -23.02 -1.38
N HIS A 74 -23.93 -22.41 -2.28
CA HIS A 74 -23.10 -21.28 -1.89
C HIS A 74 -22.67 -20.51 -3.12
N TRP A 75 -22.00 -19.39 -2.89
CA TRP A 75 -21.41 -18.60 -3.96
C TRP A 75 -20.23 -17.81 -3.39
N HIS A 76 -19.44 -17.22 -4.30
CA HIS A 76 -18.31 -16.40 -3.88
C HIS A 76 -17.96 -15.41 -4.98
N LYS A 77 -17.23 -14.37 -4.56
CA LYS A 77 -16.74 -13.34 -5.47
C LYS A 77 -15.74 -13.89 -6.47
N GLU A 78 -15.01 -14.94 -6.12
CA GLU A 78 -13.95 -15.45 -6.97
C GLU A 78 -14.50 -16.48 -7.94
N ALA A 79 -13.78 -16.68 -9.04
CA ALA A 79 -14.14 -17.74 -9.95
C ALA A 79 -13.41 -19.02 -9.54
N GLU A 80 -14.13 -20.13 -9.62
CA GLU A 80 -13.56 -21.41 -9.22
C GLU A 80 -13.42 -22.36 -10.40
N TRP A 81 -12.28 -23.04 -10.44
CA TRP A 81 -11.95 -24.07 -11.41
C TRP A 81 -11.69 -25.37 -10.65
N ALA A 82 -12.28 -26.47 -11.12
CA ALA A 82 -12.21 -27.71 -10.36
C ALA A 82 -11.73 -28.88 -11.21
N PHE A 83 -10.80 -29.65 -10.65
CA PHE A 83 -10.31 -30.90 -11.20
C PHE A 83 -10.71 -32.02 -10.25
N MET A 84 -11.37 -33.03 -10.78
CA MET A 84 -11.89 -34.15 -10.00
C MET A 84 -10.82 -35.21 -9.81
N ILE A 85 -10.35 -35.39 -8.58
CA ILE A 85 -9.27 -36.34 -8.33
C ILE A 85 -9.79 -37.77 -8.37
N ALA A 86 -10.90 -38.04 -7.67
CA ALA A 86 -11.38 -39.40 -7.53
C ALA A 86 -12.87 -39.41 -7.23
N GLY A 87 -13.53 -40.49 -7.61
CA GLY A 87 -14.95 -40.68 -7.32
C GLY A 87 -15.84 -40.12 -8.40
N ASN A 88 -17.07 -39.74 -8.03
CA ASN A 88 -18.04 -39.14 -8.93
C ASN A 88 -18.85 -38.10 -8.18
N ALA A 89 -19.42 -37.15 -8.92
CA ALA A 89 -20.23 -36.13 -8.26
C ALA A 89 -21.25 -35.52 -9.22
N ARG A 90 -22.22 -34.84 -8.62
CA ARG A 90 -23.23 -34.08 -9.33
C ARG A 90 -23.07 -32.62 -8.93
N VAL A 91 -23.07 -31.73 -9.91
CA VAL A 91 -22.99 -30.31 -9.63
C VAL A 91 -24.20 -29.62 -10.25
N THR A 92 -24.68 -28.58 -9.58
CA THR A 92 -25.73 -27.72 -10.10
C THR A 92 -25.30 -26.26 -10.00
N ALA A 93 -25.84 -25.43 -10.89
CA ALA A 93 -25.47 -24.02 -10.88
C ALA A 93 -26.55 -23.20 -11.59
N LEU A 94 -26.43 -21.88 -11.44
CA LEU A 94 -27.32 -20.95 -12.13
C LEU A 94 -26.53 -19.77 -12.67
N ASP A 95 -26.82 -19.36 -13.92
CA ASP A 95 -26.10 -18.24 -14.51
C ASP A 95 -26.89 -16.95 -14.34
N ALA A 96 -26.33 -15.84 -14.85
CA ALA A 96 -26.90 -14.52 -14.64
C ALA A 96 -28.17 -14.29 -15.44
N GLU A 97 -28.44 -15.11 -16.45
CA GLU A 97 -29.65 -14.98 -17.26
C GLU A 97 -30.78 -15.89 -16.77
N GLY A 98 -30.66 -16.44 -15.57
CA GLY A 98 -31.70 -17.29 -15.05
C GLY A 98 -31.66 -18.71 -15.59
N ARG A 99 -30.60 -19.07 -16.31
CA ARG A 99 -30.48 -20.39 -16.89
C ARG A 99 -29.75 -21.33 -15.93
N SER A 100 -30.22 -22.57 -15.85
CA SER A 100 -29.80 -23.53 -14.86
C SER A 100 -28.88 -24.57 -15.50
N PHE A 101 -28.11 -25.25 -14.65
CA PHE A 101 -27.20 -26.27 -15.14
C PHE A 101 -27.09 -27.41 -14.13
N ILE A 102 -27.01 -28.64 -14.62
CA ILE A 102 -26.89 -29.83 -13.79
C ILE A 102 -26.09 -30.89 -14.55
N ASP A 103 -25.16 -31.55 -13.85
CA ASP A 103 -24.38 -32.59 -14.53
C ASP A 103 -23.73 -33.52 -13.53
N ASP A 104 -23.34 -34.70 -14.01
CA ASP A 104 -22.53 -35.64 -13.26
C ASP A 104 -21.17 -35.80 -13.92
N ILE A 105 -20.14 -36.01 -13.09
CA ILE A 105 -18.74 -36.01 -13.51
C ILE A 105 -18.00 -37.11 -12.76
N ASN A 106 -16.89 -37.54 -13.34
CA ASN A 106 -16.05 -38.60 -12.77
C ASN A 106 -14.62 -38.11 -12.61
N ALA A 107 -13.77 -39.00 -12.09
CA ALA A 107 -12.36 -38.69 -11.92
C ALA A 107 -11.75 -38.24 -13.24
N GLY A 108 -10.99 -37.16 -13.19
CA GLY A 108 -10.40 -36.56 -14.36
C GLY A 108 -11.21 -35.45 -14.99
N ASP A 109 -12.48 -35.28 -14.58
CA ASP A 109 -13.33 -34.26 -15.18
C ASP A 109 -13.14 -32.91 -14.49
N LEU A 110 -13.63 -31.86 -15.15
CA LEU A 110 -13.48 -30.50 -14.64
C LEU A 110 -14.85 -29.85 -14.49
N TRP A 111 -14.87 -28.77 -13.72
CA TRP A 111 -15.96 -27.82 -13.78
C TRP A 111 -15.42 -26.40 -13.58
N ASN A 112 -16.27 -25.41 -13.84
CA ASN A 112 -15.86 -24.00 -13.81
C ASN A 112 -17.08 -23.15 -13.51
N PHE A 113 -16.98 -22.36 -12.46
CA PHE A 113 -18.02 -21.40 -12.10
C PHE A 113 -17.39 -20.01 -12.08
N GLU A 114 -17.84 -19.15 -12.99
CA GLU A 114 -17.31 -17.79 -13.02
C GLU A 114 -17.78 -17.04 -11.77
N ALA A 115 -17.26 -15.82 -11.63
CA ALA A 115 -17.45 -15.03 -10.41
C ALA A 115 -18.93 -14.89 -10.08
N GLY A 116 -19.27 -15.23 -8.83
CA GLY A 116 -20.62 -14.98 -8.34
C GLY A 116 -21.68 -15.94 -8.82
N ILE A 117 -21.33 -16.98 -9.58
CA ILE A 117 -22.23 -17.94 -10.09
C ILE A 117 -22.57 -18.98 -8.93
N PRO A 118 -23.78 -19.07 -8.49
CA PRO A 118 -24.06 -20.01 -7.39
C PRO A 118 -24.14 -21.43 -7.92
N HIS A 119 -23.75 -22.35 -7.03
CA HIS A 119 -23.60 -23.74 -7.41
C HIS A 119 -23.62 -24.62 -6.16
N SER A 120 -23.82 -25.91 -6.40
CA SER A 120 -23.78 -26.96 -5.38
C SER A 120 -23.07 -28.20 -5.93
N ILE A 121 -22.52 -28.96 -4.99
CA ILE A 121 -21.84 -30.22 -5.28
C ILE A 121 -22.38 -31.28 -4.34
N GLN A 122 -22.69 -32.45 -4.88
CA GLN A 122 -23.09 -33.62 -4.10
C GLN A 122 -22.40 -34.85 -4.65
N ALA A 123 -21.64 -35.55 -3.80
CA ALA A 123 -21.02 -36.80 -4.21
C ALA A 123 -22.09 -37.84 -4.50
N LEU A 124 -21.80 -38.72 -5.45
CA LEU A 124 -22.68 -39.85 -5.72
C LEU A 124 -22.15 -41.09 -5.00
N ASP A 125 -22.40 -42.27 -5.56
CA ASP A 125 -22.20 -43.50 -4.79
C ASP A 125 -20.76 -43.71 -4.36
N GLN A 126 -19.79 -43.26 -5.16
CA GLN A 126 -18.39 -43.56 -4.83
C GLN A 126 -17.83 -42.63 -3.76
N GLY A 127 -18.50 -41.53 -3.47
CA GLY A 127 -17.84 -40.43 -2.78
C GLY A 127 -16.94 -39.73 -3.78
N CYS A 128 -16.30 -38.66 -3.34
CA CYS A 128 -15.43 -37.96 -4.28
C CYS A 128 -14.39 -37.14 -3.53
N GLU A 129 -13.24 -36.98 -4.17
CA GLU A 129 -12.27 -35.97 -3.79
C GLU A 129 -11.96 -35.13 -5.02
N PHE A 130 -11.92 -33.82 -4.84
CA PHE A 130 -11.66 -32.91 -5.94
C PHE A 130 -10.82 -31.73 -5.47
N LEU A 131 -10.09 -31.17 -6.43
CA LEU A 131 -9.30 -29.98 -6.22
C LEU A 131 -9.98 -28.79 -6.88
N LEU A 132 -10.15 -27.72 -6.12
CA LEU A 132 -10.73 -26.46 -6.57
C LEU A 132 -9.66 -25.39 -6.64
N VAL A 133 -9.72 -24.54 -7.65
CA VAL A 133 -8.78 -23.43 -7.81
C VAL A 133 -9.57 -22.14 -7.90
N PHE A 134 -9.11 -21.10 -7.18
CA PHE A 134 -9.83 -19.84 -7.07
C PHE A 134 -8.97 -18.69 -7.55
N SER A 135 -9.64 -17.70 -8.18
CA SER A 135 -9.03 -16.62 -8.93
C SER A 135 -8.58 -15.44 -8.06
N GLU A 136 -8.40 -15.66 -6.77
CA GLU A 136 -7.75 -14.71 -5.89
C GLU A 136 -6.80 -15.47 -4.97
N PRO A 137 -5.60 -14.93 -4.71
CA PRO A 137 -4.65 -15.69 -3.89
C PRO A 137 -5.00 -15.76 -2.42
N ASP A 138 -5.89 -14.89 -1.94
CA ASP A 138 -6.25 -14.82 -0.53
C ASP A 138 -7.61 -15.45 -0.23
N PHE A 139 -8.11 -16.30 -1.12
CA PHE A 139 -9.38 -16.97 -0.90
C PHE A 139 -9.30 -17.82 0.39
N SER A 140 -10.43 -18.05 1.05
CA SER A 140 -10.46 -19.21 1.93
C SER A 140 -11.86 -19.74 1.90
N GLU A 141 -11.96 -21.06 1.99
CA GLU A 141 -13.24 -21.75 2.03
C GLU A 141 -14.12 -21.34 3.20
N ASN A 142 -13.55 -20.81 4.30
CA ASN A 142 -14.36 -20.45 5.47
C ASN A 142 -15.05 -19.11 5.36
N ASN A 143 -14.90 -18.40 4.25
CA ASN A 143 -15.56 -17.12 4.06
C ASN A 143 -16.33 -17.08 2.75
N THR A 144 -16.99 -18.19 2.44
CA THR A 144 -17.86 -18.29 1.29
C THR A 144 -19.29 -18.00 1.70
N PHE A 145 -20.11 -17.59 0.74
CA PHE A 145 -21.48 -17.19 1.00
C PHE A 145 -22.38 -18.42 1.01
N LEU A 146 -22.83 -18.83 2.19
CA LEU A 146 -23.61 -20.06 2.36
C LEU A 146 -25.09 -19.72 2.41
N LEU A 147 -25.90 -20.52 1.73
CA LEU A 147 -27.36 -20.32 1.69
C LEU A 147 -27.94 -20.26 3.10
N THR A 148 -27.61 -21.26 3.93
CA THR A 148 -28.17 -21.32 5.27
C THR A 148 -27.64 -20.17 6.13
N ASP A 149 -26.38 -19.80 5.97
CA ASP A 149 -25.84 -18.64 6.67
C ASP A 149 -26.61 -17.37 6.29
N TRP A 150 -26.84 -17.19 4.99
CA TRP A 150 -27.60 -16.06 4.49
C TRP A 150 -28.97 -15.99 5.15
N LEU A 151 -29.71 -17.10 5.12
CA LEU A 151 -31.07 -17.05 5.67
C LEU A 151 -31.06 -16.97 7.20
N ALA A 152 -30.06 -17.57 7.86
CA ALA A 152 -29.92 -17.44 9.29
C ALA A 152 -29.67 -16.02 9.73
N HIS A 153 -29.17 -15.17 8.84
CA HIS A 153 -28.94 -13.77 9.18
C HIS A 153 -29.83 -12.81 8.38
N THR A 154 -31.03 -13.26 8.03
CA THR A 154 -32.08 -12.46 7.44
C THR A 154 -33.32 -12.49 8.34
N PRO A 155 -34.00 -11.36 8.57
CA PRO A 155 -35.21 -11.38 9.40
C PRO A 155 -36.22 -12.36 8.85
N LYS A 156 -36.87 -13.10 9.76
CA LYS A 156 -37.73 -14.19 9.32
C LYS A 156 -38.98 -13.67 8.59
N ASP A 157 -39.47 -12.49 8.97
CA ASP A 157 -40.57 -11.89 8.22
C ASP A 157 -40.14 -11.57 6.78
N ILE A 158 -38.89 -11.11 6.61
CA ILE A 158 -38.39 -10.79 5.28
C ILE A 158 -38.30 -12.06 4.44
N ILE A 159 -37.73 -13.12 5.00
CA ILE A 159 -37.64 -14.39 4.28
C ILE A 159 -39.02 -14.93 3.96
N ALA A 160 -39.97 -14.77 4.89
CA ALA A 160 -41.33 -15.24 4.68
C ALA A 160 -42.00 -14.51 3.52
N ALA A 161 -41.95 -13.17 3.52
CA ALA A 161 -42.50 -12.40 2.41
C ALA A 161 -41.81 -12.77 1.10
N ASN A 162 -40.50 -12.97 1.14
CA ASN A 162 -39.74 -13.32 -0.05
C ASN A 162 -40.23 -14.63 -0.64
N PHE A 163 -40.32 -15.67 0.18
CA PHE A 163 -40.82 -16.97 -0.27
C PHE A 163 -42.34 -16.98 -0.45
N LYS A 164 -43.03 -15.89 -0.07
CA LYS A 164 -44.49 -15.76 -0.20
C LYS A 164 -45.20 -16.83 0.60
N VAL A 165 -44.64 -17.15 1.77
CA VAL A 165 -45.13 -18.18 2.68
C VAL A 165 -45.31 -17.58 4.07
N ASP A 166 -45.74 -18.33 5.08
CA ASP A 166 -45.94 -17.73 6.42
C ASP A 166 -44.82 -18.23 7.31
N GLU A 167 -44.49 -17.50 8.38
CA GLU A 167 -43.21 -17.71 9.05
C GLU A 167 -42.97 -19.06 9.72
N SER A 168 -43.99 -19.79 10.22
CA SER A 168 -43.73 -21.07 10.92
C SER A 168 -43.16 -22.19 10.02
N VAL A 169 -43.43 -22.24 8.71
CA VAL A 169 -42.65 -23.25 7.97
C VAL A 169 -41.17 -22.95 8.14
N LEU A 170 -40.79 -21.69 8.39
CA LEU A 170 -39.36 -21.43 8.55
C LEU A 170 -38.89 -21.77 9.96
N ALA A 171 -39.70 -22.50 10.75
CA ALA A 171 -39.38 -22.76 12.15
C ALA A 171 -38.11 -23.57 12.31
N ASN A 172 -37.86 -24.50 11.38
CA ASN A 172 -36.71 -25.39 11.48
C ASN A 172 -35.59 -24.97 10.53
N LEU A 173 -35.65 -23.73 10.04
CA LEU A 173 -34.52 -23.18 9.30
C LEU A 173 -33.27 -23.28 10.17
N PRO A 174 -32.13 -23.70 9.61
CA PRO A 174 -30.91 -23.72 10.42
C PRO A 174 -30.60 -22.33 10.95
N GLY A 175 -30.09 -22.26 12.16
CA GLY A 175 -29.67 -20.98 12.68
C GLY A 175 -28.18 -20.78 12.58
N LYS A 176 -27.54 -21.61 11.75
CA LYS A 176 -26.10 -21.77 11.67
C LYS A 176 -25.83 -22.62 10.44
N GLU A 177 -24.71 -22.33 9.78
CA GLU A 177 -24.37 -22.95 8.50
C GLU A 177 -24.23 -24.47 8.60
N LYS A 178 -24.31 -25.10 7.44
CA LYS A 178 -24.06 -26.53 7.29
C LYS A 178 -22.76 -26.86 6.58
N TYR A 179 -22.39 -26.09 5.55
CA TYR A 179 -21.11 -26.23 4.86
C TYR A 179 -20.97 -27.58 4.15
N ILE A 180 -20.78 -28.64 4.93
CA ILE A 180 -20.73 -30.00 4.39
C ILE A 180 -21.57 -30.89 5.31
N PHE A 181 -22.62 -31.49 4.76
CA PHE A 181 -23.56 -32.28 5.53
C PHE A 181 -23.98 -33.50 4.71
N ASN A 182 -24.54 -34.49 5.41
CA ASN A 182 -24.82 -35.79 4.82
C ASN A 182 -26.09 -35.75 3.98
N GLY A 183 -26.14 -36.64 2.99
CA GLY A 183 -27.32 -36.77 2.16
C GLY A 183 -27.37 -38.13 1.52
N GLU A 184 -28.52 -38.43 0.89
CA GLU A 184 -28.71 -39.67 0.17
C GLU A 184 -28.27 -39.46 -1.27
N VAL A 185 -27.61 -40.47 -1.83
CA VAL A 185 -27.22 -40.43 -3.24
C VAL A 185 -28.49 -40.18 -4.05
N PRO A 186 -28.55 -39.11 -4.84
CA PRO A 186 -29.81 -38.73 -5.48
C PRO A 186 -30.09 -39.62 -6.67
N GLY A 187 -31.30 -39.47 -7.20
CA GLY A 187 -31.74 -40.27 -8.33
C GLY A 187 -31.14 -39.79 -9.62
N PRO A 188 -31.60 -40.33 -10.74
CA PRO A 188 -31.10 -39.88 -12.05
C PRO A 188 -31.55 -38.46 -12.36
N ILE A 189 -30.72 -37.77 -13.16
CA ILE A 189 -31.01 -36.38 -13.53
C ILE A 189 -32.36 -36.27 -14.22
N SER A 190 -32.67 -37.21 -15.12
CA SER A 190 -33.93 -37.25 -15.86
C SER A 190 -35.14 -37.46 -14.94
N GLU A 191 -34.90 -37.87 -13.69
CA GLU A 191 -35.92 -37.97 -12.66
C GLU A 191 -35.92 -36.78 -11.71
N VAL A 192 -34.82 -36.03 -11.67
CA VAL A 192 -34.58 -35.02 -10.64
C VAL A 192 -34.64 -33.59 -11.17
N LYS A 193 -34.47 -33.37 -12.48
CA LYS A 193 -34.31 -32.03 -13.02
C LYS A 193 -35.58 -31.21 -12.86
N LYS A 194 -35.42 -29.97 -12.40
CA LYS A 194 -36.56 -29.07 -12.22
C LYS A 194 -36.75 -28.23 -13.47
N ASN A 195 -38.00 -27.88 -13.76
CA ASN A 195 -38.32 -27.14 -14.97
C ASN A 195 -37.95 -25.67 -14.82
N ASN A 196 -37.32 -25.13 -15.86
CA ASN A 196 -36.87 -23.73 -15.89
C ASN A 196 -37.30 -23.12 -17.21
N PRO A 197 -38.25 -22.17 -17.19
CA PRO A 197 -38.69 -21.55 -18.46
C PRO A 197 -37.58 -20.83 -19.20
N ASN A 198 -36.49 -20.46 -18.52
CA ASN A 198 -35.34 -19.88 -19.19
C ASN A 198 -34.43 -20.93 -19.83
N GLY A 199 -34.60 -22.20 -19.45
CA GLY A 199 -33.87 -23.28 -20.07
C GLY A 199 -32.46 -23.48 -19.56
N ASP A 200 -31.73 -24.36 -20.25
CA ASP A 200 -30.36 -24.66 -19.84
C ASP A 200 -29.40 -23.58 -20.33
N VAL A 201 -28.23 -23.55 -19.70
CA VAL A 201 -27.16 -22.63 -20.09
C VAL A 201 -26.61 -23.11 -21.44
N PRO A 202 -26.21 -22.19 -22.32
CA PRO A 202 -25.83 -22.61 -23.69
C PRO A 202 -24.57 -23.46 -23.75
N SER A 203 -23.65 -23.30 -22.78
CA SER A 203 -22.41 -24.07 -22.80
C SER A 203 -22.16 -24.63 -21.40
N PRO A 204 -21.79 -25.90 -21.28
CA PRO A 204 -21.77 -26.55 -19.96
C PRO A 204 -20.73 -25.92 -19.06
N PHE A 205 -21.05 -25.89 -17.77
CA PHE A 205 -20.10 -25.47 -16.73
C PHE A 205 -19.17 -26.61 -16.34
N THR A 206 -19.09 -27.61 -17.21
CA THR A 206 -18.41 -28.86 -16.95
C THR A 206 -17.61 -29.24 -18.18
N PHE A 207 -16.55 -30.02 -17.96
CA PHE A 207 -15.72 -30.52 -19.05
C PHE A 207 -15.41 -31.99 -18.80
N HIS A 208 -15.87 -32.86 -19.71
CA HIS A 208 -15.60 -34.29 -19.61
C HIS A 208 -14.31 -34.61 -20.35
N MET A 209 -13.32 -35.10 -19.60
CA MET A 209 -11.97 -35.23 -20.12
C MET A 209 -11.80 -36.30 -21.19
N ASN A 210 -12.74 -37.23 -21.31
CA ASN A 210 -12.63 -38.24 -22.37
C ASN A 210 -12.91 -37.65 -23.74
N ASP A 211 -13.51 -36.46 -23.82
CA ASP A 211 -13.78 -35.71 -25.05
C ASP A 211 -12.56 -34.99 -25.58
N LEU A 212 -11.39 -35.16 -24.97
CA LEU A 212 -10.23 -34.35 -25.32
C LEU A 212 -9.03 -35.23 -25.63
N LYS A 213 -8.37 -34.93 -26.78
CA LYS A 213 -7.20 -35.59 -27.31
C LYS A 213 -5.96 -34.95 -26.69
N PRO A 214 -5.03 -35.72 -26.13
CA PRO A 214 -3.83 -35.10 -25.58
C PRO A 214 -2.77 -34.84 -26.65
N HIS A 215 -2.06 -33.72 -26.46
CA HIS A 215 -0.83 -33.45 -27.22
C HIS A 215 0.27 -34.41 -26.74
N GLU A 216 0.88 -35.11 -27.71
CA GLU A 216 1.84 -36.16 -27.43
C GLU A 216 3.26 -35.65 -27.62
N PHE A 217 4.09 -35.77 -26.59
CA PHE A 217 5.50 -35.49 -26.74
C PHE A 217 6.33 -36.62 -26.18
N GLU A 218 7.64 -36.35 -26.13
CA GLU A 218 8.67 -37.38 -26.22
C GLU A 218 8.59 -38.24 -24.97
N ALA A 219 8.47 -37.55 -23.83
CA ALA A 219 8.36 -38.08 -22.49
C ALA A 219 6.94 -38.21 -21.98
N GLY A 220 5.93 -37.70 -22.71
CA GLY A 220 4.61 -37.85 -22.12
C GLY A 220 3.47 -37.21 -22.89
N LYS A 221 2.44 -36.85 -22.12
CA LYS A 221 1.20 -36.30 -22.67
C LYS A 221 0.85 -34.99 -21.96
N VAL A 222 0.16 -34.11 -22.70
CA VAL A 222 -0.31 -32.83 -22.19
C VAL A 222 -1.72 -32.64 -22.67
N TRP A 223 -2.68 -32.53 -21.73
CA TRP A 223 -4.03 -32.09 -22.03
C TRP A 223 -4.10 -30.59 -21.77
N ILE A 224 -4.48 -29.82 -22.77
CA ILE A 224 -4.57 -28.36 -22.63
C ILE A 224 -6.03 -27.96 -22.66
N ILE A 225 -6.51 -27.39 -21.56
CA ILE A 225 -7.90 -26.95 -21.45
C ILE A 225 -7.88 -25.47 -21.10
N ASP A 226 -8.16 -24.64 -22.09
CA ASP A 226 -8.34 -23.20 -21.91
C ASP A 226 -9.63 -22.79 -22.63
N SER A 227 -9.87 -21.48 -22.73
CA SER A 227 -11.17 -21.01 -23.21
C SER A 227 -11.49 -21.47 -24.63
N LYS A 228 -10.48 -21.82 -25.43
CA LYS A 228 -10.76 -22.32 -26.77
C LYS A 228 -11.32 -23.73 -26.73
N VAL A 229 -11.20 -24.39 -25.57
CA VAL A 229 -11.61 -25.78 -25.39
C VAL A 229 -12.82 -25.86 -24.45
N PHE A 230 -12.92 -24.91 -23.52
CA PHE A 230 -13.86 -24.95 -22.41
C PHE A 230 -14.42 -23.55 -22.32
N PRO A 231 -15.37 -23.21 -23.20
CA PRO A 231 -15.68 -21.80 -23.47
C PRO A 231 -16.08 -20.99 -22.25
N VAL A 232 -16.74 -21.58 -21.25
CA VAL A 232 -17.14 -20.81 -20.09
C VAL A 232 -15.95 -20.43 -19.20
N ALA A 233 -14.83 -21.14 -19.31
CA ALA A 233 -13.68 -20.89 -18.44
C ALA A 233 -12.88 -19.71 -19.00
N GLN A 234 -13.41 -18.51 -18.76
CA GLN A 234 -12.82 -17.28 -19.29
C GLN A 234 -11.80 -16.66 -18.35
N THR A 235 -11.56 -17.27 -17.20
CA THR A 235 -10.70 -16.70 -16.16
C THR A 235 -9.54 -17.61 -15.80
N ILE A 236 -9.77 -18.91 -15.75
CA ILE A 236 -8.75 -19.88 -15.37
C ILE A 236 -8.59 -20.90 -16.47
N SER A 237 -7.34 -21.24 -16.78
CA SER A 237 -7.01 -22.27 -17.76
C SER A 237 -5.98 -23.21 -17.15
N ALA A 238 -5.76 -24.34 -17.81
CA ALA A 238 -4.90 -25.35 -17.22
C ALA A 238 -4.34 -26.31 -18.28
N ALA A 239 -3.31 -27.03 -17.85
CA ALA A 239 -2.71 -28.13 -18.59
C ALA A 239 -2.49 -29.28 -17.62
N ILE A 240 -3.05 -30.44 -17.95
CA ILE A 240 -2.77 -31.67 -17.20
C ILE A 240 -1.59 -32.34 -17.87
N VAL A 241 -0.52 -32.56 -17.12
CA VAL A 241 0.72 -33.08 -17.67
C VAL A 241 1.00 -34.44 -17.04
N GLU A 242 1.32 -35.43 -17.88
CA GLU A 242 1.77 -36.73 -17.43
C GLU A 242 3.12 -37.00 -18.09
N ILE A 243 4.12 -37.31 -17.27
CA ILE A 243 5.50 -37.49 -17.72
C ILE A 243 5.96 -38.87 -17.29
N GLN A 244 6.46 -39.64 -18.26
CA GLN A 244 6.88 -41.01 -17.98
C GLN A 244 8.15 -40.99 -17.12
N PRO A 245 8.42 -42.09 -16.42
CA PRO A 245 9.68 -42.19 -15.66
C PRO A 245 10.87 -41.93 -16.58
N GLY A 246 11.87 -41.23 -16.05
CA GLY A 246 12.99 -40.80 -16.87
C GLY A 246 12.70 -39.63 -17.77
N GLY A 247 11.46 -39.15 -17.80
CA GLY A 247 11.08 -38.04 -18.67
C GLY A 247 11.25 -36.70 -17.99
N MET A 248 10.90 -35.65 -18.74
CA MET A 248 11.16 -34.29 -18.30
C MET A 248 10.20 -33.35 -19.02
N ARG A 249 9.65 -32.39 -18.28
CA ARG A 249 8.99 -31.25 -18.88
C ARG A 249 10.08 -30.26 -19.27
N GLU A 250 10.31 -30.10 -20.57
CA GLU A 250 11.50 -29.42 -21.05
C GLU A 250 11.53 -27.96 -20.59
N LEU A 251 12.73 -27.39 -20.62
CA LEU A 251 12.94 -26.00 -20.23
C LEU A 251 12.04 -25.08 -21.05
N HIS A 252 11.28 -24.24 -20.35
CA HIS A 252 10.27 -23.40 -20.98
C HIS A 252 9.88 -22.30 -20.02
N TRP A 253 9.05 -21.37 -20.51
CA TRP A 253 8.41 -20.39 -19.65
C TRP A 253 7.05 -20.03 -20.25
N HIS A 254 6.23 -19.40 -19.42
CA HIS A 254 4.91 -18.95 -19.82
C HIS A 254 4.94 -17.43 -19.94
N PRO A 255 4.71 -16.87 -21.13
CA PRO A 255 4.99 -15.44 -21.33
C PRO A 255 4.01 -14.51 -20.64
N LYS A 256 2.83 -14.97 -20.19
CA LYS A 256 1.79 -14.02 -19.81
C LYS A 256 1.41 -14.05 -18.33
N SER A 257 1.69 -15.12 -17.60
CA SER A 257 1.13 -15.23 -16.26
C SER A 257 1.96 -16.13 -15.37
N GLU A 258 1.79 -15.96 -14.07
CA GLU A 258 2.27 -16.89 -13.06
C GLU A 258 1.68 -18.29 -13.27
N GLU A 259 2.39 -19.30 -12.80
CA GLU A 259 1.92 -20.69 -12.88
C GLU A 259 1.71 -21.27 -11.49
N TRP A 260 0.62 -22.03 -11.33
CA TRP A 260 0.21 -22.64 -10.07
C TRP A 260 0.06 -24.14 -10.29
N ASP A 261 0.73 -24.95 -9.48
CA ASP A 261 0.83 -26.38 -9.70
C ASP A 261 0.09 -27.16 -8.62
N TYR A 262 -0.48 -28.29 -9.03
CA TYR A 262 -0.87 -29.31 -8.07
C TYR A 262 -0.30 -30.64 -8.54
N PHE A 263 0.45 -31.33 -7.70
CA PHE A 263 1.06 -32.59 -8.10
C PHE A 263 0.14 -33.73 -7.67
N VAL A 264 -0.46 -34.39 -8.66
CA VAL A 264 -1.42 -35.46 -8.42
C VAL A 264 -0.71 -36.73 -7.98
N GLN A 265 0.38 -37.08 -8.66
CA GLN A 265 1.05 -38.35 -8.43
C GLN A 265 2.50 -38.21 -8.84
N GLY A 266 3.39 -38.83 -8.06
CA GLY A 266 4.78 -38.98 -8.43
C GLY A 266 5.71 -38.07 -7.64
N HIS A 267 6.97 -38.10 -8.07
CA HIS A 267 8.03 -37.31 -7.46
C HIS A 267 8.72 -36.51 -8.55
N ALA A 268 8.92 -35.22 -8.28
CA ALA A 268 9.46 -34.32 -9.29
C ALA A 268 10.58 -33.48 -8.72
N LYS A 269 11.54 -33.14 -9.58
CA LYS A 269 12.52 -32.11 -9.32
C LYS A 269 12.17 -30.93 -10.23
N VAL A 270 11.87 -29.78 -9.62
CA VAL A 270 11.44 -28.60 -10.36
C VAL A 270 12.47 -27.52 -10.14
N GLY A 271 13.04 -27.02 -11.24
CA GLY A 271 14.03 -25.98 -11.17
C GLY A 271 13.47 -24.68 -11.79
N VAL A 272 13.64 -23.59 -11.04
CA VAL A 272 13.09 -22.29 -11.41
C VAL A 272 14.22 -21.28 -11.47
N PHE A 273 14.25 -20.53 -12.57
CA PHE A 273 15.18 -19.44 -12.81
C PHE A 273 14.36 -18.17 -13.04
N ASN A 274 14.30 -17.33 -12.02
CA ASN A 274 13.96 -15.93 -12.22
C ASN A 274 15.17 -15.23 -12.83
N SER A 275 15.06 -13.92 -13.06
CA SER A 275 16.18 -13.21 -13.66
C SER A 275 17.33 -13.06 -12.67
N ALA A 276 18.35 -12.30 -13.09
CA ALA A 276 19.41 -11.78 -12.23
C ALA A 276 20.09 -12.87 -11.41
N SER A 277 20.46 -13.97 -12.08
CA SER A 277 21.22 -15.06 -11.48
C SER A 277 20.51 -15.68 -10.27
N LEU A 278 19.19 -15.53 -10.17
CA LEU A 278 18.41 -16.12 -9.11
C LEU A 278 17.89 -17.47 -9.58
N ALA A 279 18.19 -18.52 -8.81
CA ALA A 279 17.73 -19.86 -9.17
C ALA A 279 17.51 -20.69 -7.91
N ARG A 280 16.42 -21.46 -7.91
CA ARG A 280 16.11 -22.36 -6.81
C ARG A 280 15.50 -23.64 -7.33
N THR A 281 15.79 -24.74 -6.64
CA THR A 281 15.33 -26.06 -7.02
C THR A 281 14.57 -26.69 -5.86
N PHE A 282 13.44 -27.31 -6.17
CA PHE A 282 12.57 -27.94 -5.19
C PHE A 282 12.26 -29.37 -5.59
N ASN A 283 11.97 -30.20 -4.59
CA ASN A 283 11.39 -31.52 -4.82
C ASN A 283 9.91 -31.46 -4.50
N PHE A 284 9.08 -31.93 -5.43
CA PHE A 284 7.64 -31.97 -5.26
C PHE A 284 7.20 -33.43 -5.20
N GLN A 285 6.09 -33.66 -4.51
CA GLN A 285 5.51 -34.98 -4.44
C GLN A 285 3.99 -34.83 -4.44
N ALA A 286 3.29 -35.96 -4.43
CA ALA A 286 1.84 -35.91 -4.58
C ALA A 286 1.23 -35.17 -3.41
N GLY A 287 0.30 -34.27 -3.73
CA GLY A 287 -0.35 -33.41 -2.78
C GLY A 287 0.33 -32.07 -2.58
N ASP A 288 1.41 -31.79 -3.31
CA ASP A 288 2.13 -30.54 -3.14
C ASP A 288 1.59 -29.50 -4.11
N VAL A 289 1.53 -28.26 -3.66
CA VAL A 289 1.23 -27.11 -4.50
C VAL A 289 2.51 -26.32 -4.71
N GLY A 290 2.75 -25.91 -5.95
CA GLY A 290 3.92 -25.11 -6.27
C GLY A 290 3.54 -23.86 -7.04
N VAL A 291 4.49 -22.93 -7.13
CA VAL A 291 4.31 -21.69 -7.87
C VAL A 291 5.56 -21.39 -8.67
N ILE A 292 5.36 -21.05 -9.94
CA ILE A 292 6.40 -20.55 -10.83
C ILE A 292 6.11 -19.08 -11.08
N PRO A 293 7.01 -18.17 -10.70
CA PRO A 293 6.77 -16.74 -10.95
C PRO A 293 6.60 -16.44 -12.44
N ILE A 294 6.05 -15.26 -12.71
CA ILE A 294 5.71 -14.88 -14.09
C ILE A 294 6.96 -14.90 -14.96
N VAL A 295 6.80 -15.44 -16.18
CA VAL A 295 7.82 -15.61 -17.21
C VAL A 295 9.10 -16.27 -16.71
N ALA A 296 9.07 -16.85 -15.52
CA ALA A 296 10.24 -17.55 -15.01
C ALA A 296 10.49 -18.81 -15.83
N GLY A 297 11.77 -19.09 -16.09
CA GLY A 297 12.14 -20.29 -16.84
C GLY A 297 12.21 -21.48 -15.90
N HIS A 298 11.69 -22.61 -16.33
CA HIS A 298 11.67 -23.73 -15.40
C HIS A 298 11.68 -25.06 -16.15
N TYR A 299 12.05 -26.10 -15.40
CA TYR A 299 11.93 -27.47 -15.87
C TYR A 299 11.35 -28.33 -14.77
N ILE A 300 10.72 -29.44 -15.17
CA ILE A 300 10.11 -30.40 -14.25
C ILE A 300 10.55 -31.79 -14.69
N GLN A 301 11.40 -32.43 -13.89
CA GLN A 301 11.95 -33.74 -14.18
C GLN A 301 11.32 -34.77 -13.25
N ASN A 302 10.88 -35.90 -13.81
CA ASN A 302 10.39 -36.99 -13.00
C ASN A 302 11.57 -37.68 -12.33
N ILE A 303 11.55 -37.78 -11.00
CA ILE A 303 12.65 -38.41 -10.27
C ILE A 303 12.13 -39.61 -9.49
N GLY A 304 10.98 -40.14 -9.92
CA GLY A 304 10.43 -41.36 -9.35
C GLY A 304 10.23 -42.38 -10.45
N ASP A 305 9.75 -43.56 -10.05
CA ASP A 305 9.53 -44.69 -10.96
C ASP A 305 8.11 -44.74 -11.49
N GLU A 306 7.26 -43.96 -10.96
CA GLU A 306 5.87 -43.90 -11.34
C GLU A 306 5.61 -42.68 -12.19
N PRO A 307 4.59 -42.73 -13.04
CA PRO A 307 4.30 -41.57 -13.89
C PRO A 307 4.00 -40.33 -13.08
N LEU A 308 4.59 -39.21 -13.50
CA LEU A 308 4.43 -37.94 -12.79
C LEU A 308 3.27 -37.19 -13.42
N ILE A 309 2.23 -36.94 -12.64
CA ILE A 309 1.04 -36.26 -13.13
C ILE A 309 0.84 -34.99 -12.30
N PHE A 310 0.65 -33.87 -12.98
CA PHE A 310 0.40 -32.62 -12.26
C PHE A 310 -0.42 -31.67 -13.13
N LEU A 311 -0.96 -30.65 -12.49
CA LEU A 311 -1.74 -29.62 -13.16
C LEU A 311 -0.96 -28.31 -13.11
N GLU A 312 -0.69 -27.74 -14.28
CA GLU A 312 -0.26 -26.35 -14.42
C GLU A 312 -1.51 -25.51 -14.65
N VAL A 313 -1.75 -24.57 -13.75
CA VAL A 313 -2.96 -23.76 -13.76
C VAL A 313 -2.57 -22.29 -13.83
N PHE A 314 -3.37 -21.50 -14.54
CA PHE A 314 -3.04 -20.11 -14.82
C PHE A 314 -4.31 -19.27 -14.77
N LYS A 315 -4.19 -18.07 -14.21
CA LYS A 315 -5.26 -17.06 -14.24
C LYS A 315 -5.12 -16.33 -15.58
N ASN A 316 -5.67 -16.95 -16.62
CA ASN A 316 -5.47 -16.56 -18.00
C ASN A 316 -6.41 -17.39 -18.85
N PRO A 317 -7.22 -16.76 -19.71
CA PRO A 317 -8.15 -17.55 -20.54
C PRO A 317 -7.47 -18.38 -21.61
N ILE A 318 -6.23 -18.06 -22.00
CA ILE A 318 -5.53 -18.76 -23.07
C ILE A 318 -4.24 -19.36 -22.50
N TYR A 319 -4.02 -20.65 -22.76
CA TYR A 319 -2.73 -21.25 -22.44
C TYR A 319 -1.68 -20.80 -23.45
N SER A 320 -0.47 -20.56 -22.95
CA SER A 320 0.66 -20.27 -23.81
C SER A 320 1.92 -20.64 -23.07
N ASP A 321 2.90 -21.13 -23.81
CA ASP A 321 4.24 -21.32 -23.27
C ASP A 321 5.22 -21.20 -24.42
N ILE A 322 6.50 -21.11 -24.09
CA ILE A 322 7.57 -20.94 -25.05
C ILE A 322 8.70 -21.87 -24.67
N SER A 323 9.09 -22.74 -25.60
CA SER A 323 10.10 -23.75 -25.33
C SER A 323 11.48 -23.23 -25.72
N LEU A 324 12.47 -23.52 -24.86
CA LEU A 324 13.84 -23.11 -25.13
C LEU A 324 14.37 -23.77 -26.41
N ASN A 325 14.13 -25.07 -26.57
CA ASN A 325 14.58 -25.79 -27.76
C ASN A 325 14.02 -25.15 -29.03
N LYS A 326 12.73 -24.81 -29.03
CA LYS A 326 12.11 -24.16 -30.17
C LYS A 326 12.75 -22.80 -30.45
N TRP A 327 12.98 -22.02 -29.38
CA TRP A 327 13.61 -20.71 -29.50
C TRP A 327 14.97 -20.83 -30.17
N LEU A 328 15.78 -21.80 -29.72
CA LEU A 328 17.13 -21.95 -30.27
C LEU A 328 17.08 -22.45 -31.71
N ALA A 329 16.15 -23.36 -32.02
CA ALA A 329 16.03 -23.88 -33.37
C ALA A 329 15.60 -22.82 -34.36
N THR A 330 14.80 -21.85 -33.93
CA THR A 330 14.36 -20.78 -34.81
C THR A 330 15.31 -19.59 -34.83
N SER A 331 16.36 -19.61 -34.01
CA SER A 331 17.39 -18.57 -33.91
C SER A 331 18.54 -18.86 -34.87
N PRO A 332 19.10 -17.85 -35.53
CA PRO A 332 20.22 -18.09 -36.44
C PRO A 332 21.32 -18.88 -35.75
N THR A 333 21.88 -19.87 -36.46
CA THR A 333 22.77 -20.83 -35.82
C THR A 333 24.03 -20.15 -35.30
N GLN A 334 24.57 -19.21 -36.07
CA GLN A 334 25.73 -18.45 -35.59
C GLN A 334 25.40 -17.71 -34.31
N MET A 335 24.16 -17.24 -34.17
CA MET A 335 23.76 -16.54 -32.95
C MET A 335 23.74 -17.49 -31.75
N VAL A 336 23.08 -18.64 -31.89
CA VAL A 336 23.01 -19.60 -30.79
C VAL A 336 24.42 -20.02 -30.38
N SER A 337 25.29 -20.20 -31.38
CA SER A 337 26.67 -20.59 -31.13
C SER A 337 27.47 -19.51 -30.44
N ASP A 338 27.37 -18.29 -30.94
CA ASP A 338 28.04 -17.15 -30.34
C ASP A 338 27.59 -16.95 -28.90
N HIS A 339 26.33 -17.30 -28.63
CA HIS A 339 25.81 -17.20 -27.27
C HIS A 339 26.39 -18.29 -26.38
N LEU A 340 26.32 -19.55 -26.83
CA LEU A 340 26.60 -20.69 -25.97
C LEU A 340 28.03 -21.20 -26.05
N ASN A 341 28.88 -20.65 -26.93
CA ASN A 341 30.23 -21.15 -27.12
C ASN A 341 30.25 -22.63 -27.45
N ILE A 342 29.30 -23.03 -28.29
CA ILE A 342 29.25 -24.37 -28.85
C ILE A 342 29.21 -24.16 -30.35
N SER A 343 29.82 -25.11 -31.03
CA SER A 343 29.98 -25.02 -32.46
C SER A 343 28.63 -25.17 -33.17
N PRO A 344 28.49 -24.58 -34.36
CA PRO A 344 27.27 -24.78 -35.15
C PRO A 344 26.93 -26.24 -35.38
N GLU A 345 27.97 -27.07 -35.43
CA GLU A 345 27.86 -28.48 -35.78
C GLU A 345 26.91 -29.13 -34.78
N THR A 346 27.13 -28.82 -33.48
CA THR A 346 26.39 -29.28 -32.29
C THR A 346 25.02 -28.59 -32.15
N VAL A 347 24.95 -27.28 -32.43
CA VAL A 347 23.69 -26.54 -32.32
C VAL A 347 22.66 -27.12 -33.27
N GLU A 348 23.09 -27.48 -34.48
CA GLU A 348 22.18 -28.10 -35.43
C GLU A 348 21.60 -29.42 -34.92
N GLN A 349 22.09 -29.95 -33.80
CA GLN A 349 21.65 -31.26 -33.32
C GLN A 349 20.65 -31.17 -32.16
N PHE A 350 20.28 -29.96 -31.74
CA PHE A 350 19.30 -29.84 -30.66
C PHE A 350 17.90 -30.17 -31.17
N PRO A 351 16.99 -30.60 -30.29
CA PRO A 351 15.62 -30.90 -30.76
C PRO A 351 14.94 -29.61 -31.19
N LYS A 352 14.06 -29.73 -32.18
CA LYS A 352 13.48 -28.56 -32.83
C LYS A 352 11.96 -28.66 -32.89
N VAL B 15 -5.35 -34.61 12.88
CA VAL B 15 -6.74 -34.53 13.28
C VAL B 15 -6.89 -33.36 14.25
N PRO B 16 -7.48 -32.25 13.78
CA PRO B 16 -7.52 -31.06 14.64
C PRO B 16 -8.54 -31.17 15.69
N PRO B 17 -8.40 -30.44 16.82
CA PRO B 17 -9.42 -30.45 17.86
C PRO B 17 -10.72 -29.86 17.34
N ILE B 18 -11.83 -30.39 17.87
CA ILE B 18 -13.15 -29.85 17.55
C ILE B 18 -13.31 -28.40 17.97
N THR B 19 -12.42 -27.90 18.83
CA THR B 19 -12.50 -26.52 19.30
C THR B 19 -11.88 -25.53 18.33
N ASP B 20 -11.19 -26.00 17.29
CA ASP B 20 -10.67 -25.13 16.24
C ASP B 20 -11.80 -24.59 15.37
N HIS B 21 -11.58 -23.41 14.81
CA HIS B 21 -12.63 -22.72 14.07
C HIS B 21 -12.05 -21.52 13.33
N GLY B 22 -12.58 -21.25 12.14
CA GLY B 22 -12.27 -20.03 11.43
C GLY B 22 -10.96 -20.09 10.67
N THR B 23 -10.67 -19.00 9.96
CA THR B 23 -9.49 -18.89 9.10
C THR B 23 -8.36 -18.29 9.93
N VAL B 24 -7.37 -19.13 10.25
CA VAL B 24 -6.14 -18.72 10.90
C VAL B 24 -5.00 -18.98 9.92
N SER B 25 -4.08 -18.03 9.83
CA SER B 25 -2.94 -18.26 8.95
C SER B 25 -2.15 -19.48 9.42
N ASN B 26 -1.40 -20.07 8.50
CA ASN B 26 -0.39 -21.04 8.92
C ASN B 26 0.66 -20.35 9.76
N LEU B 27 1.06 -21.01 10.84
CA LEU B 27 2.01 -20.43 11.78
C LEU B 27 3.24 -21.29 11.96
N ARG B 28 3.43 -22.32 11.13
CA ARG B 28 4.51 -23.28 11.31
C ARG B 28 5.30 -23.42 10.01
N PHE B 29 6.64 -23.43 10.14
CA PHE B 29 7.49 -23.73 8.99
C PHE B 29 8.78 -24.37 9.47
N SER B 30 9.20 -25.45 8.82
CA SER B 30 10.37 -26.21 9.23
C SER B 30 11.61 -25.68 8.52
N PHE B 31 12.69 -25.52 9.28
CA PHE B 31 13.96 -25.16 8.68
C PHE B 31 14.41 -26.19 7.65
N SER B 32 13.99 -27.45 7.82
CA SER B 32 14.31 -28.51 6.87
C SER B 32 13.59 -28.34 5.53
N ASP B 33 12.55 -27.50 5.48
CA ASP B 33 11.85 -27.17 4.26
C ASP B 33 12.37 -25.89 3.62
N ALA B 34 13.48 -25.33 4.11
CA ALA B 34 14.11 -24.16 3.52
C ALA B 34 15.29 -24.55 2.63
N HIS B 35 15.46 -23.81 1.53
CA HIS B 35 16.57 -24.06 0.61
C HIS B 35 17.89 -23.81 1.32
N MET B 36 18.86 -24.68 1.08
CA MET B 36 20.11 -24.66 1.81
C MET B 36 21.23 -24.12 0.91
N ARG B 37 21.75 -22.96 1.27
CA ARG B 37 22.95 -22.43 0.64
C ARG B 37 24.17 -23.08 1.27
N ILE B 38 24.87 -23.90 0.50
CA ILE B 38 26.07 -24.60 0.96
C ILE B 38 27.27 -23.94 0.34
N GLU B 39 28.28 -23.68 1.15
CA GLU B 39 29.55 -23.13 0.71
C GLU B 39 30.68 -23.96 1.28
N GLU B 40 31.83 -23.85 0.66
CA GLU B 40 33.05 -24.31 1.27
C GLU B 40 33.16 -23.63 2.63
N GLY B 41 33.06 -24.46 3.68
CA GLY B 41 33.19 -24.05 5.05
C GLY B 41 31.92 -23.88 5.86
N GLY B 42 30.75 -24.11 5.29
CA GLY B 42 29.53 -24.00 6.07
C GLY B 42 28.29 -23.91 5.21
N TRP B 43 27.15 -23.79 5.89
CA TRP B 43 25.87 -23.67 5.19
C TRP B 43 24.92 -22.76 5.96
N THR B 44 23.89 -22.30 5.25
CA THR B 44 22.93 -21.36 5.83
C THR B 44 21.56 -21.61 5.22
N ARG B 45 20.51 -21.37 6.02
CA ARG B 45 19.13 -21.43 5.52
C ARG B 45 18.27 -20.54 6.39
N GLU B 46 17.20 -19.99 5.80
CA GLU B 46 16.43 -18.96 6.47
C GLU B 46 14.93 -19.21 6.38
N VAL B 47 14.22 -18.68 7.37
CA VAL B 47 12.76 -18.69 7.41
C VAL B 47 12.29 -17.25 7.61
N THR B 48 11.66 -16.68 6.58
CA THR B 48 11.24 -15.28 6.56
C THR B 48 9.77 -15.19 6.16
N ASN B 49 9.27 -13.98 5.93
CA ASN B 49 7.88 -13.81 5.50
C ASN B 49 7.66 -14.29 4.07
N ARG B 50 8.73 -14.64 3.35
CA ARG B 50 8.59 -15.34 2.08
C ARG B 50 8.30 -16.82 2.27
N GLU B 51 8.48 -17.34 3.47
CA GLU B 51 8.09 -18.69 3.83
C GLU B 51 6.98 -18.76 4.85
N LEU B 52 6.86 -17.75 5.72
CA LEU B 52 5.90 -17.75 6.83
C LEU B 52 5.31 -16.35 6.93
N PRO B 53 4.37 -16.01 6.04
CA PRO B 53 3.89 -14.62 5.94
C PRO B 53 3.17 -14.11 7.19
N ALA B 54 2.76 -14.97 8.10
CA ALA B 54 2.15 -14.48 9.34
C ALA B 54 3.16 -13.75 10.21
N SER B 55 4.44 -13.84 9.86
CA SER B 55 5.52 -13.16 10.57
C SER B 55 5.62 -11.71 10.08
N HIS B 56 5.43 -10.77 11.01
CA HIS B 56 5.46 -9.35 10.70
C HIS B 56 6.62 -8.61 11.36
N ASP B 57 7.32 -9.23 12.30
CA ASP B 57 8.40 -8.57 13.02
C ASP B 57 9.79 -9.12 12.71
N LEU B 58 9.97 -10.44 12.78
CA LEU B 58 11.29 -11.03 12.84
C LEU B 58 11.48 -12.07 11.75
N ALA B 59 12.73 -12.39 11.47
CA ALA B 59 13.08 -13.47 10.55
C ALA B 59 14.20 -14.30 11.16
N GLY B 60 14.26 -15.59 10.80
CA GLY B 60 15.21 -16.53 11.40
C GLY B 60 16.20 -17.07 10.38
N VAL B 61 17.42 -17.28 10.83
CA VAL B 61 18.47 -17.92 10.02
C VAL B 61 19.13 -19.01 10.84
N ASP B 62 19.29 -20.18 10.26
CA ASP B 62 20.02 -21.30 10.84
C ASP B 62 21.34 -21.42 10.08
N MET B 63 22.46 -21.22 10.78
CA MET B 63 23.77 -21.17 10.14
C MET B 63 24.71 -22.17 10.79
N CYS B 64 25.60 -22.72 9.96
CA CYS B 64 26.55 -23.74 10.36
C CYS B 64 27.92 -23.41 9.79
N LEU B 65 28.93 -23.42 10.66
CA LEU B 65 30.30 -23.10 10.31
C LEU B 65 31.23 -24.23 10.72
N LYS B 66 32.10 -24.64 9.77
CA LYS B 66 33.14 -25.63 9.97
C LYS B 66 34.25 -25.07 10.85
N PRO B 67 35.02 -25.93 11.52
CA PRO B 67 36.09 -25.45 12.41
C PRO B 67 36.99 -24.41 11.77
N GLY B 68 37.09 -23.24 12.41
CA GLY B 68 37.90 -22.17 11.89
C GLY B 68 37.27 -21.34 10.80
N ALA B 69 36.07 -21.69 10.33
CA ALA B 69 35.49 -21.01 9.18
C ALA B 69 34.92 -19.65 9.57
N TYR B 70 35.04 -18.69 8.65
CA TYR B 70 34.52 -17.35 8.85
C TYR B 70 33.12 -17.22 8.26
N ARG B 71 32.26 -16.50 8.99
CA ARG B 71 31.15 -15.79 8.36
C ARG B 71 31.67 -14.39 8.08
N GLU B 72 31.74 -14.04 6.80
CA GLU B 72 32.52 -12.87 6.38
C GLU B 72 32.10 -11.61 7.13
N LEU B 73 33.09 -10.75 7.41
CA LEU B 73 32.86 -9.43 7.98
C LEU B 73 31.77 -8.70 7.21
N HIS B 74 30.76 -8.22 7.93
CA HIS B 74 29.59 -7.72 7.24
C HIS B 74 28.76 -6.86 8.19
N TRP B 75 27.72 -6.24 7.64
CA TRP B 75 26.76 -5.47 8.43
C TRP B 75 25.43 -5.48 7.69
N HIS B 76 24.38 -5.02 8.37
CA HIS B 76 23.07 -4.92 7.74
C HIS B 76 22.22 -3.87 8.46
N LYS B 77 21.17 -3.44 7.77
CA LYS B 77 20.22 -2.47 8.32
C LYS B 77 19.51 -3.02 9.54
N GLU B 78 19.35 -4.34 9.63
CA GLU B 78 18.57 -4.99 10.67
C GLU B 78 19.44 -5.29 11.88
N ALA B 79 18.77 -5.51 13.02
CA ALA B 79 19.42 -5.92 14.25
C ALA B 79 19.52 -7.44 14.33
N GLU B 80 20.61 -7.91 14.93
CA GLU B 80 20.91 -9.32 15.06
C GLU B 80 20.79 -9.79 16.52
N TRP B 81 20.06 -10.88 16.71
CA TRP B 81 20.00 -11.61 17.97
C TRP B 81 20.33 -13.06 17.66
N ALA B 82 21.25 -13.64 18.43
CA ALA B 82 21.73 -14.97 18.11
C ALA B 82 21.74 -15.87 19.34
N PHE B 83 21.25 -17.10 19.14
CA PHE B 83 21.27 -18.18 20.13
C PHE B 83 22.21 -19.25 19.62
N MET B 84 23.16 -19.64 20.46
CA MET B 84 24.19 -20.60 20.07
C MET B 84 23.67 -22.03 20.25
N ILE B 85 23.46 -22.73 19.14
CA ILE B 85 22.91 -24.09 19.20
C ILE B 85 23.97 -25.11 19.59
N ALA B 86 25.15 -25.05 18.96
CA ALA B 86 26.17 -26.06 19.19
C ALA B 86 27.55 -25.49 18.86
N GLY B 87 28.56 -26.02 19.54
CA GLY B 87 29.94 -25.68 19.27
C GLY B 87 30.46 -24.49 20.04
N ASN B 88 31.43 -23.79 19.47
CA ASN B 88 31.99 -22.58 20.04
C ASN B 88 32.34 -21.65 18.89
N ALA B 89 32.38 -20.35 19.18
CA ALA B 89 32.76 -19.41 18.13
C ALA B 89 33.28 -18.13 18.76
N ARG B 90 33.92 -17.33 17.90
CA ARG B 90 34.44 -16.02 18.25
C ARG B 90 33.70 -14.97 17.42
N VAL B 91 33.30 -13.88 18.08
CA VAL B 91 32.65 -12.76 17.42
C VAL B 91 33.51 -11.52 17.64
N THR B 92 33.53 -10.66 16.61
CA THR B 92 34.14 -9.33 16.73
C THR B 92 33.18 -8.30 16.18
N ALA B 93 33.28 -7.08 16.70
CA ALA B 93 32.41 -6.00 16.27
C ALA B 93 33.05 -4.66 16.61
N LEU B 94 32.43 -3.59 16.08
CA LEU B 94 32.83 -2.22 16.37
C LEU B 94 31.55 -1.40 16.53
N ASP B 95 31.49 -0.55 17.55
CA ASP B 95 30.29 0.23 17.77
C ASP B 95 30.42 1.61 17.13
N ALA B 96 29.38 2.43 17.25
CA ALA B 96 29.36 3.69 16.53
C ALA B 96 30.34 4.73 17.10
N GLU B 97 30.82 4.54 18.32
CA GLU B 97 31.77 5.46 18.92
C GLU B 97 33.21 4.99 18.79
N GLY B 98 33.47 4.02 17.92
CA GLY B 98 34.80 3.53 17.65
C GLY B 98 35.37 2.51 18.62
N ARG B 99 34.56 1.97 19.54
CA ARG B 99 35.06 0.99 20.49
C ARG B 99 34.80 -0.42 19.98
N SER B 100 35.74 -1.32 20.24
CA SER B 100 35.77 -2.64 19.64
C SER B 100 35.30 -3.72 20.61
N PHE B 101 34.94 -4.88 20.04
CA PHE B 101 34.45 -6.00 20.81
C PHE B 101 34.96 -7.31 20.23
N ILE B 102 35.32 -8.24 21.11
CA ILE B 102 35.79 -9.56 20.73
C ILE B 102 35.45 -10.51 21.86
N ASP B 103 34.92 -11.69 21.52
CA ASP B 103 34.58 -12.65 22.57
C ASP B 103 34.44 -14.06 21.99
N ASP B 104 34.50 -15.05 22.88
CA ASP B 104 34.21 -16.44 22.57
C ASP B 104 32.94 -16.84 23.30
N ILE B 105 32.17 -17.72 22.66
CA ILE B 105 30.85 -18.15 23.14
C ILE B 105 30.73 -19.65 22.88
N ASN B 106 29.89 -20.30 23.68
CA ASN B 106 29.63 -21.72 23.56
C ASN B 106 28.13 -21.95 23.42
N ALA B 107 27.76 -23.22 23.22
CA ALA B 107 26.36 -23.57 23.06
C ALA B 107 25.55 -23.08 24.25
N GLY B 108 24.41 -22.45 23.97
CA GLY B 108 23.57 -21.85 24.97
C GLY B 108 23.77 -20.36 25.16
N ASP B 109 24.85 -19.79 24.62
CA ASP B 109 25.15 -18.38 24.80
C ASP B 109 24.44 -17.54 23.73
N LEU B 110 24.42 -16.22 23.93
CA LEU B 110 23.75 -15.29 23.01
C LEU B 110 24.73 -14.25 22.49
N TRP B 111 24.34 -13.59 21.41
CA TRP B 111 24.93 -12.29 21.07
C TRP B 111 23.87 -11.39 20.45
N ASN B 112 24.24 -10.12 20.29
CA ASN B 112 23.32 -9.07 19.84
C ASN B 112 24.12 -7.96 19.19
N PHE B 113 23.77 -7.65 17.95
CA PHE B 113 24.35 -6.51 17.23
C PHE B 113 23.20 -5.61 16.79
N GLU B 114 23.13 -4.40 17.35
CA GLU B 114 22.06 -3.51 16.96
C GLU B 114 22.28 -3.05 15.52
N ALA B 115 21.30 -2.32 15.00
CA ALA B 115 21.25 -1.99 13.58
C ALA B 115 22.55 -1.34 13.10
N GLY B 116 23.10 -1.90 12.02
CA GLY B 116 24.26 -1.33 11.34
C GLY B 116 25.60 -1.57 12.00
N ILE B 117 25.66 -2.33 13.09
CA ILE B 117 26.88 -2.62 13.79
C ILE B 117 27.64 -3.75 13.03
N PRO B 118 28.82 -3.49 12.52
CA PRO B 118 29.53 -4.52 11.76
C PRO B 118 30.15 -5.56 12.68
N HIS B 119 30.27 -6.77 12.15
CA HIS B 119 30.75 -7.87 12.97
C HIS B 119 31.25 -9.01 12.10
N SER B 120 31.97 -9.91 12.74
CA SER B 120 32.42 -11.14 12.12
C SER B 120 32.22 -12.29 13.09
N ILE B 121 32.10 -13.50 12.52
CA ILE B 121 31.97 -14.74 13.27
C ILE B 121 32.97 -15.73 12.71
N GLN B 122 33.67 -16.42 13.60
CA GLN B 122 34.58 -17.48 13.21
C GLN B 122 34.38 -18.66 14.13
N ALA B 123 34.05 -19.82 13.57
CA ALA B 123 33.93 -21.01 14.39
C ALA B 123 35.29 -21.35 15.00
N LEU B 124 35.25 -21.92 16.20
CA LEU B 124 36.48 -22.38 16.81
C LEU B 124 36.65 -23.87 16.56
N ASP B 125 37.35 -24.58 17.45
CA ASP B 125 37.75 -25.96 17.14
C ASP B 125 36.56 -26.88 16.98
N GLN B 126 35.45 -26.63 17.67
CA GLN B 126 34.32 -27.55 17.61
C GLN B 126 33.46 -27.37 16.36
N GLY B 127 33.64 -26.28 15.62
CA GLY B 127 32.64 -25.86 14.67
C GLY B 127 31.48 -25.25 15.45
N CYS B 128 30.48 -24.78 14.72
CA CYS B 128 29.35 -24.19 15.43
C CYS B 128 28.11 -24.22 14.56
N GLU B 129 26.95 -24.35 15.22
CA GLU B 129 25.67 -24.05 14.61
C GLU B 129 24.95 -23.05 15.50
N PHE B 130 24.35 -22.04 14.88
CA PHE B 130 23.68 -20.99 15.65
C PHE B 130 22.45 -20.50 14.90
N LEU B 131 21.51 -19.99 15.68
CA LEU B 131 20.31 -19.36 15.15
C LEU B 131 20.45 -17.85 15.28
N LEU B 132 20.22 -17.15 14.18
CA LEU B 132 20.20 -15.71 14.13
C LEU B 132 18.77 -15.24 13.92
N VAL B 133 18.39 -14.17 14.61
CA VAL B 133 17.05 -13.61 14.42
C VAL B 133 17.22 -12.13 14.07
N PHE B 134 16.45 -11.67 13.10
CA PHE B 134 16.61 -10.34 12.53
C PHE B 134 15.34 -9.54 12.70
N SER B 135 15.51 -8.22 12.93
CA SER B 135 14.47 -7.30 13.36
C SER B 135 13.60 -6.80 12.21
N GLU B 136 13.61 -7.51 11.08
CA GLU B 136 12.69 -7.28 9.97
C GLU B 136 12.24 -8.63 9.44
N PRO B 137 10.96 -8.78 9.08
CA PRO B 137 10.45 -10.08 8.63
C PRO B 137 10.92 -10.48 7.25
N ASP B 138 11.39 -9.56 6.42
CA ASP B 138 11.79 -9.86 5.05
C ASP B 138 13.31 -9.89 4.89
N PHE B 139 14.04 -10.13 5.98
CA PHE B 139 15.48 -10.22 5.92
C PHE B 139 15.92 -11.34 4.97
N SER B 140 17.14 -11.22 4.47
CA SER B 140 17.74 -12.28 3.66
C SER B 140 19.24 -12.29 3.86
N GLU B 141 19.79 -13.48 4.12
CA GLU B 141 21.24 -13.63 4.24
C GLU B 141 21.95 -13.26 2.95
N ASN B 142 21.29 -13.43 1.80
CA ASN B 142 21.94 -13.15 0.52
C ASN B 142 21.97 -11.66 0.17
N ASN B 143 21.47 -10.80 1.05
CA ASN B 143 21.40 -9.36 0.80
C ASN B 143 22.08 -8.59 1.92
N THR B 144 23.19 -9.13 2.41
CA THR B 144 23.97 -8.55 3.47
C THR B 144 25.12 -7.73 2.89
N PHE B 145 25.59 -6.74 3.65
CA PHE B 145 26.66 -5.85 3.22
C PHE B 145 27.99 -6.50 3.56
N LEU B 146 28.69 -7.03 2.56
CA LEU B 146 29.90 -7.80 2.76
C LEU B 146 31.14 -6.97 2.48
N LEU B 147 32.17 -7.14 3.30
CA LEU B 147 33.42 -6.38 3.13
C LEU B 147 34.02 -6.58 1.73
N THR B 148 34.16 -7.84 1.32
CA THR B 148 34.79 -8.12 0.02
C THR B 148 33.93 -7.63 -1.13
N ASP B 149 32.60 -7.75 -1.01
CA ASP B 149 31.70 -7.20 -2.03
C ASP B 149 31.89 -5.69 -2.16
N TRP B 150 31.92 -5.00 -1.01
CA TRP B 150 32.12 -3.56 -0.98
C TRP B 150 33.39 -3.18 -1.73
N LEU B 151 34.52 -3.83 -1.38
CA LEU B 151 35.78 -3.44 -2.01
C LEU B 151 35.85 -3.88 -3.47
N ALA B 152 35.18 -4.99 -3.82
CA ALA B 152 35.08 -5.43 -5.20
C ALA B 152 34.31 -4.44 -6.05
N HIS B 153 33.48 -3.60 -5.46
CA HIS B 153 32.73 -2.61 -6.24
C HIS B 153 33.11 -1.17 -5.88
N THR B 154 34.36 -0.95 -5.46
CA THR B 154 34.92 0.37 -5.24
C THR B 154 36.14 0.60 -6.12
N PRO B 155 36.27 1.78 -6.75
CA PRO B 155 37.44 2.02 -7.61
C PRO B 155 38.74 1.84 -6.85
N LYS B 156 39.72 1.21 -7.52
CA LYS B 156 40.95 0.83 -6.83
C LYS B 156 41.80 2.04 -6.46
N ASP B 157 41.78 3.10 -7.27
CA ASP B 157 42.46 4.34 -6.87
C ASP B 157 41.82 4.91 -5.61
N ILE B 158 40.49 4.80 -5.51
CA ILE B 158 39.78 5.26 -4.32
C ILE B 158 40.17 4.42 -3.11
N ILE B 159 40.19 3.08 -3.26
CA ILE B 159 40.57 2.21 -2.15
C ILE B 159 42.00 2.52 -1.70
N ALA B 160 42.90 2.74 -2.66
CA ALA B 160 44.29 3.03 -2.34
C ALA B 160 44.41 4.34 -1.58
N ALA B 161 43.77 5.40 -2.07
CA ALA B 161 43.80 6.67 -1.34
C ALA B 161 43.24 6.50 0.06
N ASN B 162 42.17 5.72 0.21
CA ASN B 162 41.57 5.48 1.52
C ASN B 162 42.55 4.81 2.47
N PHE B 163 43.14 3.69 2.02
CA PHE B 163 44.16 2.97 2.78
C PHE B 163 45.50 3.67 2.75
N LYS B 164 45.65 4.73 1.95
CA LYS B 164 46.88 5.52 1.83
C LYS B 164 48.06 4.67 1.40
N VAL B 165 47.80 3.74 0.47
CA VAL B 165 48.83 2.86 -0.05
C VAL B 165 48.83 2.98 -1.57
N ASP B 166 49.71 2.22 -2.22
CA ASP B 166 49.83 2.25 -3.67
C ASP B 166 48.82 1.27 -4.28
N GLU B 167 48.41 1.56 -5.52
CA GLU B 167 47.33 0.78 -6.12
C GLU B 167 47.75 -0.66 -6.33
N SER B 168 49.04 -0.87 -6.63
CA SER B 168 49.58 -2.19 -6.92
C SER B 168 49.45 -3.11 -5.73
N VAL B 169 49.51 -2.56 -4.51
CA VAL B 169 49.34 -3.40 -3.35
C VAL B 169 48.01 -4.14 -3.35
N LEU B 170 46.96 -3.54 -3.91
CA LEU B 170 45.62 -4.11 -3.84
C LEU B 170 45.31 -5.03 -5.02
N ALA B 171 46.32 -5.55 -5.70
CA ALA B 171 46.06 -6.33 -6.91
C ALA B 171 45.28 -7.61 -6.64
N ASN B 172 45.50 -8.25 -5.49
CA ASN B 172 44.93 -9.57 -5.21
C ASN B 172 43.66 -9.50 -4.36
N LEU B 173 43.08 -8.30 -4.23
CA LEU B 173 41.78 -8.14 -3.61
C LEU B 173 40.76 -9.03 -4.31
N PRO B 174 39.88 -9.68 -3.58
CA PRO B 174 38.82 -10.47 -4.21
C PRO B 174 37.99 -9.59 -5.15
N GLY B 175 37.57 -10.17 -6.26
CA GLY B 175 36.66 -9.51 -7.16
C GLY B 175 35.23 -9.98 -7.01
N LYS B 176 34.91 -10.63 -5.89
CA LYS B 176 33.65 -11.33 -5.69
C LYS B 176 33.58 -11.75 -4.23
N GLU B 177 32.37 -11.78 -3.68
CA GLU B 177 32.17 -12.02 -2.25
C GLU B 177 32.67 -13.40 -1.85
N LYS B 178 32.91 -13.56 -0.54
CA LYS B 178 33.25 -14.83 0.06
C LYS B 178 32.14 -15.42 0.93
N TYR B 179 31.43 -14.58 1.68
CA TYR B 179 30.28 -14.95 2.49
C TYR B 179 30.66 -15.90 3.63
N ILE B 180 30.98 -17.15 3.30
CA ILE B 180 31.45 -18.14 4.26
C ILE B 180 32.62 -18.87 3.63
N PHE B 181 33.79 -18.78 4.25
CA PHE B 181 34.99 -19.39 3.70
C PHE B 181 35.82 -20.00 4.82
N ASN B 182 36.72 -20.90 4.43
CA ASN B 182 37.46 -21.68 5.39
C ASN B 182 38.57 -20.85 6.00
N GLY B 183 38.92 -21.20 7.24
CA GLY B 183 40.03 -20.54 7.89
C GLY B 183 40.57 -21.44 8.98
N GLU B 184 41.71 -21.03 9.51
CA GLU B 184 42.35 -21.76 10.60
C GLU B 184 41.83 -21.24 11.93
N VAL B 185 41.61 -22.16 12.87
CA VAL B 185 41.19 -21.83 14.22
C VAL B 185 42.17 -20.82 14.80
N PRO B 186 41.69 -19.65 15.24
CA PRO B 186 42.60 -18.58 15.63
C PRO B 186 43.21 -18.82 17.00
N GLY B 187 44.18 -17.98 17.35
CA GLY B 187 44.85 -18.06 18.63
C GLY B 187 43.99 -17.48 19.73
N PRO B 188 44.55 -17.38 20.93
CA PRO B 188 43.79 -16.79 22.05
C PRO B 188 43.61 -15.29 21.89
N ILE B 189 42.50 -14.79 22.44
CA ILE B 189 42.18 -13.35 22.38
C ILE B 189 43.33 -12.53 22.94
N SER B 190 43.95 -13.03 24.03
CA SER B 190 45.05 -12.32 24.66
C SER B 190 46.23 -12.19 23.70
N GLU B 191 46.28 -13.02 22.68
CA GLU B 191 47.32 -12.97 21.66
C GLU B 191 46.93 -12.22 20.39
N VAL B 192 45.63 -12.19 20.05
CA VAL B 192 45.22 -11.70 18.73
C VAL B 192 44.59 -10.32 18.79
N LYS B 193 44.20 -9.86 19.97
CA LYS B 193 43.50 -8.60 20.15
C LYS B 193 44.38 -7.42 19.74
N LYS B 194 43.77 -6.45 19.07
CA LYS B 194 44.42 -5.22 18.63
C LYS B 194 44.13 -4.09 19.62
N ASN B 195 45.10 -3.18 19.78
CA ASN B 195 44.88 -2.04 20.69
C ASN B 195 44.01 -1.00 20.01
N ASN B 196 43.09 -0.47 20.78
CA ASN B 196 42.14 0.52 20.30
C ASN B 196 42.12 1.66 21.30
N PRO B 197 42.64 2.84 20.94
CA PRO B 197 42.64 3.95 21.92
C PRO B 197 41.25 4.33 22.39
N ASN B 198 40.21 3.95 21.65
CA ASN B 198 38.84 4.18 22.10
C ASN B 198 38.40 3.16 23.14
N GLY B 199 39.12 2.05 23.27
CA GLY B 199 38.79 1.03 24.25
C GLY B 199 37.70 0.09 23.78
N ASP B 200 37.24 -0.73 24.72
CA ASP B 200 36.21 -1.74 24.49
C ASP B 200 34.82 -1.14 24.61
N VAL B 201 33.83 -1.87 24.10
CA VAL B 201 32.45 -1.40 24.22
C VAL B 201 32.03 -1.47 25.69
N PRO B 202 31.25 -0.52 26.19
CA PRO B 202 30.99 -0.46 27.64
C PRO B 202 30.20 -1.63 28.18
N SER B 203 29.33 -2.25 27.37
CA SER B 203 28.59 -3.41 27.80
C SER B 203 28.69 -4.45 26.70
N PRO B 204 28.94 -5.71 27.04
CA PRO B 204 29.31 -6.70 26.02
C PRO B 204 28.18 -6.95 25.04
N PHE B 205 28.55 -7.24 23.80
CA PHE B 205 27.61 -7.68 22.80
C PHE B 205 27.34 -9.17 22.90
N THR B 206 27.69 -9.75 24.05
CA THR B 206 27.65 -11.19 24.26
C THR B 206 27.00 -11.44 25.62
N PHE B 207 26.32 -12.57 25.75
CA PHE B 207 25.65 -12.95 27.00
C PHE B 207 25.92 -14.43 27.26
N HIS B 208 26.61 -14.71 28.36
CA HIS B 208 26.97 -16.07 28.74
C HIS B 208 25.87 -16.64 29.63
N MET B 209 25.18 -17.69 29.15
CA MET B 209 23.90 -18.15 29.71
C MET B 209 24.02 -18.84 31.06
N ASN B 210 25.20 -19.34 31.43
CA ASN B 210 25.49 -19.81 32.79
C ASN B 210 25.43 -18.70 33.81
N ASP B 211 25.45 -17.43 33.39
CA ASP B 211 25.30 -16.35 34.35
C ASP B 211 23.88 -16.10 34.82
N LEU B 212 22.89 -16.85 34.36
CA LEU B 212 21.50 -16.41 34.46
C LEU B 212 20.61 -17.38 35.23
N LYS B 213 19.79 -16.86 36.24
CA LYS B 213 19.23 -18.09 36.82
C LYS B 213 17.79 -18.21 36.30
N PRO B 214 17.20 -19.39 36.08
CA PRO B 214 15.86 -19.42 35.49
C PRO B 214 14.77 -19.17 36.54
N HIS B 215 13.68 -18.53 36.08
CA HIS B 215 12.43 -18.58 36.84
C HIS B 215 11.87 -19.99 36.73
N GLU B 216 11.60 -20.63 37.87
CA GLU B 216 11.14 -22.02 37.91
C GLU B 216 9.66 -22.08 38.27
N PHE B 217 8.86 -22.82 37.48
CA PHE B 217 7.46 -23.13 37.73
C PHE B 217 7.25 -24.65 37.78
N GLU B 218 5.98 -25.12 37.80
CA GLU B 218 5.79 -26.56 37.94
C GLU B 218 6.26 -27.37 36.75
N ALA B 219 5.96 -26.91 35.57
CA ALA B 219 6.26 -27.81 34.48
C ALA B 219 7.63 -27.60 33.85
N GLY B 220 8.33 -26.55 34.24
CA GLY B 220 9.64 -26.32 33.68
C GLY B 220 10.24 -25.03 34.19
N LYS B 221 11.16 -24.52 33.38
CA LYS B 221 11.97 -23.35 33.67
C LYS B 221 11.91 -22.39 32.48
N VAL B 222 12.11 -21.11 32.77
CA VAL B 222 12.16 -20.05 31.77
C VAL B 222 13.32 -19.14 32.11
N TRP B 223 14.26 -19.01 31.17
CA TRP B 223 15.31 -18.00 31.25
C TRP B 223 14.81 -16.79 30.45
N ILE B 224 14.70 -15.64 31.11
CA ILE B 224 14.20 -14.42 30.47
C ILE B 224 15.37 -13.47 30.26
N ILE B 225 15.64 -13.13 29.00
CA ILE B 225 16.73 -12.24 28.63
C ILE B 225 16.13 -11.06 27.87
N ASP B 226 16.04 -9.92 28.53
CA ASP B 226 15.57 -8.69 27.88
C ASP B 226 16.55 -7.57 28.26
N SER B 227 16.18 -6.33 27.93
CA SER B 227 17.12 -5.22 28.08
C SER B 227 17.53 -4.99 29.53
N LYS B 228 16.70 -5.41 30.49
CA LYS B 228 17.08 -5.25 31.89
C LYS B 228 18.17 -6.25 32.28
N VAL B 229 18.40 -7.26 31.44
CA VAL B 229 19.37 -8.32 31.70
C VAL B 229 20.54 -8.24 30.73
N PHE B 230 20.29 -7.73 29.52
CA PHE B 230 21.22 -7.79 28.40
C PHE B 230 21.18 -6.40 27.76
N PRO B 231 21.83 -5.41 28.38
CA PRO B 231 21.51 -4.00 28.09
C PRO B 231 21.67 -3.58 26.63
N VAL B 232 22.61 -4.17 25.88
CA VAL B 232 22.78 -3.75 24.50
C VAL B 232 21.60 -4.19 23.64
N ALA B 233 20.83 -5.19 24.10
CA ALA B 233 19.72 -5.74 23.33
C ALA B 233 18.48 -4.86 23.52
N GLN B 234 18.49 -3.73 22.81
CA GLN B 234 17.45 -2.72 22.90
C GLN B 234 16.34 -2.93 21.88
N THR B 235 16.44 -3.98 21.06
CA THR B 235 15.52 -4.16 19.94
C THR B 235 14.79 -5.50 19.99
N ILE B 236 15.51 -6.57 20.32
CA ILE B 236 14.96 -7.92 20.37
C ILE B 236 15.26 -8.52 21.75
N SER B 237 14.26 -9.18 22.33
CA SER B 237 14.43 -9.88 23.61
C SER B 237 13.83 -11.28 23.49
N ALA B 238 14.10 -12.13 24.48
CA ALA B 238 13.68 -13.53 24.34
C ALA B 238 13.53 -14.21 25.69
N ALA B 239 12.89 -15.38 25.65
CA ALA B 239 12.73 -16.31 26.76
C ALA B 239 13.05 -17.71 26.25
N ILE B 240 13.97 -18.39 26.92
CA ILE B 240 14.25 -19.79 26.66
C ILE B 240 13.38 -20.61 27.60
N VAL B 241 12.53 -21.46 27.07
CA VAL B 241 11.56 -22.22 27.85
C VAL B 241 11.91 -23.68 27.72
N GLU B 242 12.00 -24.35 28.88
CA GLU B 242 12.19 -25.79 28.96
C GLU B 242 11.02 -26.35 29.75
N ILE B 243 10.30 -27.30 29.16
CA ILE B 243 9.09 -27.87 29.74
C ILE B 243 9.25 -29.37 29.78
N GLN B 244 9.13 -29.94 30.98
CA GLN B 244 9.36 -31.35 31.20
C GLN B 244 8.23 -32.18 30.60
N PRO B 245 8.46 -33.47 30.37
CA PRO B 245 7.39 -34.35 29.86
C PRO B 245 6.14 -34.26 30.71
N GLY B 246 4.98 -34.32 30.07
CA GLY B 246 3.75 -34.13 30.79
C GLY B 246 3.41 -32.69 31.16
N GLY B 247 4.31 -31.75 30.88
CA GLY B 247 4.12 -30.37 31.23
C GLY B 247 3.47 -29.55 30.11
N MET B 248 3.27 -28.27 30.41
CA MET B 248 2.53 -27.35 29.55
C MET B 248 2.91 -25.91 29.90
N ARG B 249 3.08 -25.09 28.87
CA ARG B 249 3.14 -23.64 29.05
C ARG B 249 1.71 -23.14 29.17
N GLU B 250 1.33 -22.67 30.34
CA GLU B 250 -0.07 -22.40 30.64
C GLU B 250 -0.61 -21.31 29.70
N LEU B 251 -1.94 -21.29 29.58
CA LEU B 251 -2.62 -20.32 28.75
C LEU B 251 -2.22 -18.91 29.17
N HIS B 252 -1.75 -18.13 28.20
CA HIS B 252 -1.22 -16.81 28.47
C HIS B 252 -1.22 -16.01 27.17
N TRP B 253 -0.90 -14.72 27.29
CA TRP B 253 -0.67 -13.91 26.12
C TRP B 253 0.35 -12.84 26.44
N HIS B 254 0.91 -12.26 25.37
CA HIS B 254 1.87 -11.17 25.50
C HIS B 254 1.20 -9.88 25.06
N PRO B 255 1.05 -8.91 25.97
CA PRO B 255 0.19 -7.76 25.68
C PRO B 255 0.75 -6.77 24.66
N LYS B 256 2.03 -6.83 24.32
CA LYS B 256 2.63 -5.78 23.51
C LYS B 256 3.10 -6.18 22.12
N SER B 257 3.32 -7.47 21.84
CA SER B 257 3.98 -7.80 20.58
C SER B 257 3.66 -9.22 20.13
N GLU B 258 3.85 -9.44 18.83
CA GLU B 258 3.88 -10.76 18.22
C GLU B 258 4.99 -11.61 18.85
N GLU B 259 4.81 -12.93 18.82
CA GLU B 259 5.82 -13.86 19.34
C GLU B 259 6.35 -14.75 18.22
N TRP B 260 7.66 -14.99 18.23
CA TRP B 260 8.36 -15.78 17.22
C TRP B 260 9.11 -16.90 17.92
N ASP B 261 8.86 -18.14 17.54
CA ASP B 261 9.39 -19.29 18.25
C ASP B 261 10.37 -20.06 17.37
N TYR B 262 11.41 -20.59 18.02
CA TYR B 262 12.26 -21.61 17.42
C TYR B 262 12.31 -22.81 18.37
N PHE B 263 11.98 -23.99 17.85
CA PHE B 263 11.92 -25.20 18.67
C PHE B 263 13.26 -25.95 18.59
N VAL B 264 13.98 -25.94 19.72
CA VAL B 264 15.30 -26.58 19.80
C VAL B 264 15.17 -28.09 19.91
N GLN B 265 14.29 -28.55 20.80
CA GLN B 265 14.23 -29.96 21.16
C GLN B 265 12.84 -30.28 21.66
N GLY B 266 12.36 -31.47 21.32
CA GLY B 266 11.12 -31.99 21.84
C GLY B 266 10.00 -31.93 20.81
N HIS B 267 8.81 -32.25 21.29
CA HIS B 267 7.61 -32.21 20.48
C HIS B 267 6.56 -31.43 21.26
N ALA B 268 5.88 -30.53 20.57
CA ALA B 268 4.91 -29.68 21.23
C ALA B 268 3.61 -29.63 20.45
N LYS B 269 2.53 -29.47 21.20
CA LYS B 269 1.23 -29.10 20.67
C LYS B 269 0.95 -27.67 21.09
N VAL B 270 0.77 -26.78 20.13
CA VAL B 270 0.60 -25.37 20.42
C VAL B 270 -0.77 -24.95 19.88
N GLY B 271 -1.60 -24.41 20.77
CA GLY B 271 -2.92 -23.93 20.40
C GLY B 271 -2.99 -22.42 20.53
N VAL B 272 -3.47 -21.77 19.48
CA VAL B 272 -3.53 -20.32 19.41
C VAL B 272 -4.97 -19.89 19.12
N PHE B 273 -5.44 -18.90 19.88
CA PHE B 273 -6.75 -18.29 19.77
C PHE B 273 -6.51 -16.81 19.46
N ASN B 274 -6.71 -16.46 18.19
CA ASN B 274 -6.90 -15.08 17.77
C ASN B 274 -8.29 -14.65 18.22
N SER B 275 -8.72 -13.46 17.80
CA SER B 275 -10.01 -12.94 18.22
C SER B 275 -11.14 -13.73 17.56
N ALA B 276 -12.37 -13.28 17.80
CA ALA B 276 -13.52 -13.57 16.94
C ALA B 276 -13.68 -15.05 16.62
N SER B 277 -13.63 -15.90 17.66
CA SER B 277 -13.88 -17.34 17.52
C SER B 277 -12.91 -18.02 16.55
N LEU B 278 -11.74 -17.43 16.33
CA LEU B 278 -10.71 -18.02 15.47
C LEU B 278 -9.74 -18.82 16.34
N ALA B 279 -9.54 -20.10 16.00
CA ALA B 279 -8.63 -20.93 16.76
C ALA B 279 -7.98 -21.96 15.84
N ARG B 280 -6.69 -22.17 16.02
CA ARG B 280 -5.97 -23.18 15.27
C ARG B 280 -4.93 -23.85 16.17
N THR B 281 -4.70 -25.12 15.90
CA THR B 281 -3.79 -25.94 16.68
C THR B 281 -2.73 -26.51 15.74
N PHE B 282 -1.47 -26.47 16.16
CA PHE B 282 -0.35 -26.94 15.37
C PHE B 282 0.49 -27.90 16.20
N ASN B 283 1.14 -28.83 15.52
CA ASN B 283 2.16 -29.65 16.14
C ASN B 283 3.52 -29.16 15.67
N PHE B 284 4.41 -28.90 16.63
CA PHE B 284 5.75 -28.44 16.37
C PHE B 284 6.76 -29.49 16.81
N GLN B 285 7.92 -29.49 16.16
CA GLN B 285 9.01 -30.37 16.51
C GLN B 285 10.30 -29.60 16.33
N ALA B 286 11.42 -30.24 16.66
CA ALA B 286 12.69 -29.52 16.68
C ALA B 286 13.03 -29.00 15.29
N GLY B 287 13.51 -27.77 15.24
CA GLY B 287 13.82 -27.11 13.99
C GLY B 287 12.66 -26.34 13.39
N ASP B 288 11.51 -26.30 14.07
CA ASP B 288 10.36 -25.60 13.53
C ASP B 288 10.40 -24.14 14.00
N VAL B 289 9.98 -23.25 13.11
CA VAL B 289 9.75 -21.85 13.46
C VAL B 289 8.24 -21.65 13.52
N GLY B 290 7.78 -20.98 14.57
CA GLY B 290 6.38 -20.69 14.75
C GLY B 290 6.16 -19.22 15.02
N VAL B 291 4.91 -18.79 14.87
CA VAL B 291 4.53 -17.41 15.18
C VAL B 291 3.19 -17.42 15.90
N ILE B 292 3.09 -16.64 16.97
CA ILE B 292 1.85 -16.36 17.68
C ILE B 292 1.47 -14.92 17.41
N PRO B 293 0.30 -14.65 16.83
CA PRO B 293 -0.12 -13.27 16.55
C PRO B 293 -0.11 -12.41 17.80
N ILE B 294 -0.14 -11.09 17.58
CA ILE B 294 -0.06 -10.16 18.70
C ILE B 294 -1.22 -10.39 19.65
N VAL B 295 -0.92 -10.36 20.95
CA VAL B 295 -1.84 -10.56 22.06
C VAL B 295 -2.77 -11.77 21.90
N ALA B 296 -2.43 -12.67 20.98
CA ALA B 296 -3.21 -13.89 20.83
C ALA B 296 -3.04 -14.79 22.05
N GLY B 297 -4.13 -15.42 22.48
CA GLY B 297 -4.04 -16.33 23.63
C GLY B 297 -3.57 -17.70 23.17
N HIS B 298 -2.67 -18.31 23.94
CA HIS B 298 -2.11 -19.56 23.45
C HIS B 298 -1.60 -20.42 24.60
N TYR B 299 -1.41 -21.70 24.28
CA TYR B 299 -0.72 -22.64 25.16
C TYR B 299 0.26 -23.48 24.35
N ILE B 300 1.27 -24.01 25.04
CA ILE B 300 2.31 -24.87 24.48
C ILE B 300 2.45 -26.07 25.40
N GLN B 301 2.01 -27.24 24.94
CA GLN B 301 2.02 -28.46 25.72
C GLN B 301 3.12 -29.38 25.20
N ASN B 302 3.91 -29.92 26.12
CA ASN B 302 4.87 -30.95 25.75
C ASN B 302 4.11 -32.24 25.50
N ILE B 303 4.22 -32.78 24.29
CA ILE B 303 3.52 -34.00 23.92
C ILE B 303 4.49 -35.10 23.55
N GLY B 304 5.74 -34.99 23.98
CA GLY B 304 6.78 -35.96 23.70
C GLY B 304 7.42 -36.55 24.95
N ASP B 305 8.40 -37.41 24.68
CA ASP B 305 9.06 -38.16 25.75
C ASP B 305 10.14 -37.38 26.47
N GLU B 306 10.72 -36.39 25.79
CA GLU B 306 11.87 -35.62 26.23
C GLU B 306 11.49 -34.22 26.63
N PRO B 307 12.35 -33.54 27.39
CA PRO B 307 12.13 -32.13 27.71
C PRO B 307 12.07 -31.30 26.43
N LEU B 308 11.10 -30.40 26.38
CA LEU B 308 10.85 -29.53 25.24
C LEU B 308 11.52 -28.18 25.47
N ILE B 309 12.43 -27.81 24.57
CA ILE B 309 13.18 -26.57 24.67
C ILE B 309 12.87 -25.70 23.46
N PHE B 310 12.53 -24.44 23.70
CA PHE B 310 12.28 -23.52 22.60
C PHE B 310 12.54 -22.08 23.03
N LEU B 311 12.60 -21.19 22.03
CA LEU B 311 12.78 -19.76 22.25
C LEU B 311 11.52 -19.03 21.84
N GLU B 312 10.97 -18.25 22.78
CA GLU B 312 10.01 -17.20 22.49
C GLU B 312 10.81 -15.92 22.31
N VAL B 313 10.73 -15.32 21.12
CA VAL B 313 11.52 -14.16 20.76
C VAL B 313 10.57 -13.05 20.34
N PHE B 314 10.93 -11.82 20.68
CA PHE B 314 10.04 -10.68 20.48
C PHE B 314 10.84 -9.47 20.03
N LYS B 315 10.23 -8.69 19.13
CA LYS B 315 10.73 -7.38 18.75
C LYS B 315 10.19 -6.39 19.77
N ASN B 316 10.88 -6.32 20.91
CA ASN B 316 10.41 -5.62 22.10
C ASN B 316 11.56 -5.62 23.10
N PRO B 317 11.95 -4.45 23.63
CA PRO B 317 13.07 -4.44 24.59
C PRO B 317 12.73 -5.07 25.94
N ILE B 318 11.46 -5.14 26.31
CA ILE B 318 11.04 -5.64 27.62
C ILE B 318 10.18 -6.87 27.39
N TYR B 319 10.54 -7.97 28.04
CA TYR B 319 9.66 -9.13 28.01
C TYR B 319 8.47 -8.87 28.93
N SER B 320 7.30 -9.31 28.49
CA SER B 320 6.09 -9.20 29.30
C SER B 320 5.12 -10.28 28.86
N ASP B 321 4.37 -10.80 29.82
CA ASP B 321 3.26 -11.68 29.49
C ASP B 321 2.21 -11.59 30.59
N ILE B 322 1.04 -12.17 30.32
CA ILE B 322 -0.09 -12.19 31.24
C ILE B 322 -0.71 -13.58 31.18
N SER B 323 -0.79 -14.26 32.32
CA SER B 323 -1.31 -15.62 32.43
C SER B 323 -2.78 -15.62 32.84
N LEU B 324 -3.55 -16.54 32.25
CA LEU B 324 -4.99 -16.61 32.49
C LEU B 324 -5.33 -16.90 33.95
N ASN B 325 -4.67 -17.89 34.55
CA ASN B 325 -4.97 -18.26 35.92
C ASN B 325 -4.76 -17.09 36.88
N LYS B 326 -3.67 -16.35 36.70
CA LYS B 326 -3.43 -15.17 37.54
C LYS B 326 -4.55 -14.14 37.35
N TRP B 327 -4.95 -13.92 36.10
CA TRP B 327 -6.04 -12.98 35.80
C TRP B 327 -7.31 -13.38 36.54
N LEU B 328 -7.66 -14.66 36.50
CA LEU B 328 -8.89 -15.11 37.16
C LEU B 328 -8.75 -15.05 38.68
N ALA B 329 -7.56 -15.39 39.20
CA ALA B 329 -7.34 -15.37 40.64
C ALA B 329 -7.45 -13.96 41.20
N THR B 330 -7.07 -12.96 40.42
CA THR B 330 -7.19 -11.59 40.90
C THR B 330 -8.55 -10.96 40.57
N SER B 331 -9.38 -11.65 39.78
CA SER B 331 -10.68 -11.10 39.44
C SER B 331 -11.72 -11.57 40.46
N PRO B 332 -12.69 -10.72 40.82
CA PRO B 332 -13.69 -11.11 41.81
C PRO B 332 -14.34 -12.45 41.48
N THR B 333 -14.52 -13.27 42.52
CA THR B 333 -14.92 -14.66 42.32
C THR B 333 -16.32 -14.77 41.72
N GLN B 334 -17.25 -13.93 42.15
CA GLN B 334 -18.59 -13.96 41.57
C GLN B 334 -18.55 -13.67 40.08
N MET B 335 -17.64 -12.78 39.66
CA MET B 335 -17.49 -12.45 38.24
C MET B 335 -16.99 -13.65 37.44
N VAL B 336 -15.92 -14.29 37.92
CA VAL B 336 -15.41 -15.48 37.25
C VAL B 336 -16.48 -16.56 37.21
N SER B 337 -17.28 -16.65 38.28
CA SER B 337 -18.33 -17.66 38.36
C SER B 337 -19.43 -17.40 37.33
N ASP B 338 -19.91 -16.15 37.26
CA ASP B 338 -20.90 -15.78 36.24
C ASP B 338 -20.35 -15.93 34.82
N HIS B 339 -19.04 -15.73 34.63
CA HIS B 339 -18.48 -15.89 33.30
C HIS B 339 -18.45 -17.36 32.88
N LEU B 340 -17.92 -18.22 33.75
CA LEU B 340 -17.58 -19.59 33.39
C LEU B 340 -18.66 -20.61 33.71
N ASN B 341 -19.76 -20.20 34.34
CA ASN B 341 -20.79 -21.14 34.78
C ASN B 341 -20.20 -22.24 35.66
N ILE B 342 -19.30 -21.84 36.55
CA ILE B 342 -18.72 -22.75 37.53
C ILE B 342 -18.94 -22.15 38.90
N SER B 343 -19.04 -23.00 39.91
CA SER B 343 -19.38 -22.53 41.24
C SER B 343 -18.22 -21.70 41.80
N PRO B 344 -18.51 -20.76 42.71
CA PRO B 344 -17.42 -20.01 43.36
C PRO B 344 -16.39 -20.91 44.04
N GLU B 345 -16.83 -22.04 44.62
CA GLU B 345 -15.93 -22.89 45.37
C GLU B 345 -14.83 -23.46 44.47
N THR B 346 -15.18 -24.04 43.33
CA THR B 346 -14.17 -24.63 42.44
C THR B 346 -13.33 -23.58 41.74
N VAL B 347 -13.93 -22.43 41.41
CA VAL B 347 -13.11 -21.34 40.87
C VAL B 347 -12.05 -20.97 41.90
N GLU B 348 -12.37 -21.05 43.19
CA GLU B 348 -11.39 -20.78 44.26
C GLU B 348 -10.23 -21.77 44.25
N GLN B 349 -10.35 -22.81 43.43
CA GLN B 349 -9.48 -23.98 43.34
C GLN B 349 -8.42 -23.82 42.23
N PHE B 350 -8.53 -22.74 41.50
CA PHE B 350 -7.64 -22.56 40.41
C PHE B 350 -6.28 -22.11 40.92
N PRO B 351 -5.23 -22.42 40.17
CA PRO B 351 -3.90 -21.99 40.60
C PRO B 351 -3.80 -20.48 40.57
N LYS B 352 -2.94 -19.96 41.44
CA LYS B 352 -2.80 -18.53 41.64
C LYS B 352 -1.32 -18.12 41.55
N VAL C 15 31.80 8.63 -18.14
CA VAL C 15 32.24 7.24 -18.01
C VAL C 15 32.31 6.78 -16.55
N PRO C 16 31.42 5.85 -16.21
CA PRO C 16 31.35 5.32 -14.85
C PRO C 16 32.52 4.40 -14.56
N PRO C 17 32.85 4.19 -13.28
CA PRO C 17 33.94 3.28 -12.91
C PRO C 17 33.68 1.83 -13.35
N ILE C 18 34.77 1.07 -13.54
CA ILE C 18 34.67 -0.36 -13.87
C ILE C 18 33.95 -1.12 -12.74
N THR C 19 33.96 -0.57 -11.52
CA THR C 19 33.34 -1.21 -10.37
C THR C 19 31.85 -0.98 -10.22
N ASP C 20 31.24 -0.09 -11.02
CA ASP C 20 29.80 0.06 -10.89
C ASP C 20 29.12 -1.18 -11.45
N HIS C 21 27.94 -1.48 -10.91
CA HIS C 21 27.26 -2.70 -11.27
C HIS C 21 25.85 -2.66 -10.71
N GLY C 22 24.92 -3.24 -11.46
CA GLY C 22 23.57 -3.42 -10.98
C GLY C 22 22.74 -2.14 -11.06
N THR C 23 21.49 -2.29 -10.65
CA THR C 23 20.52 -1.20 -10.69
C THR C 23 20.50 -0.45 -9.37
N VAL C 24 20.99 0.78 -9.38
CA VAL C 24 20.83 1.70 -8.27
C VAL C 24 20.05 2.90 -8.76
N SER C 25 19.11 3.38 -7.95
CA SER C 25 18.31 4.54 -8.32
C SER C 25 19.20 5.75 -8.58
N ASN C 26 18.65 6.74 -9.28
CA ASN C 26 19.30 8.03 -9.33
C ASN C 26 19.37 8.59 -7.91
N LEU C 27 20.52 9.16 -7.57
CA LEU C 27 20.77 9.65 -6.22
C LEU C 27 21.08 11.14 -6.21
N ARG C 28 20.94 11.83 -7.34
CA ARG C 28 21.34 13.22 -7.47
C ARG C 28 20.24 14.01 -8.15
N PHE C 29 20.00 15.23 -7.66
CA PHE C 29 19.11 16.18 -8.32
C PHE C 29 19.58 17.59 -8.04
N SER C 30 19.63 18.39 -9.09
CA SER C 30 20.14 19.76 -8.97
C SER C 30 18.99 20.72 -8.68
N PHE C 31 19.22 21.65 -7.75
CA PHE C 31 18.22 22.68 -7.48
C PHE C 31 17.92 23.51 -8.71
N SER C 32 18.88 23.65 -9.62
CA SER C 32 18.67 24.43 -10.83
C SER C 32 17.65 23.79 -11.75
N ASP C 33 17.33 22.52 -11.55
CA ASP C 33 16.29 21.86 -12.31
C ASP C 33 14.94 21.87 -11.59
N ALA C 34 14.88 22.56 -10.46
CA ALA C 34 13.65 22.69 -9.71
C ALA C 34 12.90 23.94 -10.19
N HIS C 35 11.58 23.88 -10.07
CA HIS C 35 10.74 25.00 -10.46
C HIS C 35 10.97 26.18 -9.53
N MET C 36 10.97 27.38 -10.10
CA MET C 36 11.25 28.61 -9.36
C MET C 36 9.96 29.36 -9.13
N ARG C 37 9.50 29.37 -7.89
CA ARG C 37 8.40 30.25 -7.50
C ARG C 37 9.03 31.60 -7.18
N ILE C 38 8.74 32.60 -8.01
CA ILE C 38 9.29 33.95 -7.84
C ILE C 38 8.20 34.84 -7.27
N GLU C 39 8.53 35.57 -6.20
CA GLU C 39 7.65 36.52 -5.55
C GLU C 39 8.43 37.80 -5.32
N GLU C 40 7.73 38.94 -5.30
CA GLU C 40 8.43 40.14 -4.88
C GLU C 40 8.92 39.94 -3.46
N GLY C 41 10.22 40.11 -3.30
CA GLY C 41 10.92 39.94 -2.03
C GLY C 41 11.65 38.62 -1.91
N GLY C 42 11.55 37.74 -2.90
CA GLY C 42 12.36 36.53 -2.83
C GLY C 42 11.86 35.45 -3.75
N TRP C 43 12.56 34.32 -3.69
CA TRP C 43 12.15 33.17 -4.48
C TRP C 43 12.39 31.90 -3.69
N THR C 44 11.72 30.84 -4.14
CA THR C 44 11.77 29.56 -3.45
C THR C 44 11.74 28.43 -4.47
N ARG C 45 12.43 27.34 -4.11
CA ARG C 45 12.37 26.12 -4.91
C ARG C 45 12.67 24.95 -3.99
N GLU C 46 12.18 23.77 -4.35
CA GLU C 46 12.29 22.61 -3.48
C GLU C 46 12.72 21.38 -4.27
N VAL C 47 13.36 20.45 -3.56
CA VAL C 47 13.70 19.13 -4.07
C VAL C 47 13.08 18.15 -3.09
N THR C 48 12.10 17.37 -3.57
CA THR C 48 11.28 16.48 -2.77
C THR C 48 11.34 15.08 -3.36
N ASN C 49 10.53 14.17 -2.79
CA ASN C 49 10.50 12.82 -3.34
C ASN C 49 9.75 12.76 -4.67
N ARG C 50 9.10 13.85 -5.08
CA ARG C 50 8.57 14.01 -6.42
C ARG C 50 9.65 14.39 -7.44
N GLU C 51 10.84 14.76 -6.97
CA GLU C 51 12.00 14.97 -7.81
C GLU C 51 13.05 13.88 -7.63
N LEU C 52 13.10 13.27 -6.45
CA LEU C 52 14.15 12.32 -6.09
C LEU C 52 13.56 11.19 -5.25
N PRO C 53 12.90 10.22 -5.89
CA PRO C 53 12.18 9.20 -5.11
C PRO C 53 13.06 8.35 -4.21
N ALA C 54 14.38 8.35 -4.39
CA ALA C 54 15.24 7.58 -3.48
C ALA C 54 15.27 8.15 -2.06
N SER C 55 14.78 9.38 -1.89
CA SER C 55 14.73 10.00 -0.56
C SER C 55 13.48 9.55 0.17
N HIS C 56 13.66 8.95 1.34
CA HIS C 56 12.54 8.44 2.12
C HIS C 56 12.30 9.17 3.44
N ASP C 57 13.25 9.98 3.90
CA ASP C 57 13.14 10.68 5.18
C ASP C 57 13.01 12.19 5.05
N LEU C 58 13.79 12.85 4.21
CA LEU C 58 13.95 14.30 4.25
C LEU C 58 13.64 14.89 2.88
N ALA C 59 13.29 16.19 2.89
CA ALA C 59 13.15 16.96 1.66
C ALA C 59 13.77 18.33 1.89
N GLY C 60 14.27 18.95 0.81
CA GLY C 60 15.02 20.20 0.91
C GLY C 60 14.32 21.35 0.21
N VAL C 61 14.46 22.55 0.76
CA VAL C 61 13.98 23.76 0.13
C VAL C 61 15.10 24.80 0.13
N ASP C 62 15.33 25.41 -1.02
CA ASP C 62 16.28 26.50 -1.18
C ASP C 62 15.51 27.80 -1.30
N MET C 63 15.70 28.70 -0.32
CA MET C 63 14.91 29.91 -0.26
C MET C 63 15.80 31.14 -0.16
N CYS C 64 15.37 32.23 -0.79
CA CYS C 64 16.14 33.48 -0.82
C CYS C 64 15.19 34.65 -0.60
N LEU C 65 15.56 35.55 0.31
CA LEU C 65 14.78 36.71 0.70
C LEU C 65 15.60 37.97 0.50
N LYS C 66 14.98 38.97 -0.15
CA LYS C 66 15.59 40.28 -0.30
C LYS C 66 15.60 41.01 1.05
N PRO C 67 16.53 41.95 1.24
CA PRO C 67 16.65 42.62 2.54
C PRO C 67 15.34 43.15 3.08
N GLY C 68 15.00 42.74 4.30
CA GLY C 68 13.77 43.14 4.95
C GLY C 68 12.53 42.37 4.56
N ALA C 69 12.62 41.43 3.61
CA ALA C 69 11.46 40.71 3.14
C ALA C 69 11.07 39.63 4.13
N TYR C 70 9.77 39.39 4.24
CA TYR C 70 9.26 38.39 5.17
C TYR C 70 9.11 37.04 4.51
N ARG C 71 9.47 36.00 5.25
CA ARG C 71 8.90 34.68 5.05
C ARG C 71 7.70 34.61 5.97
N GLU C 72 6.49 34.55 5.39
CA GLU C 72 5.28 34.80 6.16
C GLU C 72 5.15 33.86 7.35
N LEU C 73 4.60 34.37 8.44
CA LEU C 73 4.26 33.60 9.62
C LEU C 73 3.51 32.32 9.25
N HIS C 74 4.00 31.19 9.74
CA HIS C 74 3.46 29.91 9.30
C HIS C 74 3.87 28.81 10.28
N TRP C 75 3.33 27.61 10.02
CA TRP C 75 3.71 26.38 10.72
C TRP C 75 3.43 25.22 9.78
N HIS C 76 3.93 24.03 10.16
CA HIS C 76 3.67 22.84 9.37
C HIS C 76 3.78 21.60 10.23
N LYS C 77 3.22 20.51 9.71
CA LYS C 77 3.23 19.22 10.39
C LYS C 77 4.66 18.69 10.59
N GLU C 78 5.56 19.04 9.68
CA GLU C 78 6.93 18.53 9.67
C GLU C 78 7.84 19.43 10.49
N ALA C 79 9.01 18.90 10.82
CA ALA C 79 10.04 19.67 11.50
C ALA C 79 10.94 20.36 10.48
N GLU C 80 11.42 21.55 10.85
CA GLU C 80 12.28 22.39 10.03
C GLU C 80 13.68 22.39 10.60
N TRP C 81 14.67 22.10 9.75
CA TRP C 81 16.07 22.27 10.08
C TRP C 81 16.70 23.13 8.99
N ALA C 82 17.42 24.17 9.40
CA ALA C 82 17.89 25.16 8.45
C ALA C 82 19.36 25.47 8.64
N PHE C 83 20.08 25.54 7.51
CA PHE C 83 21.46 25.97 7.44
C PHE C 83 21.50 27.29 6.67
N MET C 84 22.16 28.28 7.25
CA MET C 84 22.22 29.61 6.66
C MET C 84 23.31 29.66 5.59
N ILE C 85 22.91 29.77 4.32
CA ILE C 85 23.91 29.75 3.25
C ILE C 85 24.63 31.10 3.18
N ALA C 86 23.87 32.19 3.16
CA ALA C 86 24.49 33.50 2.96
C ALA C 86 23.57 34.58 3.50
N GLY C 87 24.18 35.69 3.90
CA GLY C 87 23.44 36.84 4.39
C GLY C 87 23.22 36.79 5.88
N ASN C 88 22.16 37.46 6.31
CA ASN C 88 21.74 37.46 7.70
C ASN C 88 20.22 37.53 7.75
N ALA C 89 19.65 37.06 8.86
CA ALA C 89 18.20 37.07 9.01
C ALA C 89 17.81 37.03 10.48
N ARG C 90 16.55 37.34 10.74
CA ARG C 90 15.93 37.27 12.05
C ARG C 90 14.82 36.23 12.01
N VAL C 91 14.76 35.37 13.02
CA VAL C 91 13.69 34.39 13.14
C VAL C 91 12.96 34.62 14.46
N THR C 92 11.65 34.37 14.46
CA THR C 92 10.82 34.40 15.66
C THR C 92 10.00 33.12 15.76
N ALA C 93 9.67 32.73 17.00
CA ALA C 93 8.89 31.51 17.19
C ALA C 93 8.24 31.53 18.56
N LEU C 94 7.33 30.56 18.77
CA LEU C 94 6.62 30.34 20.02
C LEU C 94 6.55 28.84 20.28
N ASP C 95 6.78 28.42 21.53
CA ASP C 95 6.76 27.00 21.87
C ASP C 95 5.40 26.63 22.45
N ALA C 96 5.26 25.34 22.81
CA ALA C 96 3.97 24.83 23.24
C ALA C 96 3.59 25.30 24.64
N GLU C 97 4.57 25.73 25.43
CA GLU C 97 4.33 26.21 26.79
C GLU C 97 4.18 27.73 26.87
N GLY C 98 3.93 28.39 25.74
CA GLY C 98 3.70 29.83 25.75
C GLY C 98 4.94 30.67 25.85
N ARG C 99 6.11 30.05 25.69
CA ARG C 99 7.38 30.74 25.75
C ARG C 99 7.82 31.14 24.35
N SER C 100 8.42 32.34 24.23
CA SER C 100 8.73 32.95 22.96
C SER C 100 10.23 32.87 22.68
N PHE C 101 10.58 33.04 21.41
CA PHE C 101 11.98 33.01 20.99
C PHE C 101 12.17 34.00 19.86
N ILE C 102 13.30 34.70 19.87
CA ILE C 102 13.65 35.68 18.84
C ILE C 102 15.17 35.72 18.70
N ASP C 103 15.66 35.73 17.47
CA ASP C 103 17.11 35.79 17.30
C ASP C 103 17.48 36.23 15.89
N ASP C 104 18.71 36.70 15.77
CA ASP C 104 19.35 36.99 14.48
C ASP C 104 20.52 36.04 14.25
N ILE C 105 20.74 35.69 12.99
CA ILE C 105 21.76 34.72 12.60
C ILE C 105 22.37 35.16 11.30
N ASN C 106 23.59 34.67 11.05
CA ASN C 106 24.33 34.94 9.83
C ASN C 106 24.67 33.63 9.14
N ALA C 107 25.31 33.74 7.98
CA ALA C 107 25.69 32.59 7.18
C ALA C 107 26.50 31.58 7.99
N GLY C 108 26.18 30.29 7.79
CA GLY C 108 26.84 29.21 8.51
C GLY C 108 26.10 28.74 9.74
N ASP C 109 25.13 29.51 10.21
CA ASP C 109 24.35 29.18 11.39
C ASP C 109 23.14 28.34 11.00
N LEU C 110 22.51 27.78 12.02
CA LEU C 110 21.36 26.90 11.85
C LEU C 110 20.18 27.45 12.63
N TRP C 111 19.00 26.97 12.28
CA TRP C 111 17.86 27.05 13.17
C TRP C 111 17.06 25.76 13.07
N ASN C 112 16.13 25.58 14.00
CA ASN C 112 15.41 24.32 14.11
C ASN C 112 14.08 24.55 14.79
N PHE C 113 12.99 24.17 14.11
CA PHE C 113 11.64 24.21 14.66
C PHE C 113 11.04 22.81 14.58
N GLU C 114 10.81 22.19 15.73
CA GLU C 114 10.19 20.88 15.70
C GLU C 114 8.73 21.00 15.24
N ALA C 115 8.07 19.84 15.08
CA ALA C 115 6.76 19.77 14.42
C ALA C 115 5.74 20.74 15.01
N GLY C 116 5.11 21.52 14.14
CA GLY C 116 4.00 22.39 14.48
C GLY C 116 4.36 23.65 15.23
N ILE C 117 5.65 23.92 15.44
CA ILE C 117 6.09 25.13 16.14
C ILE C 117 6.00 26.30 15.17
N PRO C 118 5.20 27.31 15.45
CA PRO C 118 5.05 28.43 14.51
C PRO C 118 6.27 29.34 14.54
N HIS C 119 6.54 29.97 13.40
CA HIS C 119 7.77 30.75 13.28
C HIS C 119 7.68 31.74 12.12
N SER C 120 8.64 32.67 12.13
CA SER C 120 8.83 33.66 11.08
C SER C 120 10.32 33.81 10.75
N ILE C 121 10.56 34.26 9.52
CA ILE C 121 11.89 34.62 9.03
C ILE C 121 11.79 35.95 8.30
N GLN C 122 12.74 36.85 8.57
CA GLN C 122 12.85 38.12 7.87
C GLN C 122 14.30 38.41 7.55
N ALA C 123 14.60 38.69 6.27
CA ALA C 123 15.95 39.07 5.89
C ALA C 123 16.35 40.37 6.59
N LEU C 124 17.63 40.49 6.93
CA LEU C 124 18.12 41.74 7.49
C LEU C 124 18.80 42.53 6.37
N ASP C 125 19.76 43.39 6.73
CA ASP C 125 20.30 44.32 5.74
C ASP C 125 20.99 43.61 4.59
N GLN C 126 21.54 42.41 4.83
CA GLN C 126 22.31 41.70 3.82
C GLN C 126 21.43 40.92 2.84
N GLY C 127 20.15 40.70 3.15
CA GLY C 127 19.39 39.68 2.47
C GLY C 127 19.77 38.31 3.01
N CYS C 128 19.14 37.25 2.47
CA CYS C 128 19.50 35.92 2.93
C CYS C 128 19.19 34.87 1.89
N GLU C 129 20.00 33.82 1.88
CA GLU C 129 19.66 32.55 1.26
C GLU C 129 19.94 31.43 2.26
N PHE C 130 19.01 30.48 2.38
CA PHE C 130 19.15 29.38 3.34
C PHE C 130 18.54 28.10 2.78
N LEU C 131 19.05 26.98 3.32
CA LEU C 131 18.54 25.65 3.04
C LEU C 131 17.72 25.16 4.22
N LEU C 132 16.50 24.70 3.94
CA LEU C 132 15.62 24.12 4.93
C LEU C 132 15.48 22.64 4.65
N VAL C 133 15.48 21.83 5.70
CA VAL C 133 15.26 20.39 5.58
C VAL C 133 14.03 20.03 6.39
N PHE C 134 13.15 19.25 5.78
CA PHE C 134 11.86 18.91 6.35
C PHE C 134 11.79 17.40 6.52
N SER C 135 11.16 16.99 7.61
CA SER C 135 11.18 15.61 8.09
C SER C 135 10.17 14.70 7.39
N GLU C 136 9.65 15.08 6.22
CA GLU C 136 8.87 14.14 5.43
C GLU C 136 9.36 14.28 4.00
N PRO C 137 9.52 13.18 3.28
CA PRO C 137 10.09 13.26 1.93
C PRO C 137 9.18 13.90 0.91
N ASP C 138 7.88 14.02 1.23
CA ASP C 138 6.87 14.56 0.32
C ASP C 138 6.46 15.99 0.68
N PHE C 139 7.29 16.71 1.42
CA PHE C 139 6.98 18.07 1.82
C PHE C 139 6.79 18.98 0.59
N SER C 140 6.06 20.07 0.80
CA SER C 140 5.93 21.12 -0.21
C SER C 140 5.73 22.46 0.47
N GLU C 141 6.52 23.46 0.06
CA GLU C 141 6.41 24.81 0.59
C GLU C 141 5.07 25.46 0.28
N ASN C 142 4.41 25.04 -0.79
CA ASN C 142 3.11 25.58 -1.16
C ASN C 142 1.97 24.94 -0.36
N ASN C 143 2.31 24.12 0.64
CA ASN C 143 1.33 23.49 1.52
C ASN C 143 1.65 23.76 2.99
N THR C 144 2.16 24.95 3.30
CA THR C 144 2.41 25.29 4.69
C THR C 144 1.24 26.11 5.22
N PHE C 145 1.05 26.08 6.53
CA PHE C 145 -0.09 26.73 7.16
C PHE C 145 0.25 28.20 7.39
N LEU C 146 -0.34 29.08 6.58
CA LEU C 146 -0.01 30.49 6.56
C LEU C 146 -1.03 31.30 7.35
N LEU C 147 -0.52 32.27 8.11
CA LEU C 147 -1.37 33.12 8.95
C LEU C 147 -2.43 33.84 8.12
N THR C 148 -2.01 34.52 7.04
CA THR C 148 -2.96 35.28 6.25
C THR C 148 -3.95 34.38 5.54
N ASP C 149 -3.49 33.22 5.05
CA ASP C 149 -4.42 32.23 4.48
C ASP C 149 -5.44 31.78 5.52
N TRP C 150 -4.97 31.46 6.73
CA TRP C 150 -5.84 31.03 7.81
C TRP C 150 -6.94 32.06 8.07
N LEU C 151 -6.54 33.32 8.26
CA LEU C 151 -7.53 34.34 8.59
C LEU C 151 -8.40 34.68 7.38
N ALA C 152 -7.86 34.57 6.17
CA ALA C 152 -8.66 34.77 4.97
C ALA C 152 -9.75 33.72 4.86
N HIS C 153 -9.60 32.56 5.52
CA HIS C 153 -10.64 31.55 5.50
C HIS C 153 -11.25 31.31 6.88
N THR C 154 -11.28 32.35 7.73
CA THR C 154 -12.03 32.30 8.97
C THR C 154 -13.10 33.40 8.96
N PRO C 155 -14.32 33.10 9.38
CA PRO C 155 -15.37 34.13 9.36
C PRO C 155 -14.97 35.35 10.17
N LYS C 156 -15.31 36.54 9.65
CA LYS C 156 -14.87 37.77 10.29
C LYS C 156 -15.53 37.96 11.65
N ASP C 157 -16.76 37.46 11.82
CA ASP C 157 -17.37 37.49 13.15
C ASP C 157 -16.56 36.64 14.13
N ILE C 158 -16.07 35.48 13.68
CA ILE C 158 -15.26 34.61 14.53
C ILE C 158 -13.93 35.27 14.88
N ILE C 159 -13.23 35.79 13.87
CA ILE C 159 -11.95 36.44 14.13
C ILE C 159 -12.14 37.66 15.03
N ALA C 160 -13.24 38.39 14.85
CA ALA C 160 -13.53 39.52 15.73
C ALA C 160 -13.75 39.07 17.16
N ALA C 161 -14.53 38.01 17.35
CA ALA C 161 -14.72 37.47 18.70
C ALA C 161 -13.40 37.04 19.32
N ASN C 162 -12.54 36.41 18.51
CA ASN C 162 -11.23 35.97 18.99
C ASN C 162 -10.35 37.15 19.41
N PHE C 163 -10.22 38.14 18.53
CA PHE C 163 -9.42 39.33 18.80
C PHE C 163 -10.09 40.30 19.77
N LYS C 164 -11.35 40.05 20.14
CA LYS C 164 -12.07 40.89 21.10
C LYS C 164 -12.21 42.33 20.63
N VAL C 165 -12.38 42.53 19.31
CA VAL C 165 -12.51 43.84 18.71
C VAL C 165 -13.75 43.85 17.83
N ASP C 166 -13.99 45.00 17.20
CA ASP C 166 -15.11 45.10 16.27
C ASP C 166 -14.67 44.74 14.85
N GLU C 167 -15.64 44.29 14.05
CA GLU C 167 -15.37 43.70 12.72
C GLU C 167 -14.84 44.74 11.74
N SER C 168 -15.21 46.01 11.95
CA SER C 168 -14.80 47.05 11.04
C SER C 168 -13.31 47.24 11.05
N VAL C 169 -12.68 47.10 12.21
CA VAL C 169 -11.23 47.18 12.30
C VAL C 169 -10.57 46.18 11.37
N LEU C 170 -11.20 45.03 11.13
CA LEU C 170 -10.60 43.99 10.33
C LEU C 170 -10.95 44.11 8.86
N ALA C 171 -11.39 45.29 8.40
CA ALA C 171 -11.85 45.42 7.02
C ALA C 171 -10.73 45.16 6.02
N ASN C 172 -9.47 45.49 6.38
CA ASN C 172 -8.36 45.42 5.43
C ASN C 172 -7.51 44.16 5.57
N LEU C 173 -7.98 43.16 6.31
CA LEU C 173 -7.26 41.88 6.36
C LEU C 173 -7.13 41.32 4.96
N PRO C 174 -5.97 40.77 4.59
CA PRO C 174 -5.82 40.16 3.26
C PRO C 174 -6.83 39.05 3.01
N GLY C 175 -7.28 38.96 1.76
CA GLY C 175 -8.17 37.88 1.37
C GLY C 175 -7.45 36.79 0.62
N LYS C 176 -6.13 36.79 0.74
CA LYS C 176 -5.25 35.93 -0.03
C LYS C 176 -3.86 36.00 0.58
N GLU C 177 -3.17 34.87 0.58
CA GLU C 177 -1.86 34.79 1.24
C GLU C 177 -0.84 35.74 0.62
N LYS C 178 0.20 36.01 1.38
CA LYS C 178 1.36 36.75 0.90
C LYS C 178 2.59 35.88 0.73
N TYR C 179 2.77 34.89 1.61
CA TYR C 179 3.82 33.88 1.48
C TYR C 179 5.21 34.47 1.66
N ILE C 180 5.66 35.25 0.67
CA ILE C 180 6.95 35.95 0.72
C ILE C 180 6.70 37.37 0.24
N PHE C 181 6.91 38.35 1.12
CA PHE C 181 6.58 39.72 0.77
C PHE C 181 7.58 40.69 1.39
N ASN C 182 7.62 41.89 0.83
CA ASN C 182 8.63 42.88 1.19
C ASN C 182 8.26 43.60 2.49
N GLY C 183 9.27 44.03 3.24
CA GLY C 183 9.06 44.77 4.47
C GLY C 183 10.31 45.56 4.76
N GLU C 184 10.27 46.38 5.81
CA GLU C 184 11.49 47.10 6.14
C GLU C 184 12.31 46.32 7.16
N VAL C 185 13.63 46.45 7.03
CA VAL C 185 14.59 45.89 7.98
C VAL C 185 14.25 46.33 9.40
N PRO C 186 14.04 45.41 10.32
CA PRO C 186 13.58 45.78 11.64
C PRO C 186 14.74 46.32 12.47
N GLY C 187 14.37 46.87 13.61
CA GLY C 187 15.37 47.41 14.51
C GLY C 187 16.09 46.33 15.26
N PRO C 188 16.85 46.73 16.28
CA PRO C 188 17.48 45.74 17.15
C PRO C 188 16.45 44.95 17.92
N ILE C 189 16.86 43.74 18.32
CA ILE C 189 15.98 42.85 19.04
C ILE C 189 15.45 43.52 20.31
N SER C 190 16.32 44.21 21.06
CA SER C 190 15.90 44.79 22.34
C SER C 190 14.87 45.90 22.15
N GLU C 191 14.96 46.60 21.04
CA GLU C 191 13.97 47.54 20.54
C GLU C 191 12.70 46.94 19.95
N VAL C 192 12.69 45.68 19.57
CA VAL C 192 11.46 45.17 18.99
C VAL C 192 10.81 44.05 19.82
N LYS C 193 11.59 43.46 20.72
CA LYS C 193 11.11 42.29 21.45
C LYS C 193 9.91 42.61 22.33
N LYS C 194 8.88 41.78 22.23
CA LYS C 194 7.66 41.99 22.98
C LYS C 194 7.72 41.24 24.30
N ASN C 195 7.07 41.80 25.31
CA ASN C 195 7.10 41.25 26.65
C ASN C 195 6.19 40.04 26.77
N ASN C 196 6.72 38.98 27.41
CA ASN C 196 6.03 37.71 27.58
C ASN C 196 6.18 37.24 29.02
N PRO C 197 5.09 37.20 29.81
CA PRO C 197 5.21 36.76 31.21
C PRO C 197 5.74 35.34 31.39
N ASN C 198 5.67 34.49 30.37
CA ASN C 198 6.23 33.15 30.43
C ASN C 198 7.73 33.11 30.19
N GLY C 199 8.31 34.21 29.73
CA GLY C 199 9.74 34.25 29.48
C GLY C 199 10.07 33.59 28.15
N ASP C 200 11.37 33.41 27.96
CA ASP C 200 11.90 32.82 26.73
C ASP C 200 11.94 31.29 26.84
N VAL C 201 12.13 30.65 25.70
CA VAL C 201 12.24 29.19 25.64
C VAL C 201 13.53 28.77 26.33
N PRO C 202 13.55 27.63 27.03
CA PRO C 202 14.71 27.31 27.88
C PRO C 202 16.00 27.03 27.11
N SER C 203 15.93 26.57 25.87
CA SER C 203 17.11 26.34 25.04
C SER C 203 16.81 26.90 23.65
N PRO C 204 17.77 27.59 23.04
CA PRO C 204 17.47 28.34 21.81
C PRO C 204 17.08 27.42 20.66
N PHE C 205 16.18 27.92 19.81
CA PHE C 205 15.81 27.27 18.56
C PHE C 205 16.80 27.55 17.45
N THR C 206 17.99 27.98 17.84
CA THR C 206 19.01 28.47 16.92
C THR C 206 20.34 27.91 17.37
N PHE C 207 21.27 27.77 16.42
CA PHE C 207 22.61 27.30 16.74
C PHE C 207 23.65 28.17 16.00
N HIS C 208 24.47 28.86 16.77
CA HIS C 208 25.53 29.73 16.25
C HIS C 208 26.80 28.91 16.07
N MET C 209 27.27 28.83 14.82
CA MET C 209 28.31 27.87 14.44
C MET C 209 29.75 28.17 14.91
N ASN C 210 30.16 29.41 15.30
CA ASN C 210 31.55 29.51 15.81
C ASN C 210 31.64 28.84 17.16
N ASP C 211 30.50 28.72 17.82
CA ASP C 211 30.47 28.20 19.20
C ASP C 211 30.83 26.75 19.29
N LEU C 212 31.20 26.14 18.16
CA LEU C 212 31.40 24.71 18.04
C LEU C 212 32.72 24.48 17.34
N LYS C 213 33.53 23.73 17.89
CA LYS C 213 34.65 23.60 17.00
C LYS C 213 34.71 22.20 16.39
N PRO C 214 35.17 22.14 15.15
CA PRO C 214 35.10 20.95 14.32
C PRO C 214 36.18 19.95 14.61
N HIS C 215 35.80 18.69 14.46
CA HIS C 215 36.78 17.63 14.39
C HIS C 215 37.58 17.76 13.10
N GLU C 216 38.89 17.74 13.24
CA GLU C 216 39.79 17.91 12.11
C GLU C 216 40.34 16.54 11.73
N PHE C 217 40.26 16.21 10.45
CA PHE C 217 40.90 15.03 9.91
C PHE C 217 41.93 15.50 8.89
N GLU C 218 42.45 14.56 8.12
CA GLU C 218 43.62 14.85 7.29
C GLU C 218 43.30 15.86 6.20
N ALA C 219 42.23 15.61 5.46
CA ALA C 219 41.91 16.45 4.31
C ALA C 219 40.95 17.60 4.60
N GLY C 220 40.43 17.69 5.84
CA GLY C 220 39.48 18.74 6.11
C GLY C 220 38.92 18.71 7.52
N LYS C 221 37.73 19.29 7.66
CA LYS C 221 37.07 19.53 8.92
C LYS C 221 35.63 19.02 8.89
N VAL C 222 35.10 18.67 10.06
CA VAL C 222 33.71 18.25 10.17
C VAL C 222 33.12 18.86 11.44
N TRP C 223 32.04 19.61 11.27
CA TRP C 223 31.20 20.07 12.37
C TRP C 223 30.04 19.11 12.53
N ILE C 224 29.87 18.54 13.72
CA ILE C 224 28.79 17.60 14.01
C ILE C 224 27.77 18.33 14.88
N ILE C 225 26.54 18.47 14.37
CA ILE C 225 25.47 19.13 15.10
C ILE C 225 24.34 18.12 15.22
N ASP C 226 24.24 17.50 16.40
CA ASP C 226 23.12 16.64 16.77
C ASP C 226 22.64 17.06 18.16
N SER C 227 21.75 16.26 18.75
CA SER C 227 20.90 16.67 19.88
C SER C 227 21.71 16.96 21.13
N LYS C 228 22.90 16.34 21.18
CA LYS C 228 23.97 16.41 22.18
C LYS C 228 24.71 17.72 22.06
N VAL C 229 24.53 18.41 20.94
CA VAL C 229 25.06 19.75 20.71
C VAL C 229 23.97 20.82 20.66
N PHE C 230 22.74 20.44 20.28
CA PHE C 230 21.69 21.39 19.88
C PHE C 230 20.39 20.86 20.46
N PRO C 231 20.15 21.04 21.77
CA PRO C 231 19.17 20.18 22.47
C PRO C 231 17.77 20.16 21.88
N VAL C 232 17.29 21.26 21.28
CA VAL C 232 15.94 21.27 20.72
C VAL C 232 15.85 20.42 19.45
N ALA C 233 16.99 20.12 18.81
CA ALA C 233 16.99 19.41 17.53
C ALA C 233 16.84 17.91 17.81
N GLN C 234 15.60 17.51 18.10
CA GLN C 234 15.27 16.14 18.46
C GLN C 234 14.84 15.30 17.25
N THR C 235 14.81 15.86 16.05
CA THR C 235 14.30 15.12 14.89
C THR C 235 15.32 15.01 13.77
N ILE C 236 16.08 16.07 13.49
CA ILE C 236 17.04 16.13 12.41
C ILE C 236 18.41 16.49 12.96
N SER C 237 19.45 15.83 12.47
CA SER C 237 20.83 16.14 12.83
C SER C 237 21.64 16.26 11.54
N ALA C 238 22.87 16.78 11.66
CA ALA C 238 23.64 17.01 10.46
C ALA C 238 25.13 17.06 10.79
N ALA C 239 25.93 16.96 9.73
CA ALA C 239 27.36 17.16 9.76
C ALA C 239 27.72 18.06 8.59
N ILE C 240 28.34 19.18 8.88
CA ILE C 240 28.89 20.06 7.86
C ILE C 240 30.33 19.66 7.62
N VAL C 241 30.65 19.29 6.38
CA VAL C 241 31.96 18.76 6.03
C VAL C 241 32.63 19.71 5.04
N GLU C 242 33.89 20.03 5.31
CA GLU C 242 34.74 20.81 4.41
C GLU C 242 35.98 19.98 4.11
N ILE C 243 36.26 19.74 2.84
CA ILE C 243 37.37 18.89 2.42
C ILE C 243 38.24 19.64 1.42
N GLN C 244 39.52 19.74 1.70
CA GLN C 244 40.42 20.44 0.81
C GLN C 244 40.65 19.64 -0.47
N PRO C 245 41.08 20.30 -1.55
CA PRO C 245 41.36 19.59 -2.81
C PRO C 245 42.35 18.45 -2.65
N GLY C 246 42.11 17.38 -3.40
CA GLY C 246 42.89 16.15 -3.32
C GLY C 246 42.56 15.27 -2.14
N GLY C 247 41.73 15.74 -1.22
CA GLY C 247 41.34 14.96 -0.07
C GLY C 247 40.04 14.22 -0.30
N MET C 248 39.63 13.48 0.73
CA MET C 248 38.49 12.60 0.56
C MET C 248 37.87 12.26 1.90
N ARG C 249 36.54 12.21 1.92
CA ARG C 249 35.81 11.66 3.06
C ARG C 249 35.84 10.13 2.93
N GLU C 250 36.54 9.49 3.88
CA GLU C 250 36.93 8.10 3.76
C GLU C 250 35.72 7.17 3.67
N LEU C 251 35.97 5.95 3.17
CA LEU C 251 34.94 4.93 3.04
C LEU C 251 34.29 4.67 4.39
N HIS C 252 32.97 4.77 4.45
CA HIS C 252 32.25 4.69 5.71
C HIS C 252 30.78 4.41 5.43
N TRP C 253 30.02 4.18 6.50
CA TRP C 253 28.56 4.12 6.40
C TRP C 253 27.95 4.58 7.71
N HIS C 254 26.65 4.87 7.66
CA HIS C 254 25.88 5.31 8.82
C HIS C 254 24.97 4.20 9.28
N PRO C 255 25.12 3.69 10.51
CA PRO C 255 24.41 2.46 10.89
C PRO C 255 22.92 2.63 11.12
N LYS C 256 22.41 3.86 11.28
CA LYS C 256 21.03 4.02 11.73
C LYS C 256 20.10 4.67 10.72
N SER C 257 20.60 5.34 9.68
CA SER C 257 19.67 6.11 8.87
C SER C 257 20.22 6.33 7.47
N GLU C 258 19.27 6.58 6.56
CA GLU C 258 19.55 7.15 5.25
C GLU C 258 20.21 8.52 5.40
N GLU C 259 20.97 8.92 4.40
CA GLU C 259 21.66 10.21 4.41
C GLU C 259 21.13 11.11 3.29
N TRP C 260 20.96 12.39 3.60
CA TRP C 260 20.45 13.38 2.65
C TRP C 260 21.48 14.51 2.58
N ASP C 261 21.99 14.78 1.39
CA ASP C 261 23.12 15.69 1.24
C ASP C 261 22.73 16.94 0.47
N TYR C 262 23.31 18.06 0.87
CA TYR C 262 23.28 19.28 0.06
C TYR C 262 24.71 19.77 -0.12
N PHE C 263 25.11 19.99 -1.37
CA PHE C 263 26.47 20.42 -1.65
C PHE C 263 26.50 21.94 -1.75
N VAL C 264 27.17 22.57 -0.78
CA VAL C 264 27.21 24.03 -0.72
C VAL C 264 28.16 24.59 -1.77
N GLN C 265 29.35 24.01 -1.90
CA GLN C 265 30.42 24.54 -2.73
C GLN C 265 31.34 23.41 -3.17
N GLY C 266 31.81 23.46 -4.41
CA GLY C 266 32.83 22.56 -4.88
C GLY C 266 32.27 21.51 -5.82
N HIS C 267 33.15 20.55 -6.15
CA HIS C 267 32.88 19.41 -7.03
C HIS C 267 33.33 18.14 -6.34
N ALA C 268 32.49 17.11 -6.37
CA ALA C 268 32.76 15.84 -5.69
C ALA C 268 32.44 14.65 -6.59
N LYS C 269 33.16 13.56 -6.36
CA LYS C 269 32.84 12.23 -6.89
C LYS C 269 32.33 11.39 -5.73
N VAL C 270 31.12 10.88 -5.86
CA VAL C 270 30.45 10.16 -4.77
C VAL C 270 30.19 8.72 -5.21
N GLY C 271 30.67 7.77 -4.42
CA GLY C 271 30.47 6.36 -4.70
C GLY C 271 29.60 5.72 -3.62
N VAL C 272 28.56 4.99 -4.07
CA VAL C 272 27.60 4.34 -3.20
C VAL C 272 27.54 2.86 -3.53
N PHE C 273 27.66 2.03 -2.50
CA PHE C 273 27.53 0.57 -2.61
C PHE C 273 26.39 0.16 -1.68
N ASN C 274 25.25 -0.14 -2.27
CA ASN C 274 24.22 -0.93 -1.60
C ASN C 274 24.71 -2.37 -1.54
N SER C 275 23.88 -3.27 -1.04
CA SER C 275 24.26 -4.67 -0.91
C SER C 275 24.35 -5.33 -2.29
N ALA C 276 24.51 -6.65 -2.31
CA ALA C 276 24.18 -7.49 -3.47
C ALA C 276 24.82 -6.99 -4.76
N SER C 277 26.13 -6.73 -4.71
CA SER C 277 26.91 -6.33 -5.89
C SER C 277 26.40 -5.05 -6.53
N LEU C 278 25.67 -4.22 -5.79
CA LEU C 278 25.13 -2.96 -6.29
C LEU C 278 26.09 -1.83 -5.99
N ALA C 279 26.48 -1.09 -7.03
CA ALA C 279 27.40 0.04 -6.87
C ALA C 279 27.12 1.07 -7.96
N ARG C 280 27.15 2.34 -7.58
CA ARG C 280 27.02 3.42 -8.55
C ARG C 280 27.85 4.63 -8.11
N THR C 281 28.35 5.36 -9.09
CA THR C 281 29.16 6.57 -8.84
C THR C 281 28.52 7.75 -9.57
N PHE C 282 28.47 8.89 -8.87
CA PHE C 282 27.87 10.12 -9.37
C PHE C 282 28.87 11.26 -9.21
N ASN C 283 28.71 12.29 -10.04
CA ASN C 283 29.43 13.54 -9.85
C ASN C 283 28.45 14.58 -9.29
N PHE C 284 28.83 15.21 -8.19
CA PHE C 284 28.03 16.23 -7.54
C PHE C 284 28.73 17.58 -7.63
N GLN C 285 27.93 18.65 -7.60
CA GLN C 285 28.46 20.00 -7.60
C GLN C 285 27.59 20.87 -6.71
N ALA C 286 27.98 22.14 -6.59
CA ALA C 286 27.48 23.05 -5.56
C ALA C 286 25.98 23.35 -5.53
N GLY C 287 25.16 22.73 -6.37
CA GLY C 287 23.75 23.06 -6.27
C GLY C 287 22.91 21.83 -6.00
N ASP C 288 23.59 20.71 -5.87
CA ASP C 288 22.98 19.40 -5.90
C ASP C 288 22.55 18.89 -4.53
N VAL C 289 21.45 18.13 -4.53
CA VAL C 289 21.00 17.30 -3.43
C VAL C 289 21.32 15.86 -3.79
N GLY C 290 21.84 15.11 -2.81
CA GLY C 290 22.11 13.71 -3.00
C GLY C 290 21.45 12.88 -1.92
N VAL C 291 21.38 11.58 -2.16
CA VAL C 291 20.84 10.63 -1.19
C VAL C 291 21.75 9.42 -1.12
N ILE C 292 22.05 8.98 0.10
CA ILE C 292 22.72 7.71 0.34
C ILE C 292 21.71 6.79 1.01
N PRO C 293 21.41 5.63 0.41
CA PRO C 293 20.50 4.68 1.05
C PRO C 293 21.02 4.30 2.44
N ILE C 294 20.12 3.75 3.25
CA ILE C 294 20.45 3.42 4.62
C ILE C 294 21.60 2.42 4.67
N VAL C 295 22.52 2.63 5.62
CA VAL C 295 23.71 1.82 5.89
C VAL C 295 24.54 1.52 4.65
N ALA C 296 24.21 2.14 3.53
CA ALA C 296 24.99 1.93 2.31
C ALA C 296 26.40 2.47 2.49
N GLY C 297 27.38 1.76 1.94
CA GLY C 297 28.76 2.20 2.05
C GLY C 297 29.04 3.25 0.98
N HIS C 298 29.77 4.29 1.37
CA HIS C 298 29.96 5.37 0.41
C HIS C 298 31.24 6.13 0.71
N TYR C 299 31.71 6.83 -0.31
CA TYR C 299 32.81 7.78 -0.19
C TYR C 299 32.48 9.05 -0.96
N ILE C 300 33.13 10.15 -0.58
CA ILE C 300 32.97 11.45 -1.23
C ILE C 300 34.36 12.05 -1.42
N GLN C 301 34.81 12.12 -2.66
CA GLN C 301 36.15 12.61 -3.01
C GLN C 301 36.07 13.99 -3.65
N ASN C 302 36.96 14.89 -3.24
CA ASN C 302 37.06 16.19 -3.88
C ASN C 302 37.75 16.07 -5.23
N ILE C 303 37.07 16.54 -6.28
CA ILE C 303 37.63 16.50 -7.63
C ILE C 303 37.68 17.90 -8.22
N GLY C 304 37.65 18.92 -7.37
CA GLY C 304 37.80 20.29 -7.83
C GLY C 304 38.98 20.98 -7.18
N ASP C 305 39.23 22.24 -7.53
CA ASP C 305 40.39 22.97 -6.98
C ASP C 305 40.07 23.83 -5.76
N GLU C 306 38.80 24.02 -5.43
CA GLU C 306 38.35 24.75 -4.26
C GLU C 306 37.87 23.79 -3.18
N PRO C 307 37.80 24.23 -1.92
CA PRO C 307 37.30 23.34 -0.87
C PRO C 307 35.87 22.89 -1.16
N LEU C 308 35.65 21.60 -0.93
CA LEU C 308 34.33 21.00 -1.13
C LEU C 308 33.58 21.05 0.19
N ILE C 309 32.46 21.76 0.22
CA ILE C 309 31.65 21.93 1.42
C ILE C 309 30.29 21.32 1.16
N PHE C 310 29.83 20.48 2.09
CA PHE C 310 28.51 19.89 1.95
C PHE C 310 27.96 19.55 3.33
N LEU C 311 26.66 19.28 3.36
CA LEU C 311 25.96 18.85 4.57
C LEU C 311 25.44 17.43 4.38
N GLU C 312 25.80 16.55 5.30
CA GLU C 312 25.14 15.27 5.50
C GLU C 312 24.05 15.48 6.56
N VAL C 313 22.80 15.22 6.19
CA VAL C 313 21.67 15.47 7.07
C VAL C 313 20.93 14.16 7.26
N PHE C 314 20.39 13.96 8.47
CA PHE C 314 19.80 12.69 8.85
C PHE C 314 18.56 12.93 9.70
N LYS C 315 17.56 12.09 9.49
CA LYS C 315 16.36 12.06 10.34
C LYS C 315 16.67 11.17 11.54
N ASN C 316 17.35 11.77 12.52
CA ASN C 316 17.93 11.04 13.63
C ASN C 316 18.46 12.08 14.62
N PRO C 317 18.07 12.02 15.90
CA PRO C 317 18.60 13.00 16.85
C PRO C 317 20.07 12.84 17.13
N ILE C 318 20.64 11.67 16.83
CA ILE C 318 22.04 11.37 17.12
C ILE C 318 22.78 11.11 15.83
N TYR C 319 23.90 11.80 15.64
CA TYR C 319 24.80 11.47 14.55
C TYR C 319 25.62 10.24 14.92
N SER C 320 25.82 9.36 13.95
CA SER C 320 26.71 8.20 14.12
C SER C 320 27.19 7.75 12.76
N ASP C 321 28.42 7.27 12.69
CA ASP C 321 28.92 6.65 11.48
C ASP C 321 29.99 5.62 11.84
N ILE C 322 30.39 4.84 10.84
CA ILE C 322 31.36 3.77 10.99
C ILE C 322 32.34 3.83 9.83
N SER C 323 33.63 3.96 10.13
CA SER C 323 34.67 4.06 9.11
C SER C 323 35.30 2.69 8.86
N LEU C 324 35.55 2.40 7.58
CA LEU C 324 36.14 1.12 7.19
C LEU C 324 37.52 0.93 7.80
N ASN C 325 38.34 1.97 7.75
CA ASN C 325 39.69 1.89 8.31
C ASN C 325 39.65 1.54 9.79
N LYS C 326 38.74 2.16 10.54
CA LYS C 326 38.60 1.82 11.96
C LYS C 326 38.14 0.38 12.14
N TRP C 327 37.19 -0.07 11.30
CA TRP C 327 36.70 -1.43 11.37
C TRP C 327 37.84 -2.44 11.19
N LEU C 328 38.67 -2.21 10.19
CA LEU C 328 39.80 -3.10 9.96
C LEU C 328 40.87 -2.98 11.02
N ALA C 329 41.08 -1.78 11.56
CA ALA C 329 42.12 -1.59 12.57
C ALA C 329 41.82 -2.38 13.84
N THR C 330 40.55 -2.51 14.21
CA THR C 330 40.15 -3.25 15.41
C THR C 330 39.91 -4.74 15.13
N SER C 331 39.97 -5.17 13.88
CA SER C 331 39.75 -6.58 13.60
C SER C 331 41.06 -7.35 13.63
N PRO C 332 41.07 -8.58 14.14
CA PRO C 332 42.31 -9.37 14.18
C PRO C 332 42.99 -9.41 12.82
N THR C 333 44.32 -9.26 12.83
CA THR C 333 45.06 -9.04 11.58
C THR C 333 44.97 -10.25 10.66
N GLN C 334 45.06 -11.46 11.22
CA GLN C 334 44.95 -12.64 10.38
C GLN C 334 43.59 -12.71 9.69
N MET C 335 42.55 -12.23 10.36
CA MET C 335 41.21 -12.23 9.76
C MET C 335 41.13 -11.28 8.58
N VAL C 336 41.57 -10.03 8.75
CA VAL C 336 41.55 -9.07 7.65
C VAL C 336 42.43 -9.57 6.51
N SER C 337 43.53 -10.26 6.83
CA SER C 337 44.41 -10.78 5.79
C SER C 337 43.74 -11.90 5.02
N ASP C 338 43.12 -12.85 5.72
CA ASP C 338 42.36 -13.91 5.06
C ASP C 338 41.21 -13.34 4.24
N HIS C 339 40.66 -12.20 4.66
CA HIS C 339 39.59 -11.58 3.91
C HIS C 339 40.09 -10.97 2.62
N LEU C 340 41.15 -10.17 2.69
CA LEU C 340 41.55 -9.29 1.59
C LEU C 340 42.65 -9.88 0.69
N ASN C 341 43.13 -11.10 0.98
CA ASN C 341 44.23 -11.74 0.23
C ASN C 341 45.46 -10.85 0.20
N ILE C 342 45.76 -10.19 1.31
CA ILE C 342 46.94 -9.33 1.41
C ILE C 342 47.71 -9.74 2.66
N SER C 343 49.01 -9.48 2.64
CA SER C 343 49.82 -9.96 3.74
C SER C 343 49.46 -9.25 5.05
N PRO C 344 49.64 -9.93 6.17
CA PRO C 344 49.44 -9.28 7.48
C PRO C 344 50.29 -8.03 7.64
N GLU C 345 51.51 -8.04 7.10
CA GLU C 345 52.42 -6.89 7.20
C GLU C 345 51.85 -5.67 6.50
N THR C 346 51.36 -5.87 5.28
CA THR C 346 50.64 -4.85 4.54
C THR C 346 49.32 -4.46 5.14
N VAL C 347 48.59 -5.36 5.79
CA VAL C 347 47.41 -4.92 6.53
C VAL C 347 47.82 -3.96 7.64
N GLU C 348 48.93 -4.29 8.31
CA GLU C 348 49.40 -3.56 9.49
C GLU C 348 49.71 -2.10 9.22
N GLN C 349 49.79 -1.68 7.97
CA GLN C 349 50.14 -0.31 7.63
C GLN C 349 48.94 0.52 7.17
N PHE C 350 47.73 -0.05 7.21
CA PHE C 350 46.56 0.73 6.87
C PHE C 350 46.32 1.74 8.00
N PRO C 351 45.59 2.83 7.70
CA PRO C 351 45.38 3.84 8.74
C PRO C 351 44.61 3.26 9.91
N LYS C 352 44.85 3.84 11.09
CA LYS C 352 44.30 3.31 12.31
C LYS C 352 43.58 4.41 13.09
N VAL D 15 13.49 31.25 -15.89
CA VAL D 15 12.48 32.17 -15.35
C VAL D 15 11.11 31.73 -15.84
N PRO D 16 10.31 31.18 -14.93
CA PRO D 16 9.03 30.56 -15.33
C PRO D 16 7.99 31.61 -15.66
N PRO D 17 6.99 31.26 -16.46
CA PRO D 17 5.87 32.18 -16.71
C PRO D 17 5.05 32.43 -15.45
N ILE D 18 4.47 33.62 -15.38
CA ILE D 18 3.50 33.94 -14.34
C ILE D 18 2.29 33.05 -14.41
N THR D 19 2.04 32.44 -15.55
CA THR D 19 0.82 31.66 -15.64
C THR D 19 0.95 30.34 -14.93
N ASP D 20 2.15 29.98 -14.51
CA ASP D 20 2.44 28.84 -13.67
C ASP D 20 1.99 29.09 -12.23
N HIS D 21 1.67 28.00 -11.55
CA HIS D 21 1.09 28.06 -10.20
C HIS D 21 1.06 26.65 -9.63
N GLY D 22 1.28 26.55 -8.32
CA GLY D 22 1.06 25.32 -7.59
C GLY D 22 2.16 24.30 -7.72
N THR D 23 1.97 23.19 -6.99
CA THR D 23 2.94 22.10 -6.92
C THR D 23 2.63 21.03 -7.95
N VAL D 24 3.46 20.95 -8.98
CA VAL D 24 3.44 19.86 -9.95
C VAL D 24 4.77 19.15 -9.85
N SER D 25 4.75 17.81 -9.90
CA SER D 25 5.99 17.06 -9.85
C SER D 25 6.91 17.44 -11.00
N ASN D 26 8.20 17.15 -10.84
CA ASN D 26 9.11 17.25 -11.96
C ASN D 26 8.69 16.28 -13.05
N LEU D 27 8.71 16.75 -14.30
CA LEU D 27 8.24 15.96 -15.44
C LEU D 27 9.32 15.76 -16.49
N ARG D 28 10.56 16.15 -16.19
CA ARG D 28 11.64 16.11 -17.18
C ARG D 28 12.83 15.40 -16.57
N PHE D 29 13.45 14.52 -17.36
CA PHE D 29 14.69 13.87 -16.95
C PHE D 29 15.52 13.60 -18.19
N SER D 30 16.80 13.96 -18.12
CA SER D 30 17.68 13.83 -19.28
C SER D 30 18.39 12.49 -19.23
N PHE D 31 18.43 11.81 -20.38
CA PHE D 31 19.16 10.55 -20.49
C PHE D 31 20.64 10.75 -20.16
N SER D 32 21.17 11.95 -20.42
CA SER D 32 22.56 12.24 -20.11
C SER D 32 22.83 12.28 -18.61
N ASP D 33 21.79 12.38 -17.79
CA ASP D 33 21.94 12.31 -16.34
C ASP D 33 21.71 10.90 -15.82
N ALA D 34 21.46 9.93 -16.70
CA ALA D 34 21.25 8.55 -16.32
C ALA D 34 22.58 7.80 -16.37
N HIS D 35 22.76 6.86 -15.44
CA HIS D 35 23.97 6.07 -15.37
C HIS D 35 24.12 5.17 -16.59
N MET D 36 25.36 5.03 -17.06
CA MET D 36 25.66 4.33 -18.30
C MET D 36 26.32 2.98 -18.02
N ARG D 37 25.63 1.91 -18.38
CA ARG D 37 26.20 0.56 -18.38
C ARG D 37 26.96 0.34 -19.68
N ILE D 38 28.30 0.16 -19.58
CA ILE D 38 29.18 -0.01 -20.73
C ILE D 38 29.62 -1.47 -20.86
N GLU D 39 29.53 -2.03 -22.07
CA GLU D 39 29.94 -3.40 -22.35
C GLU D 39 30.78 -3.43 -23.62
N GLU D 40 31.58 -4.51 -23.76
CA GLU D 40 32.26 -4.75 -25.02
C GLU D 40 31.22 -4.89 -26.13
N GLY D 41 31.11 -3.87 -26.98
CA GLY D 41 30.12 -3.87 -28.04
C GLY D 41 28.91 -2.98 -27.83
N GLY D 42 28.77 -2.20 -26.76
CA GLY D 42 27.63 -1.32 -26.68
C GLY D 42 27.43 -0.74 -25.30
N TRP D 43 26.43 0.12 -25.18
CA TRP D 43 26.11 0.72 -23.89
C TRP D 43 24.61 0.92 -23.75
N THR D 44 24.19 1.14 -22.51
CA THR D 44 22.79 1.20 -22.14
C THR D 44 22.57 2.24 -21.05
N ARG D 45 21.42 2.89 -21.06
CA ARG D 45 21.03 3.77 -19.97
C ARG D 45 19.51 3.84 -19.94
N GLU D 46 18.95 4.09 -18.76
CA GLU D 46 17.50 4.02 -18.62
C GLU D 46 16.95 5.19 -17.82
N VAL D 47 15.69 5.52 -18.08
CA VAL D 47 14.93 6.52 -17.35
C VAL D 47 13.65 5.85 -16.86
N THR D 48 13.52 5.66 -15.56
CA THR D 48 12.38 4.98 -14.96
C THR D 48 11.81 5.82 -13.82
N ASN D 49 10.81 5.29 -13.09
CA ASN D 49 10.28 6.04 -11.96
C ASN D 49 11.24 6.11 -10.78
N ARG D 50 12.39 5.43 -10.86
CA ARG D 50 13.47 5.71 -9.93
C ARG D 50 14.20 6.99 -10.32
N GLU D 51 13.95 7.50 -11.52
CA GLU D 51 14.43 8.79 -11.98
C GLU D 51 13.31 9.80 -12.20
N LEU D 52 12.12 9.32 -12.53
CA LEU D 52 11.00 10.18 -12.95
C LEU D 52 9.72 9.62 -12.34
N PRO D 53 9.49 9.87 -11.05
CA PRO D 53 8.36 9.23 -10.35
C PRO D 53 6.99 9.61 -10.90
N ALA D 54 6.88 10.71 -11.67
CA ALA D 54 5.62 11.05 -12.30
C ALA D 54 5.24 10.07 -13.40
N SER D 55 6.17 9.22 -13.82
CA SER D 55 5.92 8.20 -14.83
C SER D 55 5.25 7.02 -14.13
N HIS D 56 4.01 6.72 -14.52
CA HIS D 56 3.24 5.67 -13.89
C HIS D 56 2.97 4.50 -14.81
N ASP D 57 3.22 4.65 -16.11
CA ASP D 57 2.94 3.60 -17.08
C ASP D 57 4.19 3.00 -17.70
N LEU D 58 5.12 3.83 -18.18
CA LEU D 58 6.16 3.38 -19.09
C LEU D 58 7.54 3.71 -18.56
N ALA D 59 8.53 2.99 -19.09
CA ALA D 59 9.93 3.26 -18.78
C ALA D 59 10.74 3.26 -20.06
N GLY D 60 11.83 4.02 -20.05
CA GLY D 60 12.64 4.23 -21.25
C GLY D 60 14.04 3.68 -21.11
N VAL D 61 14.56 3.17 -22.22
CA VAL D 61 15.94 2.71 -22.33
C VAL D 61 16.52 3.29 -23.60
N ASP D 62 17.70 3.88 -23.50
CA ASP D 62 18.46 4.34 -24.65
C ASP D 62 19.63 3.37 -24.79
N MET D 63 19.67 2.64 -25.90
CA MET D 63 20.67 1.59 -26.08
C MET D 63 21.40 1.79 -27.41
N CYS D 64 22.70 1.48 -27.40
CA CYS D 64 23.54 1.66 -28.57
C CYS D 64 24.44 0.45 -28.73
N LEU D 65 24.51 -0.10 -29.95
CA LEU D 65 25.27 -1.30 -30.27
C LEU D 65 26.28 -1.05 -31.38
N LYS D 66 27.49 -1.55 -31.16
CA LYS D 66 28.55 -1.51 -32.15
C LYS D 66 28.26 -2.48 -33.30
N PRO D 67 28.82 -2.24 -34.48
CA PRO D 67 28.56 -3.12 -35.63
C PRO D 67 28.79 -4.59 -35.30
N GLY D 68 27.77 -5.40 -35.56
CA GLY D 68 27.83 -6.83 -35.30
C GLY D 68 27.57 -7.22 -33.87
N ALA D 69 27.39 -6.26 -32.97
CA ALA D 69 27.24 -6.57 -31.55
C ALA D 69 25.83 -7.05 -31.26
N TYR D 70 25.71 -8.01 -30.34
CA TYR D 70 24.43 -8.58 -29.93
C TYR D 70 23.90 -7.90 -28.69
N ARG D 71 22.59 -7.67 -28.68
CA ARG D 71 21.85 -7.56 -27.43
C ARG D 71 21.36 -8.98 -27.18
N GLU D 72 21.81 -9.59 -26.08
CA GLU D 72 21.68 -11.01 -25.86
C GLU D 72 20.24 -11.49 -25.98
N LEU D 73 20.08 -12.71 -26.50
CA LEU D 73 18.79 -13.39 -26.50
C LEU D 73 18.17 -13.34 -25.11
N HIS D 74 16.93 -12.85 -25.04
CA HIS D 74 16.34 -12.54 -23.75
C HIS D 74 14.83 -12.40 -23.88
N TRP D 75 14.17 -12.22 -22.74
CA TRP D 75 12.75 -11.92 -22.68
C TRP D 75 12.48 -11.18 -21.38
N HIS D 76 11.28 -10.63 -21.25
CA HIS D 76 10.92 -9.99 -19.99
C HIS D 76 9.40 -10.04 -19.82
N LYS D 77 8.97 -9.91 -18.57
CA LYS D 77 7.54 -9.87 -18.30
C LYS D 77 6.83 -8.66 -18.92
N GLU D 78 7.55 -7.58 -19.22
CA GLU D 78 6.96 -6.38 -19.82
C GLU D 78 6.94 -6.46 -21.36
N ALA D 79 6.14 -5.61 -22.00
CA ALA D 79 6.10 -5.46 -23.47
C ALA D 79 7.10 -4.42 -23.92
N GLU D 80 7.70 -4.65 -25.09
CA GLU D 80 8.74 -3.78 -25.67
C GLU D 80 8.19 -3.07 -26.90
N TRP D 81 8.34 -1.75 -26.93
CA TRP D 81 8.10 -0.92 -28.11
C TRP D 81 9.36 -0.13 -28.38
N ALA D 82 9.86 -0.19 -29.61
CA ALA D 82 11.17 0.36 -29.92
C ALA D 82 11.15 1.26 -31.15
N PHE D 83 11.85 2.39 -31.02
CA PHE D 83 12.06 3.36 -32.09
C PHE D 83 13.54 3.39 -32.46
N MET D 84 13.83 3.24 -33.75
CA MET D 84 15.21 3.18 -34.24
C MET D 84 15.75 4.59 -34.46
N ILE D 85 16.71 4.99 -33.62
CA ILE D 85 17.25 6.36 -33.70
C ILE D 85 18.26 6.49 -34.82
N ALA D 86 19.19 5.54 -34.93
CA ALA D 86 20.26 5.67 -35.91
C ALA D 86 20.82 4.29 -36.24
N GLY D 87 21.31 4.16 -37.46
CA GLY D 87 21.96 2.92 -37.88
C GLY D 87 20.95 1.92 -38.42
N ASN D 88 21.34 0.64 -38.34
CA ASN D 88 20.46 -0.45 -38.75
C ASN D 88 20.72 -1.65 -37.86
N ALA D 89 19.72 -2.52 -37.76
CA ALA D 89 19.87 -3.71 -36.94
C ALA D 89 18.93 -4.81 -37.41
N ARG D 90 19.19 -6.02 -36.92
CA ARG D 90 18.40 -7.21 -37.18
C ARG D 90 17.77 -7.66 -35.86
N VAL D 91 16.49 -8.02 -35.93
CA VAL D 91 15.75 -8.54 -34.79
C VAL D 91 15.25 -9.93 -35.13
N THR D 92 15.24 -10.80 -34.13
CA THR D 92 14.63 -12.13 -34.24
C THR D 92 13.71 -12.33 -33.05
N ALA D 93 12.66 -13.12 -33.24
CA ALA D 93 11.70 -13.36 -32.18
C ALA D 93 10.92 -14.64 -32.44
N LEU D 94 10.21 -15.09 -31.41
CA LEU D 94 9.33 -16.25 -31.50
C LEU D 94 8.06 -16.01 -30.70
N ASP D 95 6.90 -16.38 -31.27
CA ASP D 95 5.62 -16.15 -30.60
C ASP D 95 5.14 -17.38 -29.85
N ALA D 96 3.96 -17.28 -29.26
CA ALA D 96 3.46 -18.34 -28.38
C ALA D 96 3.04 -19.58 -29.15
N GLU D 97 2.79 -19.46 -30.46
CA GLU D 97 2.41 -20.61 -31.27
C GLU D 97 3.60 -21.25 -31.97
N GLY D 98 4.82 -20.91 -31.59
CA GLY D 98 6.00 -21.50 -32.20
C GLY D 98 6.38 -20.93 -33.55
N ARG D 99 5.78 -19.81 -33.96
CA ARG D 99 6.09 -19.21 -35.25
C ARG D 99 7.23 -18.19 -35.08
N SER D 100 8.09 -18.11 -36.08
CA SER D 100 9.32 -17.35 -35.99
C SER D 100 9.22 -16.01 -36.71
N PHE D 101 10.09 -15.09 -36.34
CA PHE D 101 10.17 -13.77 -36.95
C PHE D 101 11.62 -13.32 -37.03
N ILE D 102 11.96 -12.71 -38.15
CA ILE D 102 13.29 -12.14 -38.36
C ILE D 102 13.16 -10.98 -39.33
N ASP D 103 13.77 -9.85 -39.02
CA ASP D 103 13.71 -8.71 -39.94
C ASP D 103 14.83 -7.74 -39.63
N ASP D 104 15.15 -6.90 -40.62
CA ASP D 104 16.09 -5.81 -40.47
C ASP D 104 15.37 -4.47 -40.56
N ILE D 105 15.91 -3.48 -39.87
CA ILE D 105 15.29 -2.17 -39.79
C ILE D 105 16.38 -1.10 -39.84
N ASN D 106 15.95 0.09 -40.26
CA ASN D 106 16.77 1.27 -40.40
C ASN D 106 16.25 2.35 -39.45
N ALA D 107 16.98 3.45 -39.37
CA ALA D 107 16.58 4.56 -38.52
C ALA D 107 15.16 5.01 -38.86
N GLY D 108 14.36 5.25 -37.82
CA GLY D 108 12.98 5.65 -37.99
C GLY D 108 11.97 4.52 -37.92
N ASP D 109 12.42 3.27 -37.98
CA ASP D 109 11.54 2.11 -37.93
C ASP D 109 11.29 1.70 -36.48
N LEU D 110 10.30 0.83 -36.29
CA LEU D 110 9.89 0.38 -34.97
C LEU D 110 9.98 -1.13 -34.87
N TRP D 111 9.95 -1.62 -33.64
CA TRP D 111 9.60 -3.02 -33.40
C TRP D 111 8.77 -3.11 -32.12
N ASN D 112 8.20 -4.30 -31.91
CA ASN D 112 7.25 -4.51 -30.81
C ASN D 112 7.24 -5.98 -30.44
N PHE D 113 7.55 -6.29 -29.18
CA PHE D 113 7.44 -7.62 -28.63
C PHE D 113 6.52 -7.56 -27.42
N GLU D 114 5.34 -8.17 -27.52
CA GLU D 114 4.42 -8.16 -26.39
C GLU D 114 4.99 -9.01 -25.26
N ALA D 115 4.28 -9.03 -24.12
CA ALA D 115 4.81 -9.59 -22.88
C ALA D 115 5.35 -11.00 -23.09
N GLY D 116 6.61 -11.20 -22.73
CA GLY D 116 7.21 -12.51 -22.76
C GLY D 116 7.63 -13.03 -24.12
N ILE D 117 7.51 -12.23 -25.17
CA ILE D 117 7.91 -12.70 -26.50
C ILE D 117 9.44 -12.68 -26.59
N PRO D 118 10.09 -13.83 -26.75
CA PRO D 118 11.54 -13.85 -26.76
C PRO D 118 12.11 -13.32 -28.06
N HIS D 119 13.27 -12.69 -27.94
CA HIS D 119 13.84 -11.95 -29.06
C HIS D 119 15.32 -11.71 -28.85
N SER D 120 15.98 -11.33 -29.94
CA SER D 120 17.36 -10.90 -29.96
C SER D 120 17.48 -9.69 -30.87
N ILE D 121 18.52 -8.90 -30.63
CA ILE D 121 18.90 -7.77 -31.48
C ILE D 121 20.37 -7.86 -31.79
N GLN D 122 20.72 -7.67 -33.06
CA GLN D 122 22.11 -7.62 -33.49
C GLN D 122 22.29 -6.47 -34.47
N ALA D 123 23.20 -5.55 -34.15
CA ALA D 123 23.51 -4.46 -35.06
C ALA D 123 24.10 -4.99 -36.36
N LEU D 124 23.84 -4.27 -37.44
CA LEU D 124 24.42 -4.62 -38.73
C LEU D 124 25.68 -3.79 -38.98
N ASP D 125 26.01 -3.51 -40.25
CA ASP D 125 27.32 -2.94 -40.56
C ASP D 125 27.50 -1.56 -39.94
N GLN D 126 26.43 -0.81 -39.80
CA GLN D 126 26.48 0.59 -39.38
C GLN D 126 26.55 0.79 -37.86
N GLY D 127 26.27 -0.25 -37.07
CA GLY D 127 25.94 -0.03 -35.69
C GLY D 127 24.50 0.44 -35.56
N CYS D 128 24.06 0.67 -34.31
CA CYS D 128 22.69 1.12 -34.11
C CYS D 128 22.55 1.86 -32.79
N GLU D 129 21.62 2.82 -32.77
CA GLU D 129 21.10 3.42 -31.55
C GLU D 129 19.58 3.38 -31.61
N PHE D 130 18.95 2.96 -30.51
CA PHE D 130 17.50 2.87 -30.48
C PHE D 130 16.97 3.18 -29.09
N LEU D 131 15.70 3.60 -29.05
CA LEU D 131 14.96 3.86 -27.82
C LEU D 131 13.96 2.74 -27.59
N LEU D 132 13.95 2.18 -26.39
CA LEU D 132 13.02 1.14 -25.98
C LEU D 132 12.06 1.74 -24.96
N VAL D 133 10.77 1.42 -25.08
CA VAL D 133 9.77 1.81 -24.09
C VAL D 133 9.08 0.55 -23.62
N PHE D 134 8.96 0.42 -22.30
CA PHE D 134 8.46 -0.77 -21.66
C PHE D 134 7.20 -0.45 -20.85
N SER D 135 6.31 -1.44 -20.79
CA SER D 135 4.95 -1.29 -20.32
C SER D 135 4.84 -1.29 -18.79
N GLU D 136 5.93 -1.08 -18.07
CA GLU D 136 5.91 -0.85 -16.63
C GLU D 136 6.90 0.25 -16.30
N PRO D 137 6.57 1.16 -15.39
CA PRO D 137 7.49 2.27 -15.10
C PRO D 137 8.72 1.88 -14.31
N ASP D 138 8.72 0.72 -13.65
CA ASP D 138 9.83 0.30 -12.80
C ASP D 138 10.71 -0.75 -13.47
N PHE D 139 10.65 -0.84 -14.79
CA PHE D 139 11.48 -1.79 -15.53
C PHE D 139 12.96 -1.48 -15.29
N SER D 140 13.80 -2.47 -15.50
CA SER D 140 15.25 -2.29 -15.40
C SER D 140 15.94 -3.21 -16.42
N GLU D 141 16.85 -2.63 -17.20
CA GLU D 141 17.60 -3.41 -18.18
C GLU D 141 18.45 -4.48 -17.51
N ASN D 142 18.86 -4.25 -16.27
CA ASN D 142 19.66 -5.21 -15.51
C ASN D 142 18.81 -6.28 -14.84
N ASN D 143 17.50 -6.29 -15.09
CA ASN D 143 16.59 -7.28 -14.51
C ASN D 143 15.84 -8.03 -15.60
N THR D 144 16.53 -8.32 -16.70
CA THR D 144 15.99 -9.03 -17.85
C THR D 144 16.38 -10.51 -17.77
N PHE D 145 15.56 -11.35 -18.42
CA PHE D 145 15.77 -12.80 -18.46
C PHE D 145 16.70 -13.13 -19.61
N LEU D 146 17.94 -13.48 -19.31
CA LEU D 146 18.97 -13.73 -20.31
C LEU D 146 19.17 -15.23 -20.53
N LEU D 147 19.38 -15.59 -21.79
CA LEU D 147 19.57 -17.01 -22.14
C LEU D 147 20.73 -17.61 -21.36
N THR D 148 21.90 -16.96 -21.42
CA THR D 148 23.08 -17.51 -20.76
C THR D 148 22.96 -17.48 -19.24
N ASP D 149 22.34 -16.44 -18.67
CA ASP D 149 22.11 -16.43 -17.23
C ASP D 149 21.30 -17.66 -16.82
N TRP D 150 20.24 -17.93 -17.58
CA TRP D 150 19.41 -19.11 -17.36
C TRP D 150 20.24 -20.39 -17.41
N LEU D 151 21.02 -20.57 -18.48
CA LEU D 151 21.74 -21.83 -18.62
C LEU D 151 22.88 -21.95 -17.62
N ALA D 152 23.48 -20.82 -17.23
CA ALA D 152 24.48 -20.82 -16.16
C ALA D 152 23.88 -21.21 -14.82
N HIS D 153 22.55 -21.06 -14.65
CA HIS D 153 21.94 -21.48 -13.39
C HIS D 153 20.96 -22.64 -13.57
N THR D 154 21.19 -23.49 -14.56
CA THR D 154 20.47 -24.74 -14.72
C THR D 154 21.47 -25.88 -14.62
N PRO D 155 21.14 -26.95 -13.88
CA PRO D 155 22.08 -28.07 -13.75
C PRO D 155 22.49 -28.63 -15.10
N LYS D 156 23.77 -28.99 -15.21
CA LYS D 156 24.30 -29.45 -16.49
C LYS D 156 23.71 -30.77 -16.92
N ASP D 157 23.35 -31.63 -15.96
CA ASP D 157 22.63 -32.85 -16.32
C ASP D 157 21.27 -32.54 -16.93
N ILE D 158 20.60 -31.52 -16.38
CA ILE D 158 19.28 -31.11 -16.87
C ILE D 158 19.41 -30.56 -18.28
N ILE D 159 20.37 -29.65 -18.49
CA ILE D 159 20.59 -29.09 -19.82
C ILE D 159 21.00 -30.18 -20.81
N ALA D 160 21.81 -31.15 -20.37
CA ALA D 160 22.21 -32.23 -21.26
C ALA D 160 21.00 -33.02 -21.73
N ALA D 161 20.12 -33.38 -20.79
CA ALA D 161 18.87 -34.06 -21.17
C ALA D 161 18.03 -33.18 -22.10
N ASN D 162 17.94 -31.88 -21.81
CA ASN D 162 17.11 -30.99 -22.61
C ASN D 162 17.58 -30.93 -24.06
N PHE D 163 18.88 -30.68 -24.26
CA PHE D 163 19.45 -30.61 -25.61
C PHE D 163 19.68 -31.99 -26.24
N LYS D 164 19.50 -33.07 -25.47
CA LYS D 164 19.74 -34.43 -25.94
C LYS D 164 21.20 -34.66 -26.34
N VAL D 165 22.12 -34.06 -25.58
CA VAL D 165 23.55 -34.24 -25.82
C VAL D 165 24.15 -34.71 -24.50
N ASP D 166 25.41 -35.14 -24.57
CA ASP D 166 26.12 -35.56 -23.36
C ASP D 166 26.86 -34.37 -22.78
N GLU D 167 27.14 -34.45 -21.48
CA GLU D 167 27.59 -33.28 -20.71
C GLU D 167 28.91 -32.71 -21.23
N SER D 168 29.72 -33.55 -21.89
CA SER D 168 31.04 -33.11 -22.35
C SER D 168 30.90 -31.99 -23.36
N VAL D 169 29.83 -32.02 -24.17
CA VAL D 169 29.56 -30.94 -25.11
C VAL D 169 29.33 -29.59 -24.44
N LEU D 170 28.78 -29.55 -23.22
CA LEU D 170 28.39 -28.29 -22.58
C LEU D 170 29.50 -27.70 -21.71
N ALA D 171 30.75 -28.13 -21.90
CA ALA D 171 31.86 -27.67 -21.07
C ALA D 171 32.14 -26.17 -21.20
N ASN D 172 31.86 -25.57 -22.36
CA ASN D 172 32.19 -24.18 -22.61
C ASN D 172 30.99 -23.25 -22.45
N LEU D 173 29.90 -23.75 -21.89
CA LEU D 173 28.75 -22.89 -21.59
C LEU D 173 29.17 -21.74 -20.69
N PRO D 174 28.71 -20.51 -20.97
CA PRO D 174 29.02 -19.42 -20.05
C PRO D 174 28.53 -19.74 -18.64
N GLY D 175 29.33 -19.32 -17.65
CA GLY D 175 28.97 -19.43 -16.26
C GLY D 175 28.50 -18.10 -15.74
N LYS D 176 28.16 -17.20 -16.66
CA LYS D 176 27.93 -15.79 -16.39
C LYS D 176 27.35 -15.15 -17.64
N GLU D 177 26.52 -14.14 -17.42
CA GLU D 177 25.79 -13.47 -18.49
C GLU D 177 26.74 -12.81 -19.48
N LYS D 178 26.22 -12.53 -20.68
CA LYS D 178 26.90 -11.72 -21.69
C LYS D 178 26.25 -10.36 -21.89
N TYR D 179 24.92 -10.31 -21.85
CA TYR D 179 24.12 -9.08 -21.93
C TYR D 179 24.30 -8.38 -23.27
N ILE D 180 25.47 -7.78 -23.48
CA ILE D 180 25.82 -7.14 -24.75
C ILE D 180 27.24 -7.53 -25.10
N PHE D 181 27.42 -8.22 -26.24
CA PHE D 181 28.72 -8.75 -26.61
C PHE D 181 28.91 -8.66 -28.13
N ASN D 182 30.17 -8.71 -28.54
CA ASN D 182 30.59 -8.46 -29.91
C ASN D 182 30.39 -9.68 -30.80
N GLY D 183 30.17 -9.42 -32.09
CA GLY D 183 30.01 -10.44 -33.10
C GLY D 183 30.28 -9.87 -34.47
N GLU D 184 30.25 -10.76 -35.47
CA GLU D 184 30.41 -10.37 -36.86
C GLU D 184 29.06 -9.99 -37.45
N VAL D 185 29.06 -8.96 -38.27
CA VAL D 185 27.86 -8.56 -39.02
C VAL D 185 27.40 -9.78 -39.80
N PRO D 186 26.17 -10.23 -39.61
CA PRO D 186 25.75 -11.50 -40.22
C PRO D 186 25.40 -11.32 -41.69
N GLY D 187 25.20 -12.46 -42.36
CA GLY D 187 24.86 -12.46 -43.76
C GLY D 187 23.42 -12.06 -44.00
N PRO D 188 22.94 -12.22 -45.23
CA PRO D 188 21.55 -11.87 -45.54
C PRO D 188 20.57 -12.79 -44.83
N ILE D 189 19.38 -12.26 -44.57
CA ILE D 189 18.32 -13.03 -43.93
C ILE D 189 18.06 -14.31 -44.73
N SER D 190 18.11 -14.20 -46.06
CA SER D 190 17.75 -15.32 -46.93
C SER D 190 18.64 -16.54 -46.74
N GLU D 191 19.93 -16.33 -46.43
CA GLU D 191 20.85 -17.45 -46.23
C GLU D 191 21.07 -17.81 -44.77
N VAL D 192 20.63 -16.96 -43.84
CA VAL D 192 20.83 -17.21 -42.42
C VAL D 192 19.53 -17.68 -41.76
N LYS D 193 18.38 -17.45 -42.40
CA LYS D 193 17.09 -17.80 -41.81
C LYS D 193 16.95 -19.31 -41.67
N LYS D 194 16.46 -19.74 -40.52
CA LYS D 194 16.27 -21.15 -40.23
C LYS D 194 14.87 -21.62 -40.59
N ASN D 195 14.79 -22.89 -40.98
CA ASN D 195 13.55 -23.50 -41.44
C ASN D 195 12.69 -23.88 -40.24
N ASN D 196 11.56 -23.20 -40.07
CA ASN D 196 10.64 -23.46 -38.96
C ASN D 196 9.41 -24.13 -39.53
N PRO D 197 9.15 -25.41 -39.22
CA PRO D 197 7.97 -26.08 -39.78
C PRO D 197 6.66 -25.39 -39.43
N ASN D 198 6.65 -24.55 -38.41
CA ASN D 198 5.51 -23.72 -38.06
C ASN D 198 5.42 -22.43 -38.89
N GLY D 199 6.47 -22.07 -39.63
CA GLY D 199 6.40 -20.88 -40.48
C GLY D 199 6.62 -19.56 -39.75
N ASP D 200 6.32 -18.48 -40.46
CA ASP D 200 6.48 -17.14 -39.92
C ASP D 200 5.28 -16.75 -39.07
N VAL D 201 5.46 -15.72 -38.25
CA VAL D 201 4.36 -15.16 -37.47
C VAL D 201 3.43 -14.45 -38.45
N PRO D 202 2.11 -14.43 -38.21
CA PRO D 202 1.19 -13.96 -39.25
C PRO D 202 1.31 -12.48 -39.58
N SER D 203 1.70 -11.62 -38.61
CA SER D 203 1.88 -10.21 -38.88
C SER D 203 3.17 -9.74 -38.22
N PRO D 204 3.98 -8.94 -38.89
CA PRO D 204 5.36 -8.70 -38.43
C PRO D 204 5.41 -7.99 -37.09
N PHE D 205 6.46 -8.32 -36.32
CA PHE D 205 6.84 -7.63 -35.10
C PHE D 205 7.62 -6.35 -35.38
N THR D 206 7.52 -5.86 -36.61
CA THR D 206 8.36 -4.79 -37.13
C THR D 206 7.48 -3.81 -37.87
N PHE D 207 7.90 -2.55 -37.93
CA PHE D 207 7.12 -1.57 -38.67
C PHE D 207 8.07 -0.68 -39.46
N HIS D 208 8.03 -0.77 -40.79
CA HIS D 208 8.90 0.06 -41.64
C HIS D 208 8.16 1.35 -41.95
N MET D 209 8.68 2.47 -41.45
CA MET D 209 7.95 3.74 -41.40
C MET D 209 7.73 4.40 -42.76
N ASN D 210 8.46 3.99 -43.81
CA ASN D 210 8.18 4.57 -45.12
C ASN D 210 6.85 4.09 -45.68
N ASP D 211 6.30 3.00 -45.13
CA ASP D 211 4.99 2.51 -45.55
C ASP D 211 3.82 3.33 -45.01
N LEU D 212 4.08 4.40 -44.27
CA LEU D 212 3.02 5.13 -43.59
C LEU D 212 3.15 6.62 -43.90
N LYS D 213 2.06 7.21 -44.37
CA LYS D 213 2.00 8.63 -44.67
C LYS D 213 1.58 9.42 -43.43
N PRO D 214 2.25 10.54 -43.19
CA PRO D 214 1.91 11.35 -42.02
C PRO D 214 0.69 12.21 -42.25
N HIS D 215 -0.06 12.41 -41.17
CA HIS D 215 -1.04 13.49 -41.12
C HIS D 215 -0.32 14.83 -41.05
N GLU D 216 -0.65 15.71 -41.99
CA GLU D 216 -0.13 17.07 -42.05
C GLU D 216 -1.03 18.19 -41.60
N PHE D 217 -0.49 18.99 -40.67
CA PHE D 217 -0.96 20.26 -40.19
C PHE D 217 0.10 21.32 -40.51
N GLU D 218 -0.33 22.60 -40.51
CA GLU D 218 0.51 23.64 -41.07
C GLU D 218 1.82 23.81 -40.33
N ALA D 219 1.84 23.53 -39.04
CA ALA D 219 3.10 23.67 -38.32
C ALA D 219 3.97 22.40 -38.35
N GLY D 220 3.45 21.27 -38.83
CA GLY D 220 4.26 20.07 -38.93
C GLY D 220 3.52 18.81 -39.39
N LYS D 221 4.13 17.69 -39.04
CA LYS D 221 3.73 16.35 -39.45
C LYS D 221 3.56 15.47 -38.21
N VAL D 222 2.68 14.48 -38.31
CA VAL D 222 2.45 13.49 -37.25
C VAL D 222 2.28 12.12 -37.90
N TRP D 223 3.13 11.18 -37.50
CA TRP D 223 2.94 9.76 -37.79
C TRP D 223 2.25 9.13 -36.59
N ILE D 224 1.08 8.53 -36.80
CA ILE D 224 0.33 7.90 -35.72
C ILE D 224 0.41 6.39 -35.93
N ILE D 225 1.00 5.68 -34.97
CA ILE D 225 1.19 4.24 -35.04
C ILE D 225 0.53 3.61 -33.83
N ASP D 226 -0.64 3.01 -34.03
CA ASP D 226 -1.31 2.25 -32.99
C ASP D 226 -1.79 0.93 -33.58
N SER D 227 -2.61 0.20 -32.83
CA SER D 227 -2.95 -1.18 -33.16
C SER D 227 -3.70 -1.31 -34.49
N LYS D 228 -4.35 -0.24 -34.94
CA LYS D 228 -5.01 -0.30 -36.25
C LYS D 228 -4.03 -0.18 -37.41
N VAL D 229 -2.80 0.24 -37.12
CA VAL D 229 -1.77 0.37 -38.14
C VAL D 229 -0.67 -0.69 -37.96
N PHE D 230 -0.48 -1.17 -36.72
CA PHE D 230 0.66 -2.00 -36.35
C PHE D 230 0.08 -3.12 -35.50
N PRO D 231 -0.56 -4.09 -36.14
CA PRO D 231 -1.53 -4.95 -35.41
C PRO D 231 -0.98 -5.69 -34.20
N VAL D 232 0.31 -6.07 -34.20
CA VAL D 232 0.83 -6.79 -33.05
C VAL D 232 0.98 -5.92 -31.82
N ALA D 233 1.04 -4.60 -32.00
CA ALA D 233 1.30 -3.68 -30.89
C ALA D 233 -0.01 -3.39 -30.15
N GLN D 234 -0.40 -4.34 -29.30
CA GLN D 234 -1.65 -4.26 -28.55
C GLN D 234 -1.49 -3.60 -27.19
N THR D 235 -0.30 -3.16 -26.81
CA THR D 235 -0.05 -2.63 -25.48
C THR D 235 0.46 -1.20 -25.48
N ILE D 236 1.36 -0.84 -26.40
CA ILE D 236 1.95 0.48 -26.46
C ILE D 236 1.73 1.04 -27.86
N SER D 237 1.33 2.31 -27.95
CA SER D 237 1.18 2.99 -29.24
C SER D 237 1.86 4.35 -29.16
N ALA D 238 2.01 5.02 -30.31
CA ALA D 238 2.79 6.25 -30.31
C ALA D 238 2.39 7.19 -31.44
N ALA D 239 2.89 8.42 -31.31
CA ALA D 239 2.83 9.47 -32.33
C ALA D 239 4.21 10.08 -32.44
N ILE D 240 4.79 10.00 -33.63
CA ILE D 240 6.04 10.68 -33.95
C ILE D 240 5.67 12.03 -34.53
N VAL D 241 6.08 13.11 -33.88
CA VAL D 241 5.68 14.46 -34.25
C VAL D 241 6.90 15.25 -34.69
N GLU D 242 6.77 15.93 -35.82
CA GLU D 242 7.78 16.86 -36.32
C GLU D 242 7.15 18.24 -36.46
N ILE D 243 7.78 19.24 -35.85
CA ILE D 243 7.26 20.60 -35.80
C ILE D 243 8.33 21.55 -36.32
N GLN D 244 7.96 22.36 -37.32
CA GLN D 244 8.89 23.28 -37.93
C GLN D 244 9.23 24.42 -36.99
N PRO D 245 10.36 25.11 -37.23
CA PRO D 245 10.64 26.34 -36.47
C PRO D 245 9.47 27.31 -36.56
N GLY D 246 9.19 27.98 -35.44
CA GLY D 246 8.01 28.82 -35.37
C GLY D 246 6.71 28.07 -35.19
N GLY D 247 6.73 26.74 -35.20
CA GLY D 247 5.53 25.94 -35.07
C GLY D 247 5.21 25.56 -33.63
N MET D 248 4.09 24.85 -33.49
CA MET D 248 3.52 24.52 -32.19
C MET D 248 2.57 23.34 -32.34
N ARG D 249 2.64 22.40 -31.40
CA ARG D 249 1.61 21.37 -31.26
C ARG D 249 0.47 21.98 -30.45
N GLU D 250 -0.69 22.15 -31.07
CA GLU D 250 -1.74 22.98 -30.50
C GLU D 250 -2.24 22.43 -29.17
N LEU D 251 -2.89 23.32 -28.40
CA LEU D 251 -3.43 22.97 -27.09
C LEU D 251 -4.38 21.78 -27.20
N HIS D 252 -4.11 20.75 -26.40
CA HIS D 252 -4.85 19.49 -26.49
C HIS D 252 -4.59 18.68 -25.23
N TRP D 253 -5.32 17.56 -25.14
CA TRP D 253 -5.07 16.53 -24.13
C TRP D 253 -5.47 15.18 -24.71
N HIS D 254 -5.04 14.12 -24.00
CA HIS D 254 -5.37 12.75 -24.36
C HIS D 254 -6.36 12.19 -23.33
N PRO D 255 -7.57 11.79 -23.75
CA PRO D 255 -8.62 11.48 -22.76
C PRO D 255 -8.44 10.20 -21.98
N LYS D 256 -7.57 9.29 -22.43
CA LYS D 256 -7.50 7.96 -21.85
C LYS D 256 -6.20 7.61 -21.15
N SER D 257 -5.13 8.38 -21.34
CA SER D 257 -3.85 7.88 -20.83
C SER D 257 -2.87 9.01 -20.53
N GLU D 258 -1.90 8.69 -19.69
CA GLU D 258 -0.66 9.43 -19.53
C GLU D 258 0.10 9.49 -20.85
N GLU D 259 0.95 10.49 -21.00
CA GLU D 259 1.80 10.61 -22.17
C GLU D 259 3.25 10.50 -21.73
N TRP D 260 4.07 9.78 -22.50
CA TRP D 260 5.48 9.59 -22.19
C TRP D 260 6.26 10.09 -23.40
N ASP D 261 7.13 11.06 -23.20
CA ASP D 261 7.74 11.76 -24.30
C ASP D 261 9.23 11.45 -24.35
N TYR D 262 9.73 11.29 -25.57
CA TYR D 262 11.17 11.31 -25.81
C TYR D 262 11.45 12.31 -26.91
N PHE D 263 12.32 13.27 -26.65
CA PHE D 263 12.64 14.28 -27.64
C PHE D 263 13.83 13.81 -28.45
N VAL D 264 13.64 13.58 -29.74
CA VAL D 264 14.72 13.11 -30.61
C VAL D 264 15.68 14.24 -30.98
N GLN D 265 15.12 15.39 -31.34
CA GLN D 265 15.91 16.50 -31.85
C GLN D 265 15.18 17.82 -31.57
N GLY D 266 15.94 18.86 -31.25
CA GLY D 266 15.41 20.21 -31.20
C GLY D 266 15.31 20.73 -29.76
N HIS D 267 14.67 21.90 -29.63
CA HIS D 267 14.43 22.55 -28.35
C HIS D 267 12.95 22.89 -28.27
N ALA D 268 12.32 22.59 -27.13
CA ALA D 268 10.88 22.78 -26.96
C ALA D 268 10.60 23.43 -25.62
N LYS D 269 9.52 24.21 -25.58
CA LYS D 269 8.89 24.71 -24.35
C LYS D 269 7.56 23.97 -24.25
N VAL D 270 7.36 23.21 -23.18
CA VAL D 270 6.19 22.36 -22.97
C VAL D 270 5.44 22.88 -21.77
N GLY D 271 4.16 23.19 -21.96
CA GLY D 271 3.30 23.68 -20.89
C GLY D 271 2.25 22.64 -20.54
N VAL D 272 2.12 22.37 -19.24
CA VAL D 272 1.23 21.34 -18.70
C VAL D 272 0.31 21.99 -17.68
N PHE D 273 -0.98 21.72 -17.82
CA PHE D 273 -2.02 22.17 -16.89
C PHE D 273 -2.71 20.90 -16.38
N ASN D 274 -2.39 20.51 -15.16
CA ASN D 274 -3.20 19.59 -14.37
C ASN D 274 -4.43 20.35 -13.86
N SER D 275 -5.23 19.70 -13.02
CA SER D 275 -6.47 20.31 -12.53
C SER D 275 -6.17 21.46 -11.56
N ALA D 276 -7.24 22.04 -11.01
CA ALA D 276 -7.21 22.84 -9.78
C ALA D 276 -6.10 23.90 -9.80
N SER D 277 -6.02 24.66 -10.89
CA SER D 277 -5.09 25.77 -11.05
C SER D 277 -3.63 25.34 -10.95
N LEU D 278 -3.35 24.06 -11.20
CA LEU D 278 -1.97 23.57 -11.19
C LEU D 278 -1.44 23.63 -12.62
N ALA D 279 -0.30 24.32 -12.80
CA ALA D 279 0.30 24.48 -14.12
C ALA D 279 1.81 24.63 -13.98
N ARG D 280 2.54 24.00 -14.89
CA ARG D 280 4.00 24.11 -14.90
C ARG D 280 4.52 24.06 -16.32
N THR D 281 5.64 24.75 -16.56
CA THR D 281 6.26 24.81 -17.88
C THR D 281 7.71 24.34 -17.79
N PHE D 282 8.09 23.55 -18.80
CA PHE D 282 9.42 22.98 -18.90
C PHE D 282 10.05 23.27 -20.25
N ASN D 283 11.38 23.22 -20.21
CA ASN D 283 12.29 23.34 -21.34
C ASN D 283 12.88 21.98 -21.66
N PHE D 284 12.65 21.50 -22.87
CA PHE D 284 13.09 20.17 -23.30
C PHE D 284 14.06 20.23 -24.48
N GLN D 285 14.92 19.22 -24.58
CA GLN D 285 15.85 19.12 -25.68
C GLN D 285 16.14 17.65 -25.98
N ALA D 286 17.21 17.42 -26.77
CA ALA D 286 17.46 16.15 -27.45
C ALA D 286 17.52 14.95 -26.50
N GLY D 287 18.27 15.03 -25.41
CA GLY D 287 18.34 13.81 -24.64
C GLY D 287 17.18 13.53 -23.70
N ASP D 288 16.14 14.36 -23.72
CA ASP D 288 15.16 14.41 -22.63
C ASP D 288 13.96 13.48 -22.76
N VAL D 289 13.54 12.98 -21.60
CA VAL D 289 12.29 12.25 -21.38
C VAL D 289 11.34 13.16 -20.62
N GLY D 290 10.06 13.16 -21.02
CA GLY D 290 9.04 13.91 -20.34
C GLY D 290 7.84 13.04 -20.03
N VAL D 291 6.96 13.55 -19.16
CA VAL D 291 5.71 12.89 -18.82
C VAL D 291 4.60 13.93 -18.76
N ILE D 292 3.47 13.62 -19.38
CA ILE D 292 2.27 14.43 -19.26
C ILE D 292 1.25 13.61 -18.47
N PRO D 293 0.82 14.08 -17.29
CA PRO D 293 -0.16 13.32 -16.52
C PRO D 293 -1.44 13.10 -17.31
N ILE D 294 -2.22 12.12 -16.85
CA ILE D 294 -3.44 11.73 -17.55
C ILE D 294 -4.38 12.94 -17.67
N VAL D 295 -5.08 13.01 -18.80
CA VAL D 295 -6.03 14.04 -19.24
C VAL D 295 -5.53 15.47 -19.00
N ALA D 296 -4.25 15.65 -18.66
CA ALA D 296 -3.71 16.99 -18.48
C ALA D 296 -3.67 17.74 -19.81
N GLY D 297 -4.02 19.03 -19.78
CA GLY D 297 -3.99 19.84 -20.98
C GLY D 297 -2.60 20.37 -21.21
N HIS D 298 -2.12 20.28 -22.45
CA HIS D 298 -0.73 20.64 -22.67
C HIS D 298 -0.50 21.13 -24.09
N TYR D 299 0.59 21.86 -24.24
CA TYR D 299 1.08 22.30 -25.55
C TYR D 299 2.59 22.13 -25.60
N ILE D 300 3.11 22.05 -26.83
CA ILE D 300 4.53 21.86 -27.12
C ILE D 300 4.95 22.85 -28.20
N GLN D 301 5.79 23.82 -27.84
CA GLN D 301 6.24 24.86 -28.74
C GLN D 301 7.70 24.63 -29.13
N ASN D 302 7.99 24.71 -30.43
CA ASN D 302 9.37 24.67 -30.92
C ASN D 302 10.00 26.03 -30.70
N ILE D 303 11.11 26.06 -29.95
CA ILE D 303 11.81 27.31 -29.65
C ILE D 303 13.26 27.26 -30.14
N GLY D 304 13.53 26.43 -31.16
CA GLY D 304 14.85 26.31 -31.75
C GLY D 304 14.81 26.69 -33.22
N ASP D 305 15.98 26.58 -33.86
CA ASP D 305 16.15 26.94 -35.27
C ASP D 305 15.95 25.77 -36.21
N GLU D 306 15.96 24.62 -35.70
CA GLU D 306 15.86 23.38 -36.42
C GLU D 306 14.54 22.68 -36.17
N PRO D 307 14.09 21.79 -37.06
CA PRO D 307 12.86 21.05 -36.78
C PRO D 307 12.91 20.23 -35.48
N LEU D 308 11.80 20.28 -34.74
CA LEU D 308 11.65 19.60 -33.46
C LEU D 308 10.96 18.26 -33.72
N ILE D 309 11.65 17.17 -33.39
CA ILE D 309 11.14 15.82 -33.58
C ILE D 309 11.03 15.15 -32.22
N PHE D 310 9.87 14.56 -31.92
CA PHE D 310 9.72 13.86 -30.64
C PHE D 310 8.68 12.75 -30.75
N LEU D 311 8.66 11.89 -29.73
CA LEU D 311 7.73 10.78 -29.62
C LEU D 311 6.81 11.02 -28.43
N GLU D 312 5.50 11.02 -28.69
CA GLU D 312 4.46 10.87 -27.67
C GLU D 312 4.09 9.39 -27.63
N VAL D 313 4.28 8.73 -26.48
CA VAL D 313 4.09 7.30 -26.34
C VAL D 313 3.07 7.05 -25.24
N PHE D 314 2.28 5.98 -25.41
CA PHE D 314 1.19 5.72 -24.49
C PHE D 314 1.05 4.22 -24.26
N LYS D 315 0.73 3.86 -23.01
CA LYS D 315 0.34 2.49 -22.65
C LYS D 315 -1.16 2.37 -22.90
N ASN D 316 -1.50 2.17 -24.18
CA ASN D 316 -2.86 2.22 -24.71
C ASN D 316 -2.78 1.79 -26.18
N PRO D 317 -3.53 0.77 -26.59
CA PRO D 317 -3.44 0.30 -27.97
C PRO D 317 -3.98 1.27 -29.01
N ILE D 318 -4.78 2.25 -28.63
CA ILE D 318 -5.40 3.19 -29.56
C ILE D 318 -4.93 4.60 -29.23
N TYR D 319 -4.49 5.33 -30.26
CA TYR D 319 -4.18 6.74 -30.11
C TYR D 319 -5.45 7.56 -29.99
N SER D 320 -5.43 8.56 -29.14
CA SER D 320 -6.57 9.46 -28.97
C SER D 320 -6.06 10.82 -28.49
N ASP D 321 -6.71 11.87 -28.97
CA ASP D 321 -6.49 13.20 -28.39
C ASP D 321 -7.73 14.03 -28.66
N ILE D 322 -7.80 15.18 -28.00
CA ILE D 322 -8.90 16.11 -28.16
C ILE D 322 -8.29 17.49 -28.24
N SER D 323 -8.57 18.20 -29.32
CA SER D 323 -7.96 19.51 -29.52
C SER D 323 -8.88 20.58 -28.97
N LEU D 324 -8.28 21.57 -28.30
CA LEU D 324 -9.05 22.67 -27.72
C LEU D 324 -9.82 23.41 -28.81
N ASN D 325 -9.15 23.70 -29.93
CA ASN D 325 -9.78 24.43 -31.03
C ASN D 325 -11.02 23.71 -31.53
N LYS D 326 -10.92 22.40 -31.77
CA LYS D 326 -12.08 21.63 -32.24
C LYS D 326 -13.19 21.61 -31.20
N TRP D 327 -12.83 21.44 -29.94
CA TRP D 327 -13.82 21.45 -28.86
C TRP D 327 -14.63 22.74 -28.89
N LEU D 328 -13.94 23.89 -28.99
CA LEU D 328 -14.63 25.18 -29.01
C LEU D 328 -15.39 25.38 -30.32
N ALA D 329 -14.82 24.91 -31.43
CA ALA D 329 -15.44 25.05 -32.74
C ALA D 329 -16.75 24.29 -32.83
N THR D 330 -16.84 23.15 -32.15
CA THR D 330 -18.08 22.38 -32.21
C THR D 330 -19.11 22.81 -31.18
N SER D 331 -18.75 23.69 -30.30
CA SER D 331 -19.56 24.22 -29.22
C SER D 331 -20.30 25.47 -29.67
N PRO D 332 -21.54 25.61 -29.20
CA PRO D 332 -22.33 26.82 -29.52
C PRO D 332 -21.56 28.08 -29.15
N THR D 333 -21.61 29.06 -30.05
CA THR D 333 -20.84 30.29 -29.89
C THR D 333 -21.32 31.12 -28.72
N GLN D 334 -22.62 31.17 -28.45
CA GLN D 334 -23.09 31.89 -27.27
C GLN D 334 -22.45 31.31 -26.02
N MET D 335 -22.26 29.99 -25.98
CA MET D 335 -21.60 29.34 -24.85
C MET D 335 -20.13 29.70 -24.77
N VAL D 336 -19.40 29.58 -25.88
CA VAL D 336 -17.96 29.87 -25.88
C VAL D 336 -17.73 31.33 -25.52
N SER D 337 -18.57 32.23 -26.04
CA SER D 337 -18.46 33.66 -25.76
C SER D 337 -18.76 33.95 -24.30
N ASP D 338 -19.84 33.36 -23.78
CA ASP D 338 -20.17 33.52 -22.37
C ASP D 338 -19.03 33.04 -21.48
N HIS D 339 -18.31 32.02 -21.93
CA HIS D 339 -17.21 31.49 -21.15
C HIS D 339 -16.00 32.41 -21.18
N LEU D 340 -15.54 32.77 -22.36
CA LEU D 340 -14.24 33.40 -22.51
C LEU D 340 -14.27 34.92 -22.48
N ASN D 341 -15.45 35.55 -22.32
CA ASN D 341 -15.62 37.01 -22.29
C ASN D 341 -15.06 37.67 -23.55
N ILE D 342 -15.39 37.02 -24.69
CA ILE D 342 -14.98 37.35 -26.06
C ILE D 342 -16.28 37.53 -26.85
N SER D 343 -16.25 38.41 -27.87
CA SER D 343 -17.45 38.57 -28.70
C SER D 343 -17.66 37.32 -29.57
N PRO D 344 -18.92 37.02 -29.95
CA PRO D 344 -19.14 35.87 -30.85
C PRO D 344 -18.40 35.95 -32.17
N GLU D 345 -18.25 37.15 -32.74
CA GLU D 345 -17.72 37.23 -34.09
C GLU D 345 -16.25 36.80 -34.08
N THR D 346 -15.51 37.24 -33.03
CA THR D 346 -14.13 36.78 -32.78
C THR D 346 -14.05 35.30 -32.48
N VAL D 347 -15.04 34.76 -31.78
CA VAL D 347 -15.04 33.31 -31.59
C VAL D 347 -15.13 32.63 -32.96
N GLU D 348 -15.90 33.22 -33.88
CA GLU D 348 -16.13 32.65 -35.21
C GLU D 348 -14.88 32.59 -36.08
N GLN D 349 -13.78 33.27 -35.71
CA GLN D 349 -12.54 33.27 -36.50
C GLN D 349 -11.44 32.42 -35.89
N PHE D 350 -11.72 31.67 -34.82
CA PHE D 350 -10.75 30.70 -34.32
C PHE D 350 -10.61 29.55 -35.34
N PRO D 351 -9.46 28.87 -35.37
CA PRO D 351 -9.32 27.77 -36.30
C PRO D 351 -10.26 26.61 -35.96
N LYS D 352 -10.64 25.87 -36.98
CA LYS D 352 -11.63 24.80 -36.80
C LYS D 352 -11.15 23.49 -37.40
N VAL E 15 -26.33 26.79 5.50
CA VAL E 15 -25.67 27.32 4.32
C VAL E 15 -24.29 27.82 4.72
N PRO E 16 -23.25 27.23 4.14
CA PRO E 16 -21.90 27.36 4.68
C PRO E 16 -21.36 28.79 4.53
N PRO E 17 -20.41 29.20 5.38
CA PRO E 17 -19.85 30.55 5.30
C PRO E 17 -19.10 30.80 3.99
N ILE E 18 -19.08 32.08 3.59
CA ILE E 18 -18.38 32.51 2.39
C ILE E 18 -16.89 32.25 2.45
N THR E 19 -16.32 32.12 3.65
CA THR E 19 -14.88 31.89 3.79
C THR E 19 -14.49 30.42 3.69
N ASP E 20 -15.45 29.50 3.66
CA ASP E 20 -15.12 28.11 3.37
C ASP E 20 -14.71 27.96 1.90
N HIS E 21 -13.91 26.92 1.64
CA HIS E 21 -13.33 26.74 0.31
C HIS E 21 -12.68 25.38 0.18
N GLY E 22 -12.74 24.77 -1.00
CA GLY E 22 -11.96 23.59 -1.30
C GLY E 22 -12.54 22.30 -0.77
N THR E 23 -11.83 21.21 -1.07
CA THR E 23 -12.24 19.86 -0.71
C THR E 23 -11.65 19.51 0.65
N VAL E 24 -12.50 19.48 1.66
CA VAL E 24 -12.17 18.96 2.97
C VAL E 24 -13.07 17.75 3.20
N SER E 25 -12.48 16.68 3.72
CA SER E 25 -13.23 15.47 4.02
C SER E 25 -14.36 15.78 5.01
N ASN E 26 -15.31 14.87 5.08
CA ASN E 26 -16.27 14.91 6.17
C ASN E 26 -15.54 14.75 7.50
N LEU E 27 -15.96 15.54 8.48
CA LEU E 27 -15.34 15.52 9.79
C LEU E 27 -16.33 15.21 10.91
N ARG E 28 -17.57 14.86 10.59
CA ARG E 28 -18.65 14.75 11.57
C ARG E 28 -19.33 13.40 11.36
N PHE E 29 -19.59 12.66 12.45
CA PHE E 29 -20.40 11.46 12.35
C PHE E 29 -21.15 11.26 13.65
N SER E 30 -22.43 10.95 13.55
CA SER E 30 -23.31 10.86 14.70
C SER E 30 -23.32 9.43 15.24
N PHE E 31 -23.23 9.30 16.56
CA PHE E 31 -23.43 7.99 17.17
C PHE E 31 -24.84 7.48 16.88
N SER E 32 -25.80 8.39 16.66
CA SER E 32 -27.15 7.96 16.31
C SER E 32 -27.22 7.33 14.94
N ASP E 33 -26.19 7.52 14.10
CA ASP E 33 -26.13 6.87 12.80
C ASP E 33 -25.31 5.58 12.83
N ALA E 34 -24.81 5.19 13.99
CA ALA E 34 -24.04 3.97 14.05
C ALA E 34 -24.94 2.78 14.41
N HIS E 35 -24.59 1.62 13.88
CA HIS E 35 -25.37 0.43 14.13
C HIS E 35 -25.31 0.07 15.62
N MET E 36 -26.44 -0.36 16.16
CA MET E 36 -26.56 -0.63 17.59
C MET E 36 -26.62 -2.13 17.83
N ARG E 37 -25.57 -2.65 18.46
CA ARG E 37 -25.58 -4.02 18.96
C ARG E 37 -26.29 -4.05 20.32
N ILE E 38 -27.45 -4.72 20.38
CA ILE E 38 -28.24 -4.82 21.60
C ILE E 38 -28.01 -6.20 22.19
N GLU E 39 -27.75 -6.26 23.49
CA GLU E 39 -27.50 -7.50 24.20
C GLU E 39 -28.34 -7.54 25.47
N GLU E 40 -28.56 -8.75 25.97
CA GLU E 40 -29.05 -8.91 27.32
C GLU E 40 -28.12 -8.16 28.27
N GLY E 41 -28.61 -7.09 28.89
CA GLY E 41 -27.82 -6.34 29.84
C GLY E 41 -27.17 -5.07 29.33
N GLY E 42 -27.31 -4.74 28.05
CA GLY E 42 -26.73 -3.47 27.62
C GLY E 42 -26.63 -3.39 26.11
N TRP E 43 -26.11 -2.25 25.65
CA TRP E 43 -25.94 -2.05 24.22
C TRP E 43 -24.65 -1.29 23.91
N THR E 44 -24.22 -1.38 22.65
CA THR E 44 -22.97 -0.78 22.22
C THR E 44 -23.05 -0.32 20.76
N ARG E 45 -22.31 0.73 20.44
CA ARG E 45 -22.18 1.20 19.06
C ARG E 45 -20.86 1.93 18.90
N GLU E 46 -20.34 1.97 17.68
CA GLU E 46 -18.99 2.50 17.46
C GLU E 46 -18.93 3.43 16.25
N VAL E 47 -17.96 4.34 16.29
CA VAL E 47 -17.62 5.23 15.18
C VAL E 47 -16.13 5.08 14.89
N THR E 48 -15.80 4.55 13.72
CA THR E 48 -14.44 4.25 13.31
C THR E 48 -14.13 4.82 11.93
N ASN E 49 -12.96 4.49 11.35
CA ASN E 49 -12.67 4.94 10.00
C ASN E 49 -13.50 4.20 8.95
N ARG E 50 -14.26 3.17 9.36
CA ARG E 50 -15.27 2.62 8.49
C ARG E 50 -16.50 3.51 8.44
N GLU E 51 -16.61 4.47 9.36
CA GLU E 51 -17.65 5.49 9.34
C GLU E 51 -17.10 6.88 9.07
N LEU E 52 -15.86 7.14 9.47
CA LEU E 52 -15.26 8.47 9.45
C LEU E 52 -13.82 8.32 8.99
N PRO E 53 -13.59 8.15 7.69
CA PRO E 53 -12.23 7.83 7.22
C PRO E 53 -11.20 8.91 7.49
N ALA E 54 -11.62 10.14 7.78
CA ALA E 54 -10.65 11.18 8.11
C ALA E 54 -9.97 10.95 9.45
N SER E 55 -10.51 10.05 10.27
CA SER E 55 -9.89 9.72 11.55
C SER E 55 -8.80 8.70 11.30
N HIS E 56 -7.56 9.05 11.66
CA HIS E 56 -6.42 8.19 11.39
C HIS E 56 -5.78 7.61 12.64
N ASP E 57 -6.13 8.10 13.83
CA ASP E 57 -5.50 7.64 15.06
C ASP E 57 -6.44 6.88 15.98
N LEU E 58 -7.66 7.37 16.19
CA LEU E 58 -8.52 6.91 17.28
C LEU E 58 -9.87 6.45 16.74
N ALA E 59 -10.55 5.64 17.54
CA ALA E 59 -11.92 5.24 17.26
C ALA E 59 -12.74 5.32 18.55
N GLY E 60 -14.04 5.55 18.41
CA GLY E 60 -14.91 5.77 19.56
C GLY E 60 -15.94 4.66 19.70
N VAL E 61 -16.27 4.33 20.95
CA VAL E 61 -17.29 3.34 21.29
C VAL E 61 -18.19 3.96 22.34
N ASP E 62 -19.50 3.85 22.13
CA ASP E 62 -20.52 4.28 23.07
C ASP E 62 -21.16 3.02 23.67
N MET E 63 -21.03 2.85 24.98
CA MET E 63 -21.48 1.64 25.64
C MET E 63 -22.42 1.96 26.80
N CYS E 64 -23.42 1.10 27.01
CA CYS E 64 -24.43 1.25 28.05
C CYS E 64 -24.67 -0.10 28.71
N LEU E 65 -24.65 -0.10 30.04
CA LEU E 65 -24.80 -1.31 30.85
C LEU E 65 -25.95 -1.12 31.84
N LYS E 66 -26.82 -2.11 31.91
CA LYS E 66 -27.89 -2.12 32.90
C LYS E 66 -27.29 -2.41 34.29
N PRO E 67 -27.95 -1.97 35.36
CA PRO E 67 -27.40 -2.17 36.71
C PRO E 67 -27.01 -3.61 36.98
N GLY E 68 -25.75 -3.80 37.38
CA GLY E 68 -25.20 -5.12 37.64
C GLY E 68 -24.72 -5.89 36.43
N ALA E 69 -24.86 -5.32 35.23
CA ALA E 69 -24.52 -6.00 33.99
C ALA E 69 -23.02 -6.01 33.77
N TYR E 70 -22.54 -7.09 33.17
CA TYR E 70 -21.12 -7.26 32.88
C TYR E 70 -20.79 -6.81 31.47
N ARG E 71 -19.66 -6.12 31.33
CA ARG E 71 -18.90 -6.15 30.09
C ARG E 71 -17.88 -7.27 30.24
N GLU E 72 -17.95 -8.27 29.37
CA GLU E 72 -17.20 -9.50 29.58
C GLU E 72 -15.71 -9.22 29.76
N LEU E 73 -15.09 -10.00 30.65
CA LEU E 73 -13.64 -9.99 30.81
C LEU E 73 -12.98 -10.18 29.45
N HIS E 74 -12.06 -9.28 29.11
CA HIS E 74 -11.54 -9.23 27.75
C HIS E 74 -10.23 -8.46 27.71
N TRP E 75 -9.60 -8.43 26.54
CA TRP E 75 -8.43 -7.61 26.29
C TRP E 75 -8.36 -7.31 24.79
N HIS E 76 -7.46 -6.39 24.42
CA HIS E 76 -7.26 -6.10 23.00
C HIS E 76 -5.87 -5.52 22.79
N LYS E 77 -5.45 -5.55 21.52
CA LYS E 77 -4.15 -5.02 21.11
C LYS E 77 -4.03 -3.54 21.38
N GLU E 78 -5.15 -2.82 21.37
CA GLU E 78 -5.20 -1.36 21.46
C GLU E 78 -5.30 -0.91 22.92
N ALA E 79 -4.97 0.37 23.13
CA ALA E 79 -5.11 1.01 24.43
C ALA E 79 -6.50 1.63 24.58
N GLU E 80 -7.01 1.60 25.80
CA GLU E 80 -8.32 2.11 26.15
C GLU E 80 -8.20 3.36 27.00
N TRP E 81 -8.89 4.42 26.59
CA TRP E 81 -9.09 5.62 27.38
C TRP E 81 -10.60 5.83 27.45
N ALA E 82 -11.13 6.00 28.65
CA ALA E 82 -12.58 6.01 28.81
C ALA E 82 -13.04 7.20 29.66
N PHE E 83 -14.11 7.84 29.19
CA PHE E 83 -14.78 8.93 29.90
C PHE E 83 -16.17 8.43 30.31
N MET E 84 -16.49 8.57 31.60
CA MET E 84 -17.74 8.07 32.15
C MET E 84 -18.86 9.09 31.93
N ILE E 85 -19.83 8.73 31.10
CA ILE E 85 -20.91 9.65 30.73
C ILE E 85 -21.97 9.75 31.81
N ALA E 86 -22.43 8.61 32.35
CA ALA E 86 -23.52 8.63 33.32
C ALA E 86 -23.48 7.35 34.15
N GLY E 87 -23.99 7.43 35.37
CA GLY E 87 -24.12 6.26 36.22
C GLY E 87 -22.89 6.00 37.07
N ASN E 88 -22.72 4.73 37.44
CA ASN E 88 -21.53 4.30 38.17
C ASN E 88 -21.15 2.90 37.72
N ALA E 89 -19.87 2.56 37.89
CA ALA E 89 -19.40 1.24 37.48
C ALA E 89 -18.13 0.86 38.22
N ARG E 90 -17.81 -0.42 38.14
CA ARG E 90 -16.60 -1.00 38.71
C ARG E 90 -15.73 -1.55 37.59
N VAL E 91 -14.42 -1.28 37.67
CA VAL E 91 -13.44 -1.79 36.73
C VAL E 91 -12.46 -2.66 37.50
N THR E 92 -12.02 -3.73 36.84
CA THR E 92 -10.93 -4.56 37.34
C THR E 92 -9.93 -4.79 36.23
N ALA E 93 -8.67 -4.99 36.62
CA ALA E 93 -7.60 -5.19 35.65
C ALA E 93 -6.40 -5.85 36.34
N LEU E 94 -5.45 -6.30 35.52
CA LEU E 94 -4.21 -6.90 35.99
C LEU E 94 -3.07 -6.41 35.09
N ASP E 95 -1.93 -6.05 35.68
CA ASP E 95 -0.81 -5.54 34.89
C ASP E 95 0.17 -6.67 34.57
N ALA E 96 1.23 -6.33 33.83
CA ALA E 96 2.17 -7.33 33.36
C ALA E 96 3.05 -7.88 34.47
N GLU E 97 3.14 -7.17 35.60
CA GLU E 97 3.90 -7.61 36.75
C GLU E 97 3.04 -8.34 37.77
N GLY E 98 1.83 -8.74 37.38
CA GLY E 98 0.95 -9.52 38.22
C GLY E 98 0.20 -8.77 39.29
N ARG E 99 0.23 -7.44 39.27
CA ARG E 99 -0.47 -6.65 40.27
C ARG E 99 -1.85 -6.27 39.76
N SER E 100 -2.82 -6.28 40.66
CA SER E 100 -4.22 -6.16 40.31
C SER E 100 -4.75 -4.76 40.60
N PHE E 101 -5.89 -4.45 39.99
CA PHE E 101 -6.54 -3.16 40.17
C PHE E 101 -8.05 -3.36 40.17
N ILE E 102 -8.72 -2.62 41.05
CA ILE E 102 -10.17 -2.63 41.15
C ILE E 102 -10.61 -1.27 41.67
N ASP E 103 -11.63 -0.69 41.06
CA ASP E 103 -12.11 0.61 41.53
C ASP E 103 -13.52 0.84 41.03
N ASP E 104 -14.23 1.74 41.71
CA ASP E 104 -15.52 2.21 41.26
C ASP E 104 -15.42 3.67 40.86
N ILE E 105 -16.23 4.05 39.88
CA ILE E 105 -16.15 5.36 39.26
C ILE E 105 -17.56 5.85 38.98
N ASN E 106 -17.68 7.16 38.87
CA ASN E 106 -18.94 7.85 38.63
C ASN E 106 -18.82 8.68 37.35
N ALA E 107 -19.93 9.32 36.99
CA ALA E 107 -19.98 10.16 35.81
C ALA E 107 -18.89 11.23 35.86
N GLY E 108 -18.20 11.39 34.75
CA GLY E 108 -17.11 12.33 34.66
C GLY E 108 -15.74 11.73 34.95
N ASP E 109 -15.68 10.54 35.52
CA ASP E 109 -14.40 9.94 35.82
C ASP E 109 -13.87 9.19 34.60
N LEU E 110 -12.59 8.85 34.66
CA LEU E 110 -11.92 8.20 33.53
C LEU E 110 -11.35 6.87 33.96
N TRP E 111 -11.04 6.06 32.95
CA TRP E 111 -10.13 4.94 33.18
C TRP E 111 -9.22 4.77 31.96
N ASN E 112 -8.20 3.93 32.13
CA ASN E 112 -7.19 3.77 31.08
C ASN E 112 -6.52 2.41 31.25
N PHE E 113 -6.58 1.60 30.20
CA PHE E 113 -5.87 0.33 30.13
C PHE E 113 -4.99 0.33 28.90
N GLU E 114 -3.68 0.34 29.07
CA GLU E 114 -2.77 0.32 27.93
C GLU E 114 -2.88 -1.02 27.20
N ALA E 115 -2.15 -1.14 26.09
CA ALA E 115 -2.27 -2.26 25.16
C ALA E 115 -2.14 -3.60 25.88
N GLY E 116 -3.14 -4.47 25.66
CA GLY E 116 -3.09 -5.83 26.12
C GLY E 116 -3.37 -6.02 27.60
N ILE E 117 -3.69 -4.96 28.33
CA ILE E 117 -4.00 -5.09 29.75
C ILE E 117 -5.42 -5.65 29.89
N PRO E 118 -5.60 -6.83 30.48
CA PRO E 118 -6.94 -7.39 30.57
C PRO E 118 -7.75 -6.69 31.66
N HIS E 119 -9.06 -6.63 31.44
CA HIS E 119 -9.91 -5.84 32.31
C HIS E 119 -11.36 -6.28 32.16
N SER E 120 -12.17 -5.86 33.14
CA SER E 120 -13.62 -6.04 33.11
C SER E 120 -14.28 -4.75 33.60
N ILE E 121 -15.55 -4.59 33.20
CA ILE E 121 -16.41 -3.50 33.67
C ILE E 121 -17.74 -4.11 34.08
N GLN E 122 -18.26 -3.68 35.23
CA GLN E 122 -19.58 -4.08 35.69
C GLN E 122 -20.32 -2.86 36.24
N ALA E 123 -21.52 -2.61 35.70
CA ALA E 123 -22.33 -1.51 36.20
C ALA E 123 -22.71 -1.74 37.67
N LEU E 124 -22.83 -0.63 38.39
CA LEU E 124 -23.29 -0.69 39.78
C LEU E 124 -24.78 -0.39 39.84
N ASP E 125 -25.24 0.19 40.95
CA ASP E 125 -26.69 0.29 41.19
C ASP E 125 -27.39 1.15 40.13
N GLN E 126 -26.72 2.17 39.61
CA GLN E 126 -27.33 3.16 38.73
C GLN E 126 -27.39 2.73 37.27
N GLY E 127 -26.69 1.66 36.90
CA GLY E 127 -26.38 1.42 35.50
C GLY E 127 -25.26 2.37 35.09
N CYS E 128 -24.82 2.27 33.84
CA CYS E 128 -23.79 3.22 33.41
C CYS E 128 -23.80 3.37 31.90
N GLU E 129 -23.45 4.56 31.43
CA GLU E 129 -23.09 4.78 30.04
C GLU E 129 -21.74 5.48 29.98
N PHE E 130 -20.88 5.00 29.08
CA PHE E 130 -19.53 5.56 28.98
C PHE E 130 -19.04 5.54 27.54
N LEU E 131 -18.06 6.41 27.28
CA LEU E 131 -17.36 6.50 26.01
C LEU E 131 -15.96 5.89 26.13
N LEU E 132 -15.62 5.02 25.20
CA LEU E 132 -14.29 4.43 25.09
C LEU E 132 -13.62 4.97 23.84
N VAL E 133 -12.33 5.30 23.92
CA VAL E 133 -11.57 5.72 22.77
C VAL E 133 -10.36 4.81 22.64
N PHE E 134 -10.10 4.33 21.43
CA PHE E 134 -9.11 3.31 21.16
C PHE E 134 -8.03 3.83 20.20
N SER E 135 -6.81 3.33 20.42
CA SER E 135 -5.58 3.81 19.83
C SER E 135 -5.35 3.33 18.41
N GLU E 136 -6.38 2.82 17.73
CA GLU E 136 -6.29 2.53 16.31
C GLU E 136 -7.60 2.97 15.68
N PRO E 137 -7.55 3.57 14.49
CA PRO E 137 -8.77 4.09 13.88
C PRO E 137 -9.71 3.02 13.39
N ASP E 138 -9.22 1.78 13.20
CA ASP E 138 -10.00 0.68 12.67
C ASP E 138 -10.41 -0.33 13.75
N PHE E 139 -10.46 0.10 15.01
CA PHE E 139 -10.86 -0.77 16.11
C PHE E 139 -12.26 -1.33 15.89
N SER E 140 -12.57 -2.45 16.56
CA SER E 140 -13.91 -3.02 16.49
C SER E 140 -14.29 -3.68 17.82
N GLU E 141 -15.45 -3.30 18.35
CA GLU E 141 -15.98 -3.91 19.57
C GLU E 141 -16.31 -5.38 19.37
N ASN E 142 -16.65 -5.77 18.13
CA ASN E 142 -17.02 -7.15 17.84
C ASN E 142 -15.82 -8.05 17.60
N ASN E 143 -14.59 -7.53 17.74
CA ASN E 143 -13.40 -8.33 17.48
C ASN E 143 -12.38 -8.20 18.62
N THR E 144 -12.87 -8.19 19.85
CA THR E 144 -12.04 -8.15 21.05
C THR E 144 -11.83 -9.56 21.59
N PHE E 145 -10.79 -9.71 22.41
CA PHE E 145 -10.39 -11.01 22.96
C PHE E 145 -11.20 -11.31 24.21
N LEU E 146 -12.16 -12.23 24.09
CA LEU E 146 -13.11 -12.51 25.16
C LEU E 146 -12.70 -13.78 25.90
N LEU E 147 -12.83 -13.74 27.24
CA LEU E 147 -12.46 -14.91 28.05
C LEU E 147 -13.24 -16.14 27.62
N THR E 148 -14.57 -16.04 27.54
CA THR E 148 -15.38 -17.20 27.17
C THR E 148 -15.15 -17.60 25.72
N ASP E 149 -14.96 -16.64 24.82
CA ASP E 149 -14.63 -16.99 23.44
C ASP E 149 -13.33 -17.80 23.41
N TRP E 150 -12.33 -17.36 24.16
CA TRP E 150 -11.06 -18.09 24.28
C TRP E 150 -11.29 -19.50 24.81
N LEU E 151 -12.01 -19.63 25.92
CA LEU E 151 -12.15 -20.93 26.56
C LEU E 151 -13.04 -21.87 25.77
N ALA E 152 -14.04 -21.34 25.06
CA ALA E 152 -14.87 -22.15 24.18
C ALA E 152 -14.09 -22.70 23.01
N HIS E 153 -12.94 -22.11 22.67
CA HIS E 153 -12.11 -22.55 21.56
C HIS E 153 -10.76 -23.08 22.04
N THR E 154 -10.73 -23.64 23.25
CA THR E 154 -9.58 -24.36 23.77
C THR E 154 -10.00 -25.78 24.14
N PRO E 155 -9.18 -26.78 23.84
CA PRO E 155 -9.55 -28.16 24.19
C PRO E 155 -9.80 -28.31 25.68
N LYS E 156 -10.83 -29.11 26.03
CA LYS E 156 -11.24 -29.23 27.42
C LYS E 156 -10.18 -29.91 28.26
N ASP E 157 -9.40 -30.83 27.68
CA ASP E 157 -8.26 -31.41 28.39
C ASP E 157 -7.23 -30.34 28.72
N ILE E 158 -7.01 -29.41 27.77
CA ILE E 158 -6.05 -28.33 28.00
C ILE E 158 -6.54 -27.41 29.10
N ILE E 159 -7.83 -27.01 29.06
CA ILE E 159 -8.37 -26.16 30.11
C ILE E 159 -8.32 -26.87 31.45
N ALA E 160 -8.61 -28.18 31.46
CA ALA E 160 -8.56 -28.96 32.69
C ALA E 160 -7.15 -28.98 33.26
N ALA E 161 -6.15 -29.22 32.42
CA ALA E 161 -4.77 -29.16 32.86
C ALA E 161 -4.38 -27.76 33.33
N ASN E 162 -4.83 -26.73 32.62
CA ASN E 162 -4.48 -25.37 33.00
C ASN E 162 -4.99 -25.07 34.40
N PHE E 163 -6.27 -25.37 34.65
CA PHE E 163 -6.82 -25.25 35.98
C PHE E 163 -6.46 -26.44 36.89
N LYS E 164 -5.80 -27.47 36.37
CA LYS E 164 -5.69 -28.80 37.01
C LYS E 164 -6.94 -29.14 37.82
N VAL E 165 -8.05 -29.24 37.08
CA VAL E 165 -9.30 -29.74 37.63
C VAL E 165 -9.60 -30.92 36.71
N ASP E 166 -10.60 -31.70 37.06
CA ASP E 166 -10.98 -32.75 36.14
C ASP E 166 -12.00 -32.18 35.19
N GLU E 167 -12.09 -32.76 33.99
CA GLU E 167 -12.89 -32.14 32.94
C GLU E 167 -14.36 -32.09 33.31
N SER E 168 -14.76 -32.87 34.30
CA SER E 168 -16.16 -32.90 34.70
C SER E 168 -16.64 -31.52 35.18
N VAL E 169 -15.75 -30.82 35.90
CA VAL E 169 -16.06 -29.48 36.35
C VAL E 169 -16.36 -28.53 35.22
N LEU E 170 -15.79 -28.76 34.03
CA LEU E 170 -15.92 -27.83 32.92
C LEU E 170 -17.08 -28.15 31.98
N ALA E 171 -18.05 -28.97 32.42
CA ALA E 171 -19.13 -29.38 31.53
C ALA E 171 -19.97 -28.20 31.08
N ASN E 172 -20.08 -27.16 31.91
CA ASN E 172 -20.96 -26.03 31.66
C ASN E 172 -20.23 -24.79 31.13
N LEU E 173 -18.97 -24.92 30.70
CA LEU E 173 -18.29 -23.79 30.07
C LEU E 173 -19.11 -23.31 28.89
N PRO E 174 -19.28 -22.00 28.70
CA PRO E 174 -19.98 -21.52 27.51
C PRO E 174 -19.28 -22.01 26.24
N GLY E 175 -20.08 -22.32 25.22
CA GLY E 175 -19.54 -22.74 23.94
C GLY E 175 -19.56 -21.59 22.97
N LYS E 176 -19.67 -20.39 23.51
CA LYS E 176 -19.98 -19.20 22.72
C LYS E 176 -19.79 -17.99 23.62
N GLU E 177 -19.41 -16.86 23.01
CA GLU E 177 -19.16 -15.65 23.75
C GLU E 177 -20.42 -15.20 24.51
N LYS E 178 -20.20 -14.38 25.54
CA LYS E 178 -21.25 -13.69 26.27
C LYS E 178 -21.28 -12.20 25.99
N TYR E 179 -20.10 -11.59 25.82
CA TYR E 179 -19.91 -10.20 25.43
C TYR E 179 -20.45 -9.22 26.47
N ILE E 180 -21.77 -9.13 26.58
CA ILE E 180 -22.43 -8.33 27.61
C ILE E 180 -23.59 -9.15 28.15
N PHE E 181 -23.56 -9.45 29.45
CA PHE E 181 -24.57 -10.31 30.04
C PHE E 181 -24.95 -9.80 31.43
N ASN E 182 -26.11 -10.25 31.90
CA ASN E 182 -26.71 -9.73 33.12
C ASN E 182 -26.07 -10.36 34.35
N GLY E 183 -26.06 -9.59 35.44
CA GLY E 183 -25.57 -10.05 36.71
C GLY E 183 -26.15 -9.22 37.84
N GLU E 184 -25.84 -9.64 39.06
CA GLU E 184 -26.28 -8.89 40.23
C GLU E 184 -25.29 -7.79 40.56
N VAL E 185 -25.83 -6.64 40.98
CA VAL E 185 -24.94 -5.58 41.46
C VAL E 185 -24.06 -6.13 42.56
N PRO E 186 -22.74 -6.05 42.44
CA PRO E 186 -21.85 -6.70 43.41
C PRO E 186 -21.74 -5.90 44.70
N GLY E 187 -21.09 -6.51 45.69
CA GLY E 187 -20.91 -5.90 46.99
C GLY E 187 -19.82 -4.84 47.02
N PRO E 188 -19.47 -4.39 48.23
CA PRO E 188 -18.40 -3.39 48.37
C PRO E 188 -17.04 -3.98 48.00
N ILE E 189 -16.15 -3.12 47.52
CA ILE E 189 -14.81 -3.52 47.12
C ILE E 189 -14.13 -4.26 48.26
N SER E 190 -14.28 -3.74 49.48
CA SER E 190 -13.60 -4.29 50.64
C SER E 190 -14.01 -5.73 50.93
N GLU E 191 -15.24 -6.11 50.57
CA GLU E 191 -15.71 -7.47 50.84
C GLU E 191 -15.51 -8.39 49.65
N VAL E 192 -15.30 -7.85 48.45
CA VAL E 192 -15.20 -8.66 47.24
C VAL E 192 -13.78 -8.74 46.71
N LYS E 193 -12.90 -7.84 47.13
CA LYS E 193 -11.55 -7.78 46.58
C LYS E 193 -10.77 -9.04 46.95
N LYS E 194 -10.07 -9.59 45.98
CA LYS E 194 -9.31 -10.82 46.17
C LYS E 194 -7.88 -10.51 46.61
N ASN E 195 -7.30 -11.43 47.36
CA ASN E 195 -5.95 -11.23 47.87
C ASN E 195 -4.92 -11.46 46.76
N ASN E 196 -3.95 -10.56 46.69
CA ASN E 196 -2.90 -10.69 45.69
C ASN E 196 -1.57 -10.43 46.38
N PRO E 197 -0.72 -11.46 46.53
CA PRO E 197 0.58 -11.24 47.17
C PRO E 197 1.46 -10.22 46.44
N ASN E 198 1.21 -9.99 45.14
CA ASN E 198 1.93 -8.95 44.42
C ASN E 198 1.38 -7.56 44.73
N GLY E 199 0.21 -7.48 45.34
CA GLY E 199 -0.36 -6.21 45.70
C GLY E 199 -1.06 -5.52 44.54
N ASP E 200 -1.41 -4.26 44.79
CA ASP E 200 -2.09 -3.41 43.82
C ASP E 200 -1.09 -2.79 42.86
N VAL E 201 -1.61 -2.25 41.76
CA VAL E 201 -0.78 -1.56 40.78
C VAL E 201 -0.28 -0.27 41.41
N PRO E 202 0.94 0.16 41.11
CA PRO E 202 1.52 1.32 41.81
C PRO E 202 0.82 2.63 41.48
N SER E 203 0.22 2.75 40.31
CA SER E 203 -0.51 3.94 39.95
C SER E 203 -1.86 3.54 39.35
N PRO E 204 -2.93 4.20 39.77
CA PRO E 204 -4.27 3.71 39.43
C PRO E 204 -4.55 3.76 37.94
N PHE E 205 -5.32 2.77 37.47
CA PHE E 205 -5.84 2.77 36.11
C PHE E 205 -7.06 3.65 35.98
N THR E 206 -7.26 4.53 36.96
CA THR E 206 -8.47 5.29 37.13
C THR E 206 -8.12 6.74 37.43
N PHE E 207 -9.02 7.65 37.06
CA PHE E 207 -8.82 9.05 37.37
C PHE E 207 -10.15 9.64 37.82
N HIS E 208 -10.21 10.06 39.08
CA HIS E 208 -11.41 10.66 39.63
C HIS E 208 -11.34 12.16 39.42
N MET E 209 -12.27 12.70 38.63
CA MET E 209 -12.16 14.08 38.18
C MET E 209 -12.34 15.06 39.32
N ASN E 210 -12.82 14.63 40.48
CA ASN E 210 -12.90 15.64 41.53
C ASN E 210 -11.52 16.04 42.05
N ASP E 211 -10.49 15.25 41.75
CA ASP E 211 -9.12 15.55 42.13
C ASP E 211 -8.42 16.62 41.29
N LEU E 212 -9.04 17.17 40.24
CA LEU E 212 -8.31 18.06 39.33
C LEU E 212 -9.11 19.33 39.10
N LYS E 213 -8.45 20.47 39.30
CA LYS E 213 -9.03 21.79 39.11
C LYS E 213 -8.90 22.21 37.65
N PRO E 214 -9.93 22.82 37.09
CA PRO E 214 -9.87 23.20 35.67
C PRO E 214 -9.06 24.48 35.45
N HIS E 215 -8.38 24.53 34.31
CA HIS E 215 -7.91 25.81 33.81
C HIS E 215 -9.10 26.61 33.34
N GLU E 216 -9.28 27.79 33.91
CA GLU E 216 -10.41 28.62 33.56
C GLU E 216 -9.98 29.82 32.74
N PHE E 217 -10.63 30.03 31.59
CA PHE E 217 -10.65 31.26 30.80
C PHE E 217 -12.06 31.82 30.65
N GLU E 218 -12.18 32.89 29.83
CA GLU E 218 -13.24 33.88 30.03
C GLU E 218 -14.62 33.29 29.85
N ALA E 219 -14.78 32.53 28.79
CA ALA E 219 -16.04 31.89 28.43
C ALA E 219 -16.18 30.48 28.98
N GLY E 220 -15.17 29.91 29.63
CA GLY E 220 -15.37 28.57 30.14
C GLY E 220 -14.17 27.97 30.86
N LYS E 221 -14.19 26.65 30.94
CA LYS E 221 -13.19 25.87 31.68
C LYS E 221 -12.73 24.69 30.83
N VAL E 222 -11.51 24.23 31.07
CA VAL E 222 -10.99 23.01 30.46
C VAL E 222 -10.10 22.29 31.47
N TRP E 223 -10.39 21.01 31.72
CA TRP E 223 -9.53 20.10 32.45
C TRP E 223 -8.61 19.38 31.46
N ILE E 224 -7.31 19.41 31.70
CA ILE E 224 -6.34 18.73 30.84
C ILE E 224 -5.79 17.51 31.57
N ILE E 225 -6.01 16.32 31.01
CA ILE E 225 -5.58 15.06 31.60
C ILE E 225 -4.66 14.35 30.61
N ASP E 226 -3.36 14.38 30.90
CA ASP E 226 -2.35 13.64 30.13
C ASP E 226 -1.44 12.92 31.12
N SER E 227 -0.31 12.40 30.60
CA SER E 227 0.57 11.56 31.41
C SER E 227 1.18 12.31 32.58
N LYS E 228 1.25 13.64 32.51
CA LYS E 228 1.75 14.40 33.65
C LYS E 228 0.73 14.52 34.77
N VAL E 229 -0.52 14.19 34.49
CA VAL E 229 -1.59 14.18 35.47
C VAL E 229 -2.06 12.77 35.77
N PHE E 230 -1.92 11.84 34.81
CA PHE E 230 -2.56 10.53 34.86
C PHE E 230 -1.51 9.54 34.38
N PRO E 231 -0.55 9.18 35.25
CA PRO E 231 0.70 8.58 34.77
C PRO E 231 0.56 7.31 33.94
N VAL E 232 -0.48 6.49 34.17
CA VAL E 232 -0.58 5.24 33.40
C VAL E 232 -0.95 5.53 31.94
N ALA E 233 -1.54 6.69 31.67
CA ALA E 233 -2.05 7.01 30.34
C ALA E 233 -0.90 7.49 29.46
N GLN E 234 -0.12 6.55 28.94
CA GLN E 234 1.04 6.84 28.13
C GLN E 234 0.74 6.86 26.63
N THR E 235 -0.50 6.64 26.22
CA THR E 235 -0.85 6.54 24.81
C THR E 235 -1.90 7.55 24.38
N ILE E 236 -2.89 7.82 25.24
CA ILE E 236 -4.01 8.71 24.92
C ILE E 236 -4.08 9.78 25.98
N SER E 237 -4.31 11.02 25.56
CA SER E 237 -4.52 12.15 26.45
C SER E 237 -5.77 12.90 26.01
N ALA E 238 -6.25 13.79 26.88
CA ALA E 238 -7.50 14.45 26.55
C ALA E 238 -7.63 15.77 27.30
N ALA E 239 -8.57 16.58 26.83
CA ALA E 239 -9.00 17.81 27.46
C ALA E 239 -10.52 17.85 27.45
N ILE E 240 -11.11 17.98 28.63
CA ILE E 240 -12.55 18.16 28.78
C ILE E 240 -12.84 19.65 28.82
N VAL E 241 -13.62 20.14 27.85
CA VAL E 241 -13.87 21.56 27.65
C VAL E 241 -15.34 21.85 27.90
N GLU E 242 -15.61 22.87 28.71
CA GLU E 242 -16.96 23.37 28.95
C GLU E 242 -16.98 24.85 28.61
N ILE E 243 -17.89 25.25 27.72
CA ILE E 243 -17.96 26.60 27.17
C ILE E 243 -19.36 27.14 27.39
N GLN E 244 -19.44 28.31 28.03
CA GLN E 244 -20.72 28.93 28.35
C GLN E 244 -21.39 29.45 27.08
N PRO E 245 -22.72 29.63 27.11
CA PRO E 245 -23.42 30.21 25.96
C PRO E 245 -22.81 31.54 25.56
N GLY E 246 -22.70 31.76 24.25
CA GLY E 246 -22.00 32.92 23.74
C GLY E 246 -20.50 32.80 23.77
N GLY E 247 -19.95 31.72 24.32
CA GLY E 247 -18.51 31.54 24.38
C GLY E 247 -17.94 30.79 23.19
N MET E 248 -16.61 30.68 23.19
CA MET E 248 -15.89 30.12 22.06
C MET E 248 -14.50 29.66 22.51
N ARG E 249 -14.07 28.51 21.99
CA ARG E 249 -12.69 28.08 22.15
C ARG E 249 -11.80 28.82 21.15
N GLU E 250 -10.88 29.64 21.66
CA GLU E 250 -10.20 30.61 20.82
C GLU E 250 -9.42 29.90 19.71
N LEU E 251 -9.16 30.64 18.63
CA LEU E 251 -8.48 30.10 17.46
C LEU E 251 -7.12 29.51 17.84
N HIS E 252 -6.91 28.26 17.46
CA HIS E 252 -5.70 27.55 17.88
C HIS E 252 -5.50 26.33 16.99
N TRP E 253 -4.38 25.65 17.19
CA TRP E 253 -4.10 24.36 16.57
C TRP E 253 -3.27 23.52 17.53
N HIS E 254 -3.22 22.23 17.24
CA HIS E 254 -2.43 21.29 18.03
C HIS E 254 -1.21 20.87 17.22
N PRO E 255 0.00 21.20 17.66
CA PRO E 255 1.18 21.06 16.80
C PRO E 255 1.66 19.64 16.56
N LYS E 256 1.22 18.67 17.35
CA LYS E 256 1.78 17.33 17.31
C LYS E 256 0.82 16.25 16.84
N SER E 257 -0.48 16.50 16.80
CA SER E 257 -1.41 15.39 16.65
C SER E 257 -2.71 15.82 16.00
N GLU E 258 -3.38 14.82 15.41
CA GLU E 258 -4.79 14.91 15.08
C GLU E 258 -5.60 15.09 16.36
N GLU E 259 -6.79 15.68 16.22
CA GLU E 259 -7.70 15.84 17.34
C GLU E 259 -8.97 15.04 17.08
N TRP E 260 -9.48 14.36 18.11
CA TRP E 260 -10.68 13.54 18.01
C TRP E 260 -11.65 14.02 19.08
N ASP E 261 -12.84 14.41 18.67
CA ASP E 261 -13.77 15.06 19.57
C ASP E 261 -15.00 14.21 19.79
N TYR E 262 -15.48 14.24 21.02
CA TYR E 262 -16.81 13.78 21.33
C TYR E 262 -17.54 14.90 22.03
N PHE E 263 -18.69 15.24 21.53
CA PHE E 263 -19.48 16.28 22.14
C PHE E 263 -20.30 15.52 23.16
N VAL E 264 -20.33 16.05 24.38
CA VAL E 264 -21.14 15.46 25.44
C VAL E 264 -22.52 16.09 25.42
N GLN E 265 -22.58 17.42 25.36
CA GLN E 265 -23.81 18.17 25.49
C GLN E 265 -23.65 19.51 24.75
N GLY E 266 -24.74 19.99 24.14
CA GLY E 266 -24.75 21.33 23.57
C GLY E 266 -24.74 21.33 22.06
N HIS E 267 -24.59 22.53 21.51
CA HIS E 267 -24.52 22.75 20.07
C HIS E 267 -23.30 23.59 19.76
N ALA E 268 -22.53 23.17 18.75
CA ALA E 268 -21.29 23.86 18.42
C ALA E 268 -21.19 24.11 16.93
N LYS E 269 -20.52 25.20 16.58
CA LYS E 269 -20.06 25.47 15.23
C LYS E 269 -18.53 25.35 15.25
N VAL E 270 -18.00 24.46 14.42
CA VAL E 270 -16.57 24.14 14.42
C VAL E 270 -16.00 24.55 13.09
N GLY E 271 -14.98 25.42 13.11
CA GLY E 271 -14.33 25.83 11.89
C GLY E 271 -12.92 25.30 11.80
N VAL E 272 -12.58 24.70 10.66
CA VAL E 272 -11.30 24.04 10.43
C VAL E 272 -10.64 24.63 9.19
N PHE E 273 -9.37 24.96 9.31
CA PHE E 273 -8.51 25.43 8.23
C PHE E 273 -7.37 24.43 8.12
N ASN E 274 -7.45 23.57 7.10
CA ASN E 274 -6.31 22.84 6.60
C ASN E 274 -5.41 23.80 5.83
N SER E 275 -4.39 23.25 5.18
CA SER E 275 -3.43 24.07 4.45
C SER E 275 -4.11 24.61 3.18
N ALA E 276 -3.31 25.31 2.36
CA ALA E 276 -3.60 25.58 0.96
C ALA E 276 -5.02 26.14 0.78
N SER E 277 -5.39 27.10 1.62
CA SER E 277 -6.68 27.79 1.53
C SER E 277 -7.86 26.83 1.66
N LEU E 278 -7.66 25.69 2.32
CA LEU E 278 -8.73 24.72 2.54
C LEU E 278 -9.41 24.99 3.87
N ALA E 279 -10.73 25.12 3.84
CA ALA E 279 -11.49 25.45 5.04
C ALA E 279 -12.88 24.85 4.96
N ARG E 280 -13.35 24.35 6.09
CA ARG E 280 -14.73 23.87 6.17
C ARG E 280 -15.30 24.18 7.56
N THR E 281 -16.62 24.36 7.61
CA THR E 281 -17.37 24.65 8.82
C THR E 281 -18.40 23.55 9.03
N PHE E 282 -18.54 23.12 10.28
CA PHE E 282 -19.47 22.05 10.62
C PHE E 282 -20.33 22.48 11.79
N ASN E 283 -21.53 21.92 11.85
CA ASN E 283 -22.38 22.03 13.02
C ASN E 283 -22.33 20.70 13.75
N PHE E 284 -21.97 20.73 15.02
CA PHE E 284 -21.84 19.55 15.87
C PHE E 284 -22.90 19.58 16.97
N GLN E 285 -23.22 18.39 17.48
CA GLN E 285 -24.35 18.21 18.38
C GLN E 285 -23.97 17.19 19.45
N ALA E 286 -24.92 16.93 20.34
CA ALA E 286 -24.60 16.27 21.59
C ALA E 286 -24.00 14.88 21.36
N GLY E 287 -24.54 14.19 20.34
CA GLY E 287 -24.11 12.84 20.09
C GLY E 287 -22.89 12.68 19.20
N ASP E 288 -22.31 13.80 18.73
CA ASP E 288 -21.38 13.75 17.57
C ASP E 288 -19.90 13.47 17.88
N VAL E 289 -19.27 12.75 16.96
CA VAL E 289 -17.83 12.56 16.91
C VAL E 289 -17.26 13.41 15.78
N GLY E 290 -16.16 14.13 16.07
CA GLY E 290 -15.48 14.92 15.08
C GLY E 290 -14.00 14.63 15.07
N VAL E 291 -13.34 15.06 14.00
CA VAL E 291 -11.89 14.95 13.88
C VAL E 291 -11.35 16.25 13.28
N ILE E 292 -10.28 16.77 13.87
CA ILE E 292 -9.54 17.90 13.32
C ILE E 292 -8.21 17.37 12.81
N PRO E 293 -7.90 17.54 11.53
CA PRO E 293 -6.64 17.05 10.97
C PRO E 293 -5.43 17.58 11.73
N ILE E 294 -4.28 16.92 11.55
CA ILE E 294 -3.09 17.28 12.30
C ILE E 294 -2.71 18.73 12.01
N VAL E 295 -2.30 19.44 13.06
CA VAL E 295 -1.89 20.85 13.05
C VAL E 295 -2.86 21.78 12.33
N ALA E 296 -4.08 21.30 12.04
CA ALA E 296 -5.08 22.16 11.42
C ALA E 296 -5.53 23.24 12.40
N GLY E 297 -5.74 24.45 11.88
CA GLY E 297 -6.18 25.56 12.72
C GLY E 297 -7.69 25.55 12.87
N HIS E 298 -8.17 25.75 14.09
CA HIS E 298 -9.61 25.62 14.26
C HIS E 298 -10.13 26.45 15.43
N TYR E 299 -11.44 26.66 15.41
CA TYR E 299 -12.18 27.27 16.50
C TYR E 299 -13.46 26.46 16.75
N ILE E 300 -13.98 26.56 17.96
CA ILE E 300 -15.20 25.86 18.36
C ILE E 300 -16.08 26.84 19.13
N GLN E 301 -17.19 27.26 18.52
CA GLN E 301 -18.08 28.25 19.09
C GLN E 301 -19.37 27.59 19.57
N ASN E 302 -19.79 27.94 20.78
CA ASN E 302 -21.10 27.51 21.28
C ASN E 302 -22.19 28.32 20.59
N ILE E 303 -23.13 27.64 19.94
CA ILE E 303 -24.22 28.31 19.23
C ILE E 303 -25.55 27.86 19.82
N GLY E 304 -25.51 27.38 21.06
CA GLY E 304 -26.71 27.05 21.78
C GLY E 304 -26.75 27.87 23.06
N ASP E 305 -27.85 27.71 23.78
CA ASP E 305 -28.10 28.43 25.02
C ASP E 305 -27.83 27.60 26.26
N GLU E 306 -27.52 26.32 26.10
CA GLU E 306 -27.06 25.51 27.22
C GLU E 306 -25.54 25.40 27.15
N PRO E 307 -24.86 25.11 28.26
CA PRO E 307 -23.39 24.98 28.20
C PRO E 307 -22.97 23.86 27.27
N LEU E 308 -21.94 24.13 26.48
CA LEU E 308 -21.39 23.17 25.53
C LEU E 308 -20.23 22.42 26.18
N ILE E 309 -20.36 21.10 26.28
CA ILE E 309 -19.33 20.25 26.86
C ILE E 309 -18.85 19.31 25.77
N PHE E 310 -17.53 19.20 25.63
CA PHE E 310 -16.98 18.24 24.67
C PHE E 310 -15.59 17.81 25.13
N LEU E 311 -15.12 16.73 24.51
CA LEU E 311 -13.80 16.17 24.76
C LEU E 311 -12.94 16.29 23.51
N GLU E 312 -11.77 16.91 23.68
CA GLU E 312 -10.66 16.83 22.74
C GLU E 312 -9.75 15.69 23.18
N VAL E 313 -9.53 14.70 22.32
CA VAL E 313 -8.74 13.53 22.67
C VAL E 313 -7.66 13.36 21.61
N PHE E 314 -6.49 12.86 22.05
CA PHE E 314 -5.32 12.80 21.19
C PHE E 314 -4.54 11.52 21.47
N LYS E 315 -4.00 10.92 20.40
CA LYS E 315 -3.08 9.78 20.51
C LYS E 315 -1.68 10.35 20.75
N ASN E 316 -1.42 10.69 22.01
CA ASN E 316 -0.25 11.46 22.42
C ASN E 316 -0.21 11.53 23.96
N PRO E 317 0.90 11.16 24.61
CA PRO E 317 0.94 11.24 26.07
C PRO E 317 0.94 12.66 26.64
N ILE E 318 1.27 13.68 25.86
CA ILE E 318 1.37 15.05 26.34
C ILE E 318 0.37 15.91 25.57
N TYR E 319 -0.43 16.69 26.30
CA TYR E 319 -1.29 17.68 25.66
C TYR E 319 -0.45 18.87 25.20
N SER E 320 -0.79 19.42 24.04
CA SER E 320 -0.11 20.59 23.53
C SER E 320 -1.08 21.39 22.67
N ASP E 321 -0.99 22.72 22.76
CA ASP E 321 -1.69 23.57 21.82
C ASP E 321 -0.96 24.91 21.71
N ILE E 322 -1.33 25.66 20.69
CA ILE E 322 -0.78 26.97 20.41
C ILE E 322 -1.93 27.87 20.00
N SER E 323 -2.09 28.99 20.69
CA SER E 323 -3.18 29.91 20.41
C SER E 323 -2.71 31.03 19.48
N LEU E 324 -3.58 31.40 18.55
CA LEU E 324 -3.26 32.49 17.64
C LEU E 324 -3.00 33.79 18.41
N ASN E 325 -3.82 34.06 19.43
CA ASN E 325 -3.67 35.28 20.22
C ASN E 325 -2.28 35.36 20.85
N LYS E 326 -1.83 34.27 21.51
CA LYS E 326 -0.50 34.25 22.10
C LYS E 326 0.58 34.39 21.04
N TRP E 327 0.41 33.69 19.92
CA TRP E 327 1.38 33.75 18.83
C TRP E 327 1.59 35.18 18.33
N LEU E 328 0.51 35.89 18.03
CA LEU E 328 0.63 37.25 17.57
C LEU E 328 1.15 38.14 18.69
N ALA E 329 0.78 37.81 19.93
CA ALA E 329 1.16 38.56 21.12
C ALA E 329 2.66 38.56 21.33
N THR E 330 3.32 37.45 21.04
CA THR E 330 4.76 37.35 21.22
C THR E 330 5.56 37.78 20.00
N SER E 331 4.91 38.09 18.91
CA SER E 331 5.47 38.50 17.63
C SER E 331 5.63 40.02 17.56
N PRO E 332 6.74 40.47 16.98
CA PRO E 332 6.97 41.91 16.84
C PRO E 332 5.79 42.63 16.20
N THR E 333 5.48 43.82 16.73
CA THR E 333 4.25 44.51 16.32
C THR E 333 4.31 44.95 14.86
N GLN E 334 5.47 45.45 14.41
CA GLN E 334 5.60 45.80 13.01
C GLN E 334 5.42 44.60 12.10
N MET E 335 5.86 43.42 12.56
CA MET E 335 5.69 42.19 11.79
C MET E 335 4.20 41.84 11.64
N VAL E 336 3.47 41.84 12.77
CA VAL E 336 2.04 41.52 12.73
C VAL E 336 1.29 42.54 11.86
N SER E 337 1.70 43.81 11.96
CA SER E 337 1.04 44.86 11.19
C SER E 337 1.31 44.70 9.70
N ASP E 338 2.56 44.44 9.33
CA ASP E 338 2.90 44.17 7.94
C ASP E 338 2.14 42.96 7.40
N HIS E 339 1.86 41.98 8.27
CA HIS E 339 1.13 40.80 7.82
C HIS E 339 -0.34 41.09 7.58
N LEU E 340 -1.02 41.69 8.57
CA LEU E 340 -2.48 41.74 8.60
C LEU E 340 -3.07 43.00 7.99
N ASN E 341 -2.24 43.93 7.51
CA ASN E 341 -2.70 45.21 6.95
C ASN E 341 -3.54 46.01 7.94
N ILE E 342 -3.13 45.98 9.22
CA ILE E 342 -3.72 46.82 10.24
C ILE E 342 -2.59 47.50 11.01
N SER E 343 -2.91 48.65 11.59
CA SER E 343 -1.93 49.51 12.26
C SER E 343 -1.40 48.86 13.54
N PRO E 344 -0.21 49.28 13.98
CA PRO E 344 0.27 48.82 15.29
C PRO E 344 -0.71 49.08 16.42
N GLU E 345 -1.43 50.20 16.38
CA GLU E 345 -2.32 50.59 17.47
C GLU E 345 -3.40 49.54 17.74
N THR E 346 -4.10 49.12 16.69
CA THR E 346 -5.15 48.11 16.88
C THR E 346 -4.57 46.74 17.16
N VAL E 347 -3.39 46.43 16.60
CA VAL E 347 -2.72 45.17 16.93
C VAL E 347 -2.44 45.10 18.42
N GLU E 348 -1.98 46.21 18.99
CA GLU E 348 -1.65 46.38 20.41
C GLU E 348 -2.85 46.18 21.32
N GLN E 349 -4.03 45.99 20.70
CA GLN E 349 -5.29 45.79 21.37
C GLN E 349 -5.73 44.33 21.40
N PHE E 350 -4.95 43.40 20.84
CA PHE E 350 -5.36 41.99 20.85
C PHE E 350 -5.16 41.37 22.23
N PRO E 351 -5.95 40.33 22.56
CA PRO E 351 -5.81 39.65 23.86
C PRO E 351 -4.50 38.91 23.99
N LYS E 352 -4.05 38.79 25.24
CA LYS E 352 -2.75 38.16 25.40
C LYS E 352 -2.74 37.13 26.50
N VAL F 15 -33.93 0.05 16.31
CA VAL F 15 -33.67 -1.28 16.85
C VAL F 15 -33.40 -2.27 15.74
N PRO F 16 -32.16 -2.73 15.61
CA PRO F 16 -31.79 -3.58 14.48
C PRO F 16 -32.34 -4.98 14.66
N PRO F 17 -32.51 -5.73 13.56
CA PRO F 17 -33.05 -7.09 13.65
C PRO F 17 -32.17 -8.02 14.50
N ILE F 18 -32.84 -9.04 15.06
CA ILE F 18 -32.17 -10.08 15.84
C ILE F 18 -31.11 -10.79 15.01
N THR F 19 -31.29 -10.80 13.70
CA THR F 19 -30.40 -11.47 12.77
C THR F 19 -29.20 -10.63 12.32
N ASP F 20 -29.12 -9.35 12.67
CA ASP F 20 -27.89 -8.62 12.39
C ASP F 20 -26.76 -9.14 13.29
N HIS F 21 -25.53 -9.06 12.78
CA HIS F 21 -24.42 -9.67 13.51
C HIS F 21 -23.11 -9.25 12.86
N GLY F 22 -22.07 -9.10 13.69
CA GLY F 22 -20.74 -8.89 13.17
C GLY F 22 -20.44 -7.46 12.74
N THR F 23 -19.20 -7.27 12.28
CA THR F 23 -18.69 -5.96 11.88
C THR F 23 -18.97 -5.72 10.40
N VAL F 24 -19.87 -4.80 10.12
CA VAL F 24 -20.13 -4.31 8.75
C VAL F 24 -19.81 -2.83 8.69
N SER F 25 -19.23 -2.39 7.58
CA SER F 25 -19.00 -0.98 7.36
C SER F 25 -20.32 -0.21 7.42
N ASN F 26 -20.23 1.09 7.69
CA ASN F 26 -21.36 1.94 7.41
C ASN F 26 -21.61 1.91 5.91
N LEU F 27 -22.87 1.80 5.50
CA LEU F 27 -23.21 1.64 4.10
C LEU F 27 -24.11 2.78 3.62
N ARG F 28 -24.30 3.81 4.44
CA ARG F 28 -25.25 4.87 4.16
C ARG F 28 -24.61 6.24 4.42
N PHE F 29 -24.90 7.21 3.55
CA PHE F 29 -24.56 8.62 3.77
C PHE F 29 -25.54 9.56 3.06
N SER F 30 -26.01 10.60 3.74
CA SER F 30 -27.02 11.49 3.17
C SER F 30 -26.38 12.68 2.48
N PHE F 31 -26.92 13.04 1.31
CA PHE F 31 -26.47 14.26 0.62
C PHE F 31 -26.67 15.50 1.48
N SER F 32 -27.67 15.47 2.37
CA SER F 32 -27.92 16.60 3.25
C SER F 32 -26.80 16.80 4.26
N ASP F 33 -25.91 15.83 4.45
CA ASP F 33 -24.76 15.99 5.33
C ASP F 33 -23.50 16.40 4.60
N ALA F 34 -23.56 16.57 3.29
CA ALA F 34 -22.36 16.95 2.57
C ALA F 34 -22.27 18.46 2.42
N HIS F 35 -21.04 18.94 2.38
CA HIS F 35 -20.81 20.37 2.19
C HIS F 35 -21.37 20.80 0.85
N MET F 36 -22.04 21.93 0.82
CA MET F 36 -22.64 22.43 -0.42
C MET F 36 -21.89 23.65 -0.90
N ARG F 37 -21.20 23.53 -2.02
CA ARG F 37 -20.59 24.66 -2.68
C ARG F 37 -21.65 25.43 -3.45
N ILE F 38 -21.86 26.68 -3.05
CA ILE F 38 -22.85 27.57 -3.65
C ILE F 38 -22.09 28.53 -4.57
N GLU F 39 -22.58 28.68 -5.81
CA GLU F 39 -22.04 29.58 -6.83
C GLU F 39 -23.26 30.38 -7.28
N GLU F 40 -23.13 31.67 -7.68
CA GLU F 40 -24.34 32.28 -8.29
C GLU F 40 -24.69 31.50 -9.52
N GLY F 41 -25.90 30.99 -9.52
CA GLY F 41 -26.43 30.22 -10.61
C GLY F 41 -26.55 28.75 -10.31
N GLY F 42 -26.19 28.30 -9.11
CA GLY F 42 -26.38 26.90 -8.79
C GLY F 42 -25.61 26.43 -7.58
N TRP F 43 -25.79 25.15 -7.27
CA TRP F 43 -25.06 24.56 -6.15
C TRP F 43 -24.70 23.11 -6.44
N THR F 44 -23.71 22.63 -5.69
CA THR F 44 -23.20 21.28 -5.90
C THR F 44 -22.74 20.69 -4.57
N ARG F 45 -22.87 19.37 -4.45
CA ARG F 45 -22.35 18.66 -3.29
C ARG F 45 -22.08 17.22 -3.70
N GLU F 46 -21.16 16.56 -3.00
CA GLU F 46 -20.70 15.24 -3.43
C GLU F 46 -20.65 14.28 -2.26
N VAL F 47 -20.80 13.00 -2.58
CA VAL F 47 -20.63 11.89 -1.63
C VAL F 47 -19.61 10.94 -2.25
N THR F 48 -18.43 10.85 -1.63
CA THR F 48 -17.29 10.09 -2.11
C THR F 48 -16.80 9.17 -0.98
N ASN F 49 -15.66 8.50 -1.22
CA ASN F 49 -15.10 7.63 -0.19
C ASN F 49 -14.49 8.40 0.98
N ARG F 50 -14.41 9.73 0.89
CA ARG F 50 -14.11 10.55 2.05
C ARG F 50 -15.32 10.72 2.96
N GLU F 51 -16.50 10.34 2.49
CA GLU F 51 -17.71 10.28 3.31
C GLU F 51 -18.19 8.86 3.54
N LEU F 52 -17.90 7.96 2.60
CA LEU F 52 -18.41 6.59 2.63
C LEU F 52 -17.31 5.64 2.19
N PRO F 53 -16.38 5.34 3.10
CA PRO F 53 -15.19 4.55 2.70
C PRO F 53 -15.52 3.15 2.20
N ALA F 54 -16.73 2.65 2.43
CA ALA F 54 -17.14 1.36 1.90
C ALA F 54 -17.31 1.37 0.38
N SER F 55 -17.37 2.54 -0.24
CA SER F 55 -17.51 2.64 -1.69
C SER F 55 -16.13 2.55 -2.33
N HIS F 56 -15.94 1.53 -3.18
CA HIS F 56 -14.65 1.30 -3.81
C HIS F 56 -14.67 1.54 -5.33
N ASP F 57 -15.84 1.69 -5.94
CA ASP F 57 -15.94 1.85 -7.38
C ASP F 57 -16.44 3.23 -7.81
N LEU F 58 -17.50 3.73 -7.18
CA LEU F 58 -18.23 4.87 -7.73
C LEU F 58 -18.33 6.00 -6.70
N ALA F 59 -18.56 7.21 -7.20
CA ALA F 59 -18.82 8.37 -6.34
C ALA F 59 -19.96 9.19 -6.94
N GLY F 60 -20.70 9.89 -6.08
CA GLY F 60 -21.88 10.62 -6.51
C GLY F 60 -21.76 12.12 -6.30
N VAL F 61 -22.37 12.88 -7.21
CA VAL F 61 -22.50 14.34 -7.07
C VAL F 61 -23.96 14.72 -7.32
N ASP F 62 -24.49 15.55 -6.43
CA ASP F 62 -25.83 16.14 -6.56
C ASP F 62 -25.67 17.59 -6.97
N MET F 63 -26.16 17.93 -8.17
CA MET F 63 -25.95 19.26 -8.73
C MET F 63 -27.27 19.89 -9.13
N CYS F 64 -27.34 21.21 -8.95
CA CYS F 64 -28.54 21.99 -9.26
C CYS F 64 -28.10 23.25 -10.00
N LEU F 65 -28.75 23.52 -11.14
CA LEU F 65 -28.44 24.64 -12.00
C LEU F 65 -29.69 25.47 -12.17
N LYS F 66 -29.54 26.79 -12.00
CA LYS F 66 -30.63 27.73 -12.23
C LYS F 66 -30.93 27.80 -13.73
N PRO F 67 -32.15 28.17 -14.11
CA PRO F 67 -32.50 28.22 -15.54
C PRO F 67 -31.49 29.00 -16.36
N GLY F 68 -30.93 28.36 -17.39
CA GLY F 68 -29.92 28.98 -18.23
C GLY F 68 -28.52 28.98 -17.66
N ALA F 69 -28.31 28.44 -16.46
CA ALA F 69 -26.98 28.51 -15.87
C ALA F 69 -26.06 27.46 -16.49
N TYR F 70 -24.79 27.81 -16.62
CA TYR F 70 -23.80 26.92 -17.18
C TYR F 70 -23.12 26.12 -16.09
N ARG F 71 -22.93 24.83 -16.35
CA ARG F 71 -21.85 24.08 -15.73
C ARG F 71 -20.68 24.17 -16.71
N GLU F 72 -19.59 24.79 -16.27
CA GLU F 72 -18.53 25.21 -17.18
C GLU F 72 -18.01 24.04 -18.02
N LEU F 73 -17.66 24.35 -19.26
CA LEU F 73 -16.98 23.41 -20.13
C LEU F 73 -15.78 22.80 -19.43
N HIS F 74 -15.71 21.47 -19.43
CA HIS F 74 -14.73 20.77 -18.59
C HIS F 74 -14.57 19.34 -19.08
N TRP F 75 -13.62 18.63 -18.46
CA TRP F 75 -13.42 17.20 -18.67
C TRP F 75 -12.73 16.64 -17.41
N HIS F 76 -12.65 15.31 -17.34
CA HIS F 76 -11.96 14.67 -16.21
C HIS F 76 -11.50 13.27 -16.61
N LYS F 77 -10.58 12.73 -15.80
CA LYS F 77 -10.04 11.39 -16.03
C LYS F 77 -11.13 10.32 -15.90
N GLU F 78 -12.13 10.57 -15.07
CA GLU F 78 -13.17 9.58 -14.77
C GLU F 78 -14.34 9.70 -15.73
N ALA F 79 -15.16 8.66 -15.75
CA ALA F 79 -16.39 8.61 -16.54
C ALA F 79 -17.57 9.19 -15.79
N GLU F 80 -18.49 9.79 -16.55
CA GLU F 80 -19.70 10.41 -16.04
C GLU F 80 -20.91 9.59 -16.48
N TRP F 81 -21.74 9.20 -15.52
CA TRP F 81 -23.06 8.64 -15.80
C TRP F 81 -24.03 9.47 -14.97
N ALA F 82 -25.05 10.01 -15.62
CA ALA F 82 -25.90 11.00 -15.00
C ALA F 82 -27.38 10.68 -15.19
N PHE F 83 -28.12 10.86 -14.11
CA PHE F 83 -29.57 10.69 -14.05
C PHE F 83 -30.23 12.04 -13.80
N MET F 84 -31.23 12.36 -14.62
CA MET F 84 -31.92 13.65 -14.54
C MET F 84 -32.99 13.56 -13.45
N ILE F 85 -32.78 14.28 -12.35
CA ILE F 85 -33.75 14.22 -11.24
C ILE F 85 -34.97 15.08 -11.55
N ALA F 86 -34.74 16.31 -12.00
CA ALA F 86 -35.86 17.24 -12.20
C ALA F 86 -35.44 18.34 -13.19
N GLY F 87 -36.44 18.88 -13.89
CA GLY F 87 -36.21 19.99 -14.79
C GLY F 87 -35.84 19.53 -16.18
N ASN F 88 -35.13 20.40 -16.89
CA ASN F 88 -34.61 20.08 -18.20
C ASN F 88 -33.26 20.78 -18.39
N ALA F 89 -32.43 20.23 -19.28
CA ALA F 89 -31.08 20.74 -19.49
C ALA F 89 -30.58 20.36 -20.88
N ARG F 90 -29.50 21.02 -21.30
CA ARG F 90 -28.81 20.79 -22.57
C ARG F 90 -27.37 20.36 -22.29
N VAL F 91 -26.89 19.35 -23.01
CA VAL F 91 -25.49 18.92 -22.91
C VAL F 91 -24.85 18.98 -24.29
N THR F 92 -23.56 19.32 -24.31
CA THR F 92 -22.74 19.26 -25.51
C THR F 92 -21.46 18.49 -25.20
N ALA F 93 -20.89 17.86 -26.24
CA ALA F 93 -19.67 17.07 -26.06
C ALA F 93 -18.99 16.89 -27.40
N LEU F 94 -17.76 16.38 -27.34
CA LEU F 94 -16.97 16.05 -28.52
C LEU F 94 -16.26 14.72 -28.27
N ASP F 95 -16.25 13.83 -29.25
CA ASP F 95 -15.61 12.54 -29.04
C ASP F 95 -14.18 12.58 -29.59
N ALA F 96 -13.46 11.46 -29.42
CA ALA F 96 -12.06 11.38 -29.78
C ALA F 96 -11.84 11.37 -31.28
N GLU F 97 -12.88 11.09 -32.06
CA GLU F 97 -12.81 11.10 -33.52
C GLU F 97 -13.24 12.43 -34.11
N GLY F 98 -13.37 13.47 -33.29
CA GLY F 98 -13.74 14.79 -33.78
C GLY F 98 -15.21 14.98 -34.05
N ARG F 99 -16.06 14.04 -33.66
CA ARG F 99 -17.49 14.14 -33.89
C ARG F 99 -18.17 14.75 -32.68
N SER F 100 -19.15 15.60 -32.92
CA SER F 100 -19.75 16.43 -31.88
C SER F 100 -21.12 15.90 -31.49
N PHE F 101 -21.58 16.34 -30.32
CA PHE F 101 -22.87 15.93 -29.79
C PHE F 101 -23.53 17.08 -29.07
N ILE F 102 -24.84 17.19 -29.24
CA ILE F 102 -25.65 18.18 -28.54
C ILE F 102 -27.05 17.60 -28.39
N ASP F 103 -27.61 17.73 -27.19
CA ASP F 103 -28.97 17.26 -26.98
C ASP F 103 -29.54 17.91 -25.74
N ASP F 104 -30.87 17.99 -25.69
CA ASP F 104 -31.58 18.44 -24.51
C ASP F 104 -32.41 17.31 -23.94
N ILE F 105 -32.56 17.32 -22.61
CA ILE F 105 -33.08 16.18 -21.86
C ILE F 105 -33.99 16.69 -20.75
N ASN F 106 -34.88 15.82 -20.29
CA ASN F 106 -35.81 16.13 -19.21
C ASN F 106 -35.63 15.11 -18.10
N ALA F 107 -36.35 15.33 -17.00
CA ALA F 107 -36.27 14.47 -15.83
C ALA F 107 -36.56 13.02 -16.20
N GLY F 108 -35.76 12.10 -15.64
CA GLY F 108 -35.86 10.69 -15.94
C GLY F 108 -34.90 10.21 -17.01
N ASP F 109 -34.30 11.12 -17.76
CA ASP F 109 -33.36 10.78 -18.81
C ASP F 109 -31.95 10.72 -18.24
N LEU F 110 -31.04 10.15 -19.02
CA LEU F 110 -29.65 9.98 -18.62
C LEU F 110 -28.74 10.63 -19.64
N TRP F 111 -27.49 10.83 -19.21
CA TRP F 111 -26.41 11.04 -20.15
C TRP F 111 -25.17 10.31 -19.64
N ASN F 112 -24.18 10.20 -20.52
CA ASN F 112 -22.98 9.41 -20.21
C ASN F 112 -21.84 9.92 -21.06
N PHE F 113 -20.76 10.33 -20.40
CA PHE F 113 -19.53 10.76 -21.06
C PHE F 113 -18.39 9.91 -20.54
N GLU F 114 -17.79 9.11 -21.42
CA GLU F 114 -16.68 8.26 -21.02
C GLU F 114 -15.46 9.08 -20.63
N ALA F 115 -14.42 8.38 -20.17
CA ALA F 115 -13.22 9.01 -19.61
C ALA F 115 -12.65 10.03 -20.57
N GLY F 116 -12.41 11.25 -20.07
CA GLY F 116 -11.73 12.28 -20.83
C GLY F 116 -12.55 12.96 -21.89
N ILE F 117 -13.82 12.63 -22.01
CA ILE F 117 -14.72 13.25 -22.99
C ILE F 117 -15.14 14.62 -22.47
N PRO F 118 -14.83 15.70 -23.18
CA PRO F 118 -15.21 17.02 -22.70
C PRO F 118 -16.69 17.28 -22.94
N HIS F 119 -17.30 18.09 -22.09
CA HIS F 119 -18.74 18.28 -22.17
C HIS F 119 -19.14 19.57 -21.47
N SER F 120 -20.38 19.98 -21.74
CA SER F 120 -21.03 21.12 -21.11
C SER F 120 -22.46 20.75 -20.72
N ILE F 121 -22.95 21.45 -19.71
CA ILE F 121 -24.33 21.36 -19.24
C ILE F 121 -24.86 22.78 -19.09
N GLN F 122 -26.06 23.02 -19.61
CA GLN F 122 -26.75 24.30 -19.43
C GLN F 122 -28.21 24.02 -19.12
N ALA F 123 -28.68 24.53 -17.99
CA ALA F 123 -30.10 24.38 -17.67
C ALA F 123 -30.96 25.10 -18.68
N LEU F 124 -32.16 24.56 -18.93
CA LEU F 124 -33.10 25.20 -19.83
C LEU F 124 -34.12 26.01 -19.03
N ASP F 125 -35.34 26.17 -19.57
CA ASP F 125 -36.29 27.10 -18.96
C ASP F 125 -36.72 26.66 -17.57
N GLN F 126 -36.77 25.35 -17.31
CA GLN F 126 -37.30 24.81 -16.08
C GLN F 126 -36.33 24.85 -14.92
N GLY F 127 -35.05 25.13 -15.18
CA GLY F 127 -34.00 24.82 -14.23
C GLY F 127 -33.69 23.33 -14.29
N CYS F 128 -32.71 22.90 -13.49
CA CYS F 128 -32.44 21.48 -13.51
C CYS F 128 -31.75 21.05 -12.22
N GLU F 129 -32.04 19.82 -11.80
CA GLU F 129 -31.24 19.11 -10.82
C GLU F 129 -30.96 17.71 -11.35
N PHE F 130 -29.70 17.27 -11.19
CA PHE F 130 -29.30 15.95 -11.68
C PHE F 130 -28.28 15.30 -10.75
N LEU F 131 -28.23 13.97 -10.84
CA LEU F 131 -27.26 13.15 -10.14
C LEU F 131 -26.19 12.67 -11.10
N LEU F 132 -24.93 12.86 -10.74
CA LEU F 132 -23.78 12.41 -11.51
C LEU F 132 -23.11 11.27 -10.77
N VAL F 133 -22.68 10.24 -11.50
CA VAL F 133 -21.93 9.14 -10.93
C VAL F 133 -20.61 9.01 -11.67
N PHE F 134 -19.53 8.86 -10.92
CA PHE F 134 -18.17 8.88 -11.45
C PHE F 134 -17.47 7.56 -11.14
N SER F 135 -16.64 7.13 -12.09
CA SER F 135 -16.05 5.80 -12.13
C SER F 135 -14.83 5.64 -11.23
N GLU F 136 -14.63 6.55 -10.28
CA GLU F 136 -13.62 6.37 -9.25
C GLU F 136 -14.20 6.83 -7.92
N PRO F 137 -13.92 6.12 -6.83
CA PRO F 137 -14.53 6.45 -5.54
C PRO F 137 -13.98 7.70 -4.88
N ASP F 138 -12.82 8.19 -5.30
CA ASP F 138 -12.17 9.34 -4.67
C ASP F 138 -12.34 10.63 -5.48
N PHE F 139 -13.36 10.69 -6.33
CA PHE F 139 -13.66 11.86 -7.15
C PHE F 139 -13.93 13.12 -6.32
N SER F 140 -13.72 14.30 -6.92
CA SER F 140 -14.15 15.56 -6.33
C SER F 140 -14.44 16.54 -7.45
N GLU F 141 -15.60 17.21 -7.38
CA GLU F 141 -15.96 18.20 -8.39
C GLU F 141 -14.99 19.37 -8.43
N ASN F 142 -14.33 19.65 -7.31
CA ASN F 142 -13.38 20.77 -7.24
C ASN F 142 -12.03 20.41 -7.81
N ASN F 143 -11.91 19.22 -8.41
CA ASN F 143 -10.69 18.73 -9.02
C ASN F 143 -10.96 18.33 -10.48
N THR F 144 -11.77 19.14 -11.15
CA THR F 144 -12.11 18.94 -12.56
C THR F 144 -11.29 19.88 -13.44
N PHE F 145 -11.10 19.49 -14.70
CA PHE F 145 -10.32 20.27 -15.67
C PHE F 145 -11.23 21.28 -16.34
N LEU F 146 -11.10 22.55 -15.96
CA LEU F 146 -12.00 23.61 -16.40
C LEU F 146 -11.37 24.40 -17.53
N LEU F 147 -12.18 24.75 -18.54
CA LEU F 147 -11.68 25.50 -19.69
C LEU F 147 -11.01 26.79 -19.27
N THR F 148 -11.71 27.59 -18.46
CA THR F 148 -11.15 28.88 -18.05
C THR F 148 -9.95 28.70 -17.12
N ASP F 149 -9.99 27.71 -16.24
CA ASP F 149 -8.81 27.42 -15.41
C ASP F 149 -7.60 27.10 -16.29
N TRP F 150 -7.81 26.24 -17.29
CA TRP F 150 -6.76 25.89 -18.24
C TRP F 150 -6.19 27.12 -18.91
N LEU F 151 -7.05 27.95 -19.48
CA LEU F 151 -6.53 29.09 -20.24
C LEU F 151 -5.98 30.18 -19.32
N ALA F 152 -6.56 30.35 -18.12
CA ALA F 152 -6.02 31.30 -17.15
C ALA F 152 -4.65 30.90 -16.67
N HIS F 153 -4.30 29.62 -16.77
CA HIS F 153 -2.95 29.17 -16.41
C HIS F 153 -2.17 28.72 -17.62
N THR F 154 -2.49 29.30 -18.78
CA THR F 154 -1.73 29.14 -20.00
C THR F 154 -1.22 30.51 -20.42
N PRO F 155 0.05 30.64 -20.81
CA PRO F 155 0.55 31.95 -21.26
C PRO F 155 -0.27 32.45 -22.44
N LYS F 156 -0.57 33.75 -22.40
CA LYS F 156 -1.47 34.32 -23.41
C LYS F 156 -0.83 34.38 -24.78
N ASP F 157 0.50 34.49 -24.87
CA ASP F 157 1.15 34.40 -26.17
C ASP F 157 0.91 33.02 -26.78
N ILE F 158 0.94 31.97 -25.95
CA ILE F 158 0.71 30.61 -26.42
C ILE F 158 -0.72 30.46 -26.91
N ILE F 159 -1.69 30.94 -26.13
CA ILE F 159 -3.09 30.86 -26.52
C ILE F 159 -3.36 31.66 -27.78
N ALA F 160 -2.76 32.84 -27.89
CA ALA F 160 -2.97 33.66 -29.08
C ALA F 160 -2.44 32.94 -30.32
N ALA F 161 -1.23 32.40 -30.23
CA ALA F 161 -0.71 31.59 -31.34
C ALA F 161 -1.63 30.41 -31.64
N ASN F 162 -2.19 29.80 -30.59
CA ASN F 162 -3.09 28.67 -30.76
C ASN F 162 -4.33 29.06 -31.55
N PHE F 163 -5.04 30.10 -31.10
CA PHE F 163 -6.22 30.59 -31.79
C PHE F 163 -5.90 31.40 -33.04
N LYS F 164 -4.63 31.72 -33.28
CA LYS F 164 -4.20 32.50 -34.44
C LYS F 164 -4.84 33.89 -34.46
N VAL F 165 -4.85 34.53 -33.30
CA VAL F 165 -5.38 35.87 -33.10
C VAL F 165 -4.30 36.72 -32.44
N ASP F 166 -4.65 37.98 -32.21
CA ASP F 166 -3.82 38.90 -31.44
C ASP F 166 -4.12 38.78 -29.96
N GLU F 167 -3.07 39.00 -29.17
CA GLU F 167 -3.18 38.85 -27.73
C GLU F 167 -4.13 39.88 -27.16
N SER F 168 -4.36 40.96 -27.89
CA SER F 168 -5.25 42.00 -27.46
C SER F 168 -6.67 41.44 -27.30
N VAL F 169 -6.99 40.54 -28.21
CA VAL F 169 -8.26 39.85 -28.27
C VAL F 169 -8.53 39.12 -26.96
N LEU F 170 -7.46 38.66 -26.31
CA LEU F 170 -7.58 37.82 -25.12
C LEU F 170 -7.51 38.63 -23.83
N ALA F 171 -7.78 39.95 -23.91
CA ALA F 171 -7.68 40.83 -22.75
C ALA F 171 -8.67 40.47 -21.64
N ASN F 172 -9.85 39.99 -21.97
CA ASN F 172 -10.89 39.76 -20.96
C ASN F 172 -11.08 38.29 -20.62
N LEU F 173 -10.16 37.42 -21.01
CA LEU F 173 -10.22 36.03 -20.54
C LEU F 173 -10.21 36.02 -19.03
N PRO F 174 -11.06 35.22 -18.38
CA PRO F 174 -11.03 35.14 -16.91
C PRO F 174 -9.66 34.76 -16.40
N GLY F 175 -9.33 35.31 -15.24
CA GLY F 175 -8.11 34.97 -14.54
C GLY F 175 -8.38 33.96 -13.44
N LYS F 176 -9.52 33.27 -13.56
CA LYS F 176 -10.05 32.42 -12.51
C LYS F 176 -11.23 31.61 -13.06
N GLU F 177 -11.40 30.40 -12.55
CA GLU F 177 -12.42 29.51 -13.06
C GLU F 177 -13.80 30.14 -12.88
N LYS F 178 -14.78 29.63 -13.63
CA LYS F 178 -16.16 30.03 -13.46
C LYS F 178 -17.01 28.96 -12.79
N TYR F 179 -16.77 27.69 -13.16
CA TYR F 179 -17.41 26.52 -12.55
C TYR F 179 -18.92 26.48 -12.77
N ILE F 180 -19.66 27.34 -12.09
CA ILE F 180 -21.11 27.44 -12.25
C ILE F 180 -21.46 28.92 -12.35
N PHE F 181 -21.98 29.34 -13.50
CA PHE F 181 -22.27 30.74 -13.72
C PHE F 181 -23.52 30.88 -14.56
N ASN F 182 -24.15 32.05 -14.46
CA ASN F 182 -25.44 32.30 -15.09
C ASN F 182 -25.26 32.62 -16.56
N GLY F 183 -26.27 32.30 -17.36
CA GLY F 183 -26.25 32.59 -18.78
C GLY F 183 -27.68 32.64 -19.25
N GLU F 184 -27.88 33.00 -20.51
CA GLU F 184 -29.27 32.98 -20.94
C GLU F 184 -29.67 31.64 -21.52
N VAL F 185 -30.91 31.28 -21.26
CA VAL F 185 -31.52 30.10 -21.83
C VAL F 185 -31.39 30.19 -23.34
N PRO F 186 -30.70 29.25 -23.98
CA PRO F 186 -30.39 29.36 -25.40
C PRO F 186 -31.58 28.98 -26.27
N GLY F 187 -31.44 29.22 -27.56
CA GLY F 187 -32.47 28.93 -28.52
C GLY F 187 -32.56 27.45 -28.85
N PRO F 188 -33.35 27.12 -29.87
CA PRO F 188 -33.47 25.72 -30.29
C PRO F 188 -32.18 25.19 -30.89
N ILE F 189 -32.01 23.88 -30.76
CA ILE F 189 -30.77 23.21 -31.19
C ILE F 189 -30.48 23.48 -32.67
N SER F 190 -31.50 23.43 -33.52
CA SER F 190 -31.26 23.58 -34.95
C SER F 190 -30.72 24.96 -35.33
N GLU F 191 -30.98 25.98 -34.52
CA GLU F 191 -30.50 27.32 -34.83
C GLU F 191 -29.18 27.67 -34.13
N VAL F 192 -28.75 26.88 -33.15
CA VAL F 192 -27.50 27.14 -32.44
C VAL F 192 -26.41 26.13 -32.75
N LYS F 193 -26.74 24.95 -33.28
CA LYS F 193 -25.75 23.89 -33.49
C LYS F 193 -24.73 24.33 -34.53
N LYS F 194 -23.45 24.12 -34.26
CA LYS F 194 -22.40 24.55 -35.17
C LYS F 194 -22.08 23.46 -36.17
N ASN F 195 -21.67 23.86 -37.36
CA ASN F 195 -21.37 22.89 -38.40
C ASN F 195 -20.03 22.21 -38.16
N ASN F 196 -20.01 20.90 -38.38
CA ASN F 196 -18.85 20.05 -38.17
C ASN F 196 -18.67 19.11 -39.35
N PRO F 197 -17.59 19.25 -40.14
CA PRO F 197 -17.41 18.33 -41.28
C PRO F 197 -17.31 16.87 -40.88
N ASN F 198 -16.97 16.56 -39.63
CA ASN F 198 -16.97 15.16 -39.20
C ASN F 198 -18.35 14.64 -38.85
N GLY F 199 -19.33 15.52 -38.66
CA GLY F 199 -20.68 15.09 -38.34
C GLY F 199 -20.83 14.74 -36.87
N ASP F 200 -21.97 14.15 -36.56
CA ASP F 200 -22.34 13.79 -35.20
C ASP F 200 -21.76 12.44 -34.80
N VAL F 201 -21.75 12.19 -33.50
CA VAL F 201 -21.25 10.91 -32.99
C VAL F 201 -22.20 9.79 -33.41
N PRO F 202 -21.71 8.58 -33.69
CA PRO F 202 -22.58 7.55 -34.27
C PRO F 202 -23.69 7.09 -33.34
N SER F 203 -23.49 7.18 -32.02
CA SER F 203 -24.51 6.79 -31.04
C SER F 203 -24.58 7.84 -29.95
N PRO F 204 -25.78 8.20 -29.50
CA PRO F 204 -25.93 9.35 -28.59
C PRO F 204 -25.28 9.11 -27.25
N PHE F 205 -24.74 10.19 -26.67
CA PHE F 205 -24.25 10.20 -25.30
C PHE F 205 -25.37 10.42 -24.30
N THR F 206 -26.61 10.22 -24.73
CA THR F 206 -27.80 10.53 -23.96
C THR F 206 -28.76 9.37 -24.10
N PHE F 207 -29.62 9.17 -23.11
CA PHE F 207 -30.61 8.10 -23.15
C PHE F 207 -31.96 8.64 -22.71
N HIS F 208 -32.92 8.60 -23.63
CA HIS F 208 -34.26 9.08 -23.38
C HIS F 208 -35.10 7.94 -22.82
N MET F 209 -35.56 8.11 -21.58
CA MET F 209 -36.17 7.01 -20.85
C MET F 209 -37.55 6.62 -21.39
N ASN F 210 -38.19 7.48 -22.20
CA ASN F 210 -39.49 7.09 -22.75
C ASN F 210 -39.33 5.98 -23.78
N ASP F 211 -38.12 5.80 -24.32
CA ASP F 211 -37.74 4.78 -25.26
C ASP F 211 -37.54 3.42 -24.62
N LEU F 212 -37.78 3.22 -23.32
CA LEU F 212 -37.44 1.95 -22.68
C LEU F 212 -38.64 1.42 -21.92
N LYS F 213 -39.04 0.17 -22.21
CA LYS F 213 -40.14 -0.38 -21.43
C LYS F 213 -39.59 -1.08 -20.20
N PRO F 214 -40.14 -0.88 -18.99
CA PRO F 214 -39.53 -1.51 -17.79
C PRO F 214 -39.95 -2.96 -17.60
N HIS F 215 -39.11 -3.93 -17.18
CA HIS F 215 -39.69 -5.22 -16.80
C HIS F 215 -40.48 -5.06 -15.51
N GLU F 216 -41.69 -5.58 -15.55
CA GLU F 216 -42.65 -5.40 -14.48
C GLU F 216 -42.68 -6.67 -13.66
N PHE F 217 -42.49 -6.51 -12.38
CA PHE F 217 -42.66 -7.58 -11.44
C PHE F 217 -43.82 -7.19 -10.57
N GLU F 218 -43.96 -7.90 -9.46
CA GLU F 218 -45.26 -7.93 -8.80
C GLU F 218 -45.47 -6.61 -8.08
N ALA F 219 -44.49 -6.20 -7.25
CA ALA F 219 -44.59 -4.98 -6.43
C ALA F 219 -44.09 -3.72 -7.13
N GLY F 220 -43.56 -3.84 -8.35
CA GLY F 220 -43.05 -2.66 -9.02
C GLY F 220 -42.44 -2.85 -10.38
N LYS F 221 -41.59 -1.89 -10.75
CA LYS F 221 -41.01 -1.80 -12.08
C LYS F 221 -39.50 -1.63 -12.01
N VAL F 222 -38.81 -2.08 -13.05
CA VAL F 222 -37.36 -1.96 -13.19
C VAL F 222 -37.00 -1.56 -14.61
N TRP F 223 -36.32 -0.43 -14.73
CA TRP F 223 -35.65 -0.04 -15.97
C TRP F 223 -34.19 -0.46 -15.85
N ILE F 224 -33.72 -1.30 -16.77
CA ILE F 224 -32.33 -1.75 -16.77
C ILE F 224 -31.62 -1.06 -17.93
N ILE F 225 -30.60 -0.26 -17.61
CA ILE F 225 -29.87 0.51 -18.61
C ILE F 225 -28.41 0.07 -18.53
N ASP F 226 -27.97 -0.76 -19.48
CA ASP F 226 -26.56 -1.11 -19.60
C ASP F 226 -26.12 -1.02 -21.06
N SER F 227 -24.92 -1.50 -21.38
CA SER F 227 -24.33 -1.26 -22.70
C SER F 227 -25.13 -1.88 -23.83
N LYS F 228 -25.92 -2.93 -23.55
CA LYS F 228 -26.76 -3.52 -24.58
C LYS F 228 -27.98 -2.66 -24.87
N VAL F 229 -28.23 -1.66 -24.02
CA VAL F 229 -29.31 -0.72 -24.20
C VAL F 229 -28.79 0.66 -24.57
N PHE F 230 -27.59 0.99 -24.12
CA PHE F 230 -27.07 2.36 -24.14
C PHE F 230 -25.60 2.25 -24.55
N PRO F 231 -25.35 2.05 -25.86
CA PRO F 231 -24.03 1.54 -26.28
C PRO F 231 -22.84 2.36 -25.81
N VAL F 232 -22.97 3.69 -25.65
CA VAL F 232 -21.83 4.49 -25.24
C VAL F 232 -21.44 4.20 -23.80
N ALA F 233 -22.36 3.64 -23.01
CA ALA F 233 -22.14 3.39 -21.59
C ALA F 233 -21.39 2.07 -21.42
N GLN F 234 -20.09 2.13 -21.67
CA GLN F 234 -19.22 0.96 -21.57
C GLN F 234 -18.56 0.84 -20.21
N THR F 235 -18.80 1.77 -19.30
CA THR F 235 -18.12 1.81 -18.01
C THR F 235 -19.06 1.74 -16.83
N ILE F 236 -20.22 2.39 -16.91
CA ILE F 236 -21.18 2.40 -15.82
C ILE F 236 -22.54 1.95 -16.36
N SER F 237 -23.24 1.13 -15.59
CA SER F 237 -24.59 0.69 -15.91
C SER F 237 -25.47 0.89 -14.68
N ALA F 238 -26.78 0.77 -14.87
CA ALA F 238 -27.68 1.07 -13.75
C ALA F 238 -29.01 0.36 -13.95
N ALA F 239 -29.77 0.32 -12.86
CA ALA F 239 -31.16 -0.12 -12.84
C ALA F 239 -31.94 0.86 -11.99
N ILE F 240 -32.97 1.46 -12.57
CA ILE F 240 -33.92 2.29 -11.84
C ILE F 240 -35.04 1.41 -11.34
N VAL F 241 -35.24 1.38 -10.02
CA VAL F 241 -36.20 0.51 -9.39
C VAL F 241 -37.28 1.35 -8.75
N GLU F 242 -38.54 1.01 -9.01
CA GLU F 242 -39.70 1.61 -8.37
C GLU F 242 -40.48 0.50 -7.70
N ILE F 243 -40.73 0.65 -6.40
CA ILE F 243 -41.35 -0.38 -5.57
C ILE F 243 -42.58 0.21 -4.90
N GLN F 244 -43.73 -0.41 -5.10
CA GLN F 244 -44.95 0.12 -4.51
C GLN F 244 -44.95 -0.11 -3.00
N PRO F 245 -45.73 0.66 -2.25
CA PRO F 245 -45.86 0.42 -0.80
C PRO F 245 -46.28 -1.01 -0.50
N GLY F 246 -45.69 -1.57 0.57
CA GLY F 246 -45.86 -2.96 0.93
C GLY F 246 -45.09 -3.94 0.09
N GLY F 247 -44.43 -3.46 -0.97
CA GLY F 247 -43.65 -4.31 -1.83
C GLY F 247 -42.19 -4.38 -1.43
N MET F 248 -41.44 -5.18 -2.19
CA MET F 248 -40.07 -5.48 -1.80
C MET F 248 -39.28 -5.94 -3.02
N ARG F 249 -38.03 -5.49 -3.09
CA ARG F 249 -37.05 -6.06 -4.01
C ARG F 249 -36.48 -7.32 -3.35
N GLU F 250 -36.76 -8.47 -3.97
CA GLU F 250 -36.53 -9.77 -3.35
C GLU F 250 -35.04 -10.02 -3.08
N LEU F 251 -34.78 -10.99 -2.21
CA LEU F 251 -33.43 -11.39 -1.88
C LEU F 251 -32.66 -11.77 -3.16
N HIS F 252 -31.48 -11.16 -3.33
CA HIS F 252 -30.71 -11.32 -4.55
C HIS F 252 -29.28 -10.88 -4.27
N TRP F 253 -28.40 -11.09 -5.25
CA TRP F 253 -27.07 -10.51 -5.20
C TRP F 253 -26.60 -10.27 -6.62
N HIS F 254 -25.55 -9.45 -6.75
CA HIS F 254 -24.96 -9.15 -8.05
C HIS F 254 -23.63 -9.87 -8.16
N PRO F 255 -23.47 -10.80 -9.10
CA PRO F 255 -22.29 -11.66 -9.10
C PRO F 255 -20.99 -10.98 -9.51
N LYS F 256 -21.04 -9.80 -10.13
CA LYS F 256 -19.85 -9.23 -10.75
C LYS F 256 -19.34 -7.94 -10.11
N SER F 257 -20.15 -7.24 -9.32
CA SER F 257 -19.70 -5.92 -8.90
C SER F 257 -20.37 -5.48 -7.61
N GLU F 258 -19.70 -4.54 -6.95
CA GLU F 258 -20.27 -3.73 -5.89
C GLU F 258 -21.47 -2.95 -6.41
N GLU F 259 -22.38 -2.60 -5.51
CA GLU F 259 -23.56 -1.81 -5.86
C GLU F 259 -23.52 -0.45 -5.17
N TRP F 260 -23.89 0.59 -5.91
CA TRP F 260 -23.92 1.95 -5.42
C TRP F 260 -25.32 2.49 -5.63
N ASP F 261 -25.97 2.93 -4.55
CA ASP F 261 -27.38 3.28 -4.61
C ASP F 261 -27.57 4.77 -4.33
N TYR F 262 -28.52 5.36 -5.05
CA TYR F 262 -29.03 6.69 -4.70
C TYR F 262 -30.53 6.61 -4.63
N PHE F 263 -31.11 7.06 -3.53
CA PHE F 263 -32.55 6.97 -3.31
C PHE F 263 -33.22 8.26 -3.80
N VAL F 264 -34.04 8.13 -4.84
CA VAL F 264 -34.74 9.25 -5.45
C VAL F 264 -35.92 9.69 -4.59
N GLN F 265 -36.70 8.73 -4.08
CA GLN F 265 -37.95 9.03 -3.38
C GLN F 265 -38.27 7.88 -2.41
N GLY F 266 -38.78 8.22 -1.22
CA GLY F 266 -39.31 7.20 -0.34
C GLY F 266 -38.47 6.83 0.87
N HIS F 267 -38.87 5.76 1.56
CA HIS F 267 -38.18 5.22 2.72
C HIS F 267 -38.04 3.72 2.51
N ALA F 268 -36.84 3.18 2.80
CA ALA F 268 -36.54 1.79 2.54
C ALA F 268 -35.84 1.17 3.75
N LYS F 269 -36.08 -0.13 3.93
CA LYS F 269 -35.28 -0.96 4.84
C LYS F 269 -34.45 -1.88 3.97
N VAL F 270 -33.12 -1.78 4.06
CA VAL F 270 -32.21 -2.56 3.24
C VAL F 270 -31.39 -3.45 4.15
N GLY F 271 -31.41 -4.74 3.88
CA GLY F 271 -30.64 -5.73 4.63
C GLY F 271 -29.52 -6.27 3.78
N VAL F 272 -28.31 -6.29 4.35
CA VAL F 272 -27.09 -6.71 3.65
C VAL F 272 -26.44 -7.84 4.42
N PHE F 273 -26.08 -8.91 3.72
CA PHE F 273 -25.37 -10.06 4.25
C PHE F 273 -24.09 -10.19 3.44
N ASN F 274 -22.97 -9.75 4.03
CA ASN F 274 -21.66 -10.20 3.59
C ASN F 274 -21.47 -11.63 4.06
N SER F 275 -20.28 -12.18 3.84
CA SER F 275 -20.05 -13.58 4.17
C SER F 275 -20.00 -13.78 5.68
N ALA F 276 -19.67 -14.99 6.10
CA ALA F 276 -19.15 -15.28 7.43
C ALA F 276 -20.01 -14.68 8.54
N SER F 277 -21.31 -14.95 8.46
CA SER F 277 -22.28 -14.53 9.46
C SER F 277 -22.31 -13.01 9.66
N LEU F 278 -21.87 -12.25 8.65
CA LEU F 278 -21.91 -10.80 8.73
C LEU F 278 -23.21 -10.30 8.11
N ALA F 279 -23.96 -9.52 8.89
CA ALA F 279 -25.23 -8.99 8.41
C ALA F 279 -25.50 -7.66 9.10
N ARG F 280 -25.99 -6.68 8.34
CA ARG F 280 -26.39 -5.40 8.90
C ARG F 280 -27.57 -4.87 8.12
N THR F 281 -28.44 -4.13 8.81
CA THR F 281 -29.64 -3.54 8.23
C THR F 281 -29.63 -2.04 8.44
N PHE F 282 -30.02 -1.29 7.40
CA PHE F 282 -30.08 0.16 7.45
C PHE F 282 -31.43 0.63 6.95
N ASN F 283 -31.83 1.81 7.43
CA ASN F 283 -32.97 2.52 6.87
C ASN F 283 -32.44 3.64 5.97
N PHE F 284 -32.94 3.69 4.74
CA PHE F 284 -32.55 4.69 3.75
C PHE F 284 -33.75 5.58 3.45
N GLN F 285 -33.47 6.81 3.05
CA GLN F 285 -34.55 7.74 2.71
C GLN F 285 -34.13 8.60 1.53
N ALA F 286 -34.96 9.61 1.24
CA ALA F 286 -35.00 10.34 -0.04
C ALA F 286 -33.68 10.96 -0.52
N GLY F 287 -32.69 11.17 0.34
CA GLY F 287 -31.48 11.79 -0.13
C GLY F 287 -30.25 10.94 0.01
N ASP F 288 -30.45 9.68 0.40
CA ASP F 288 -29.35 8.85 0.86
C ASP F 288 -28.65 8.14 -0.30
N VAL F 289 -27.33 8.00 -0.12
CA VAL F 289 -26.46 7.16 -0.94
C VAL F 289 -26.15 5.93 -0.11
N GLY F 290 -26.21 4.76 -0.75
CA GLY F 290 -25.89 3.51 -0.08
C GLY F 290 -24.85 2.73 -0.86
N VAL F 291 -24.26 1.75 -0.18
CA VAL F 291 -23.29 0.86 -0.79
C VAL F 291 -23.60 -0.56 -0.35
N ILE F 292 -23.63 -1.48 -1.33
CA ILE F 292 -23.70 -2.91 -1.08
C ILE F 292 -22.41 -3.54 -1.56
N PRO F 293 -21.66 -4.21 -0.70
CA PRO F 293 -20.41 -4.86 -1.14
C PRO F 293 -20.65 -5.85 -2.26
N ILE F 294 -19.55 -6.20 -2.94
CA ILE F 294 -19.59 -7.14 -4.05
C ILE F 294 -20.14 -8.47 -3.56
N VAL F 295 -20.91 -9.14 -4.44
CA VAL F 295 -21.60 -10.42 -4.27
C VAL F 295 -22.34 -10.54 -2.94
N ALA F 296 -22.48 -9.44 -2.19
CA ALA F 296 -23.22 -9.49 -0.94
C ALA F 296 -24.70 -9.70 -1.23
N GLY F 297 -25.35 -10.55 -0.41
CA GLY F 297 -26.79 -10.80 -0.58
C GLY F 297 -27.59 -9.74 0.15
N HIS F 298 -28.66 -9.25 -0.50
CA HIS F 298 -29.36 -8.13 0.09
C HIS F 298 -30.81 -8.09 -0.34
N TYR F 299 -31.61 -7.33 0.41
CA TYR F 299 -32.99 -7.03 0.05
C TYR F 299 -33.28 -5.55 0.32
N ILE F 300 -34.30 -5.03 -0.36
CA ILE F 300 -34.76 -3.65 -0.20
C ILE F 300 -36.29 -3.63 -0.10
N GLN F 301 -36.81 -3.35 1.10
CA GLN F 301 -38.25 -3.37 1.37
C GLN F 301 -38.78 -1.95 1.56
N ASN F 302 -39.92 -1.67 0.92
CA ASN F 302 -40.60 -0.40 1.11
C ASN F 302 -41.30 -0.35 2.46
N ILE F 303 -40.95 0.66 3.26
CA ILE F 303 -41.56 0.82 4.58
C ILE F 303 -42.20 2.19 4.67
N GLY F 304 -42.51 2.77 3.51
CA GLY F 304 -43.18 4.05 3.47
C GLY F 304 -44.52 3.92 2.78
N ASP F 305 -45.22 5.06 2.70
CA ASP F 305 -46.55 5.07 2.10
C ASP F 305 -46.57 5.48 0.63
N GLU F 306 -45.48 6.02 0.07
CA GLU F 306 -45.33 6.33 -1.34
C GLU F 306 -44.45 5.29 -2.03
N PRO F 307 -44.48 5.24 -3.36
CA PRO F 307 -43.54 4.38 -4.10
C PRO F 307 -42.09 4.75 -3.81
N LEU F 308 -41.27 3.72 -3.63
CA LEU F 308 -39.85 3.84 -3.37
C LEU F 308 -39.10 3.79 -4.71
N ILE F 309 -38.40 4.87 -5.05
CA ILE F 309 -37.66 4.97 -6.31
C ILE F 309 -36.19 5.11 -5.96
N PHE F 310 -35.35 4.29 -6.58
CA PHE F 310 -33.92 4.40 -6.33
C PHE F 310 -33.15 3.88 -7.54
N LEU F 311 -31.86 4.19 -7.56
CA LEU F 311 -30.95 3.72 -8.59
C LEU F 311 -29.93 2.78 -7.96
N GLU F 312 -29.86 1.55 -8.51
CA GLU F 312 -28.74 0.66 -8.32
C GLU F 312 -27.77 0.90 -9.48
N VAL F 313 -26.54 1.30 -9.17
CA VAL F 313 -25.57 1.67 -10.17
C VAL F 313 -24.33 0.81 -9.98
N PHE F 314 -23.67 0.46 -11.09
CA PHE F 314 -22.56 -0.49 -11.08
C PHE F 314 -21.48 -0.03 -12.05
N LYS F 315 -20.23 -0.25 -11.64
CA LYS F 315 -19.07 -0.06 -12.52
C LYS F 315 -18.88 -1.36 -13.30
N ASN F 316 -19.67 -1.52 -14.35
CA ASN F 316 -19.78 -2.76 -15.11
C ASN F 316 -20.64 -2.48 -16.33
N PRO F 317 -20.17 -2.79 -17.53
CA PRO F 317 -21.00 -2.51 -18.72
C PRO F 317 -22.24 -3.38 -18.83
N ILE F 318 -22.29 -4.53 -18.16
CA ILE F 318 -23.41 -5.46 -18.26
C ILE F 318 -24.08 -5.55 -16.91
N TYR F 319 -25.39 -5.34 -16.88
CA TYR F 319 -26.16 -5.59 -15.67
C TYR F 319 -26.39 -7.10 -15.51
N SER F 320 -26.28 -7.55 -14.27
CA SER F 320 -26.61 -8.93 -13.92
C SER F 320 -26.93 -9.01 -12.44
N ASP F 321 -27.86 -9.90 -12.09
CA ASP F 321 -28.11 -10.23 -10.71
C ASP F 321 -28.63 -11.66 -10.66
N ILE F 322 -28.69 -12.22 -9.45
CA ILE F 322 -29.13 -13.59 -9.25
C ILE F 322 -30.08 -13.56 -8.07
N SER F 323 -31.32 -14.01 -8.28
CA SER F 323 -32.33 -13.98 -7.24
C SER F 323 -32.39 -15.31 -6.53
N LEU F 324 -32.54 -15.26 -5.21
CA LEU F 324 -32.59 -16.46 -4.40
C LEU F 324 -33.74 -17.37 -4.82
N ASN F 325 -34.91 -16.79 -5.08
CA ASN F 325 -36.06 -17.58 -5.49
C ASN F 325 -35.78 -18.37 -6.76
N LYS F 326 -35.19 -17.74 -7.77
CA LYS F 326 -34.87 -18.46 -9.00
C LYS F 326 -33.87 -19.57 -8.75
N TRP F 327 -32.84 -19.27 -7.95
CA TRP F 327 -31.83 -20.26 -7.60
C TRP F 327 -32.45 -21.48 -6.95
N LEU F 328 -33.35 -21.27 -5.99
CA LEU F 328 -33.99 -22.41 -5.33
C LEU F 328 -34.93 -23.15 -6.26
N ALA F 329 -35.67 -22.41 -7.10
CA ALA F 329 -36.64 -23.04 -8.00
C ALA F 329 -35.94 -23.96 -9.00
N THR F 330 -34.73 -23.62 -9.42
CA THR F 330 -33.99 -24.43 -10.37
C THR F 330 -33.12 -25.51 -9.71
N SER F 331 -33.04 -25.53 -8.38
CA SER F 331 -32.26 -26.58 -7.73
C SER F 331 -33.14 -27.79 -7.42
N PRO F 332 -32.59 -29.01 -7.52
CA PRO F 332 -33.40 -30.20 -7.22
C PRO F 332 -34.08 -30.04 -5.86
N THR F 333 -35.37 -30.41 -5.81
CA THR F 333 -36.18 -30.08 -4.62
C THR F 333 -35.68 -30.78 -3.37
N GLN F 334 -35.24 -32.04 -3.50
CA GLN F 334 -34.69 -32.74 -2.35
C GLN F 334 -33.49 -32.02 -1.77
N MET F 335 -32.69 -31.39 -2.62
CA MET F 335 -31.54 -30.62 -2.15
C MET F 335 -31.99 -29.41 -1.34
N VAL F 336 -32.91 -28.61 -1.89
CA VAL F 336 -33.39 -27.42 -1.17
C VAL F 336 -34.05 -27.82 0.14
N SER F 337 -34.76 -28.95 0.15
CA SER F 337 -35.44 -29.41 1.35
C SER F 337 -34.44 -29.85 2.42
N ASP F 338 -33.45 -30.67 2.04
CA ASP F 338 -32.40 -31.05 2.96
C ASP F 338 -31.61 -29.84 3.45
N HIS F 339 -31.54 -28.79 2.64
CA HIS F 339 -30.84 -27.57 3.03
C HIS F 339 -31.62 -26.81 4.10
N LEU F 340 -32.91 -26.56 3.85
CA LEU F 340 -33.68 -25.65 4.68
C LEU F 340 -34.49 -26.36 5.76
N ASN F 341 -34.42 -27.70 5.86
CA ASN F 341 -35.23 -28.47 6.80
C ASN F 341 -36.71 -28.17 6.59
N ILE F 342 -37.08 -28.10 5.32
CA ILE F 342 -38.44 -27.86 4.93
C ILE F 342 -38.87 -29.00 4.02
N SER F 343 -40.18 -29.24 4.03
CA SER F 343 -40.87 -30.32 3.34
C SER F 343 -40.70 -30.16 1.84
N PRO F 344 -40.64 -31.23 1.04
CA PRO F 344 -40.56 -31.00 -0.43
C PRO F 344 -41.75 -30.24 -1.03
N GLU F 345 -42.96 -30.56 -0.60
CA GLU F 345 -44.18 -29.88 -1.01
C GLU F 345 -44.17 -28.40 -0.65
N THR F 346 -43.73 -28.04 0.54
CA THR F 346 -43.69 -26.62 0.86
C THR F 346 -42.64 -25.91 0.02
N VAL F 347 -41.52 -26.59 -0.31
CA VAL F 347 -40.48 -26.00 -1.18
C VAL F 347 -41.03 -25.74 -2.59
N GLU F 348 -41.78 -26.69 -3.14
CA GLU F 348 -42.34 -26.58 -4.48
C GLU F 348 -43.35 -25.47 -4.64
N GLN F 349 -43.75 -24.80 -3.56
CA GLN F 349 -44.70 -23.71 -3.63
C GLN F 349 -44.01 -22.36 -3.53
N PHE F 350 -42.68 -22.35 -3.53
CA PHE F 350 -41.91 -21.12 -3.53
C PHE F 350 -42.04 -20.42 -4.88
N PRO F 351 -41.88 -19.10 -4.91
CA PRO F 351 -41.99 -18.37 -6.18
C PRO F 351 -40.89 -18.75 -7.15
N LYS F 352 -41.20 -18.64 -8.44
CA LYS F 352 -40.29 -19.08 -9.49
C LYS F 352 -40.07 -17.99 -10.52
C FMT G . -16.47 -24.09 -3.18
O1 FMT G . -16.42 -22.86 -3.21
O2 FMT G . -16.34 -24.75 -2.15
MN MN H . -17.58 -23.17 -4.81
MN MN I . 5.35 -24.62 -16.97
C FMT J . 24.46 -12.52 9.46
O1 FMT J . 23.63 -11.71 9.04
O2 FMT J . 24.70 -13.60 8.91
MN MN K . 25.18 -10.57 10.73
MN MN L . 4.09 -17.01 24.61
C FMT M . 9.62 28.19 5.52
O1 FMT M . 8.76 27.34 5.77
O2 FMT M . 9.91 28.56 4.39
MN MN N . 8.50 27.00 8.05
MN MN O . 28.15 9.75 4.94
C FMT P . 16.62 -5.39 -23.98
O1 FMT P . 15.43 -5.19 -23.78
O2 FMT P . 17.47 -4.53 -23.77
MN MN Q . 14.16 -6.83 -24.82
MN MN R . 0.13 15.23 -26.27
C FMT S . -14.41 -3.02 25.41
O1 FMT S . -13.21 -2.79 25.29
O2 FMT S . -15.00 -3.83 24.71
MN MN T . -11.74 -3.05 26.67
MN MN U . -8.38 21.77 19.80
C FMT V . -19.33 17.94 -13.71
O1 FMT V . -20.06 18.30 -12.79
O2 FMT V . -18.52 17.02 -13.63
MN MN W . -18.27 16.42 -15.82
MN MN X . -29.26 -5.07 -5.65
#